data_5E4H
#
_entry.id   5E4H
#
_cell.length_a   83.298
_cell.length_b   103.469
_cell.length_c   167.811
_cell.angle_alpha   90.000
_cell.angle_beta   89.990
_cell.angle_gamma   90.000
#
_symmetry.space_group_name_H-M   'P 1 21 1'
#
loop_
_entity.id
_entity.type
_entity.pdbx_description
1 polymer 'Myosin-II heavy chain kinase A'
2 non-polymer 'ZINC ION'
3 water water
#
_entity_poly.entity_id   1
_entity_poly.type   'polypeptide(L)'
_entity_poly.pdbx_seq_one_letter_code
;MGGHHHHHHGENLYFQGISSETGEMGILWEFDPIINKWIRLSMKLKVERKPFAEGALREAYHTVSLGVGTDENYPLG
(TPO)TTKLFPPIEMISPISKNNEAMTQLKNGTKFVLKLYKKEAEQQASRELYFE(PHD)VKMQMVCRDWGNKFNQKKPP
KKIEFLMSWVVELIDRSPSSNGQPILCSIEPLLVGEFKKNNSNYGAVLTNRSTPQAFSHFTYELSNKQMIVVDIQGVDDL
YTDPQIHTPDGKGFGLGNLGKAGINKFITTHKCNAVCALLDLDVKLGGVLSGNNKKQLQQGTMVMPDILPELMPSDNT
;
_entity_poly.pdbx_strand_id   A,B,C,D,E,F,G,H
#
loop_
_chem_comp.id
_chem_comp.type
_chem_comp.name
_chem_comp.formula
ZN non-polymer 'ZINC ION' 'Zn 2'
#
# COMPACT_ATOMS: atom_id res chain seq x y z
N SER A 19 -24.15 -4.78 -19.31
CA SER A 19 -25.53 -5.36 -19.26
C SER A 19 -26.49 -4.68 -20.24
N SER A 20 -27.31 -5.50 -20.90
CA SER A 20 -28.10 -5.06 -22.04
C SER A 20 -29.27 -4.13 -21.67
N GLU A 21 -30.03 -4.53 -20.64
CA GLU A 21 -31.37 -3.95 -20.37
C GLU A 21 -31.41 -2.45 -20.03
N THR A 22 -32.62 -1.90 -20.16
CA THR A 22 -32.85 -0.45 -20.03
C THR A 22 -32.63 0.11 -18.64
N GLY A 23 -31.56 0.89 -18.52
CA GLY A 23 -31.18 1.48 -17.27
C GLY A 23 -30.49 2.81 -17.46
N GLU A 24 -30.03 3.38 -16.36
CA GLU A 24 -29.23 4.62 -16.37
C GLU A 24 -27.75 4.28 -16.38
N MET A 25 -27.00 5.11 -17.11
CA MET A 25 -25.53 5.04 -17.08
C MET A 25 -24.95 5.96 -16.01
N GLY A 26 -23.79 5.55 -15.51
CA GLY A 26 -23.12 6.27 -14.43
C GLY A 26 -21.62 6.03 -14.35
N ILE A 27 -20.89 7.06 -13.95
CA ILE A 27 -19.46 6.94 -13.70
C ILE A 27 -19.24 6.64 -12.24
N LEU A 28 -18.51 5.55 -12.01
CA LEU A 28 -18.34 4.99 -10.69
C LEU A 28 -16.94 5.17 -10.15
N TRP A 29 -16.85 5.87 -9.02
CA TRP A 29 -15.56 6.12 -8.35
C TRP A 29 -15.39 5.27 -7.10
N GLU A 30 -14.24 4.62 -7.03
CA GLU A 30 -13.85 3.77 -5.89
C GLU A 30 -12.50 4.19 -5.37
N PHE A 31 -12.39 4.28 -4.05
CA PHE A 31 -11.13 4.68 -3.41
C PHE A 31 -10.33 3.49 -2.90
N ASP A 32 -9.03 3.59 -3.06
CA ASP A 32 -8.07 2.58 -2.58
C ASP A 32 -7.18 3.20 -1.50
N PRO A 33 -7.43 2.84 -0.23
CA PRO A 33 -6.72 3.46 0.90
C PRO A 33 -5.30 2.93 1.08
N ILE A 34 -5.02 1.77 0.50
CA ILE A 34 -3.68 1.17 0.49
C ILE A 34 -2.71 2.04 -0.33
N ILE A 35 -3.09 2.28 -1.58
CA ILE A 35 -2.31 3.08 -2.54
C ILE A 35 -2.54 4.61 -2.39
N ASN A 36 -3.56 4.99 -1.65
CA ASN A 36 -4.01 6.38 -1.54
C ASN A 36 -4.35 6.99 -2.89
N LYS A 37 -5.12 6.25 -3.67
CA LYS A 37 -5.54 6.70 -4.99
C LYS A 37 -6.96 6.28 -5.37
N TRP A 38 -7.55 7.06 -6.26
CA TRP A 38 -8.92 6.83 -6.75
C TRP A 38 -8.93 5.97 -8.00
N ILE A 39 -9.81 4.99 -7.99
CA ILE A 39 -10.08 4.15 -9.16
C ILE A 39 -11.33 4.62 -9.88
N ARG A 40 -11.24 4.75 -11.20
CA ARG A 40 -12.36 5.28 -12.01
C ARG A 40 -12.97 4.19 -12.89
N LEU A 41 -14.28 4.14 -12.86
CA LEU A 41 -15.05 3.06 -13.49
C LEU A 41 -16.35 3.55 -14.09
N SER A 42 -16.99 2.65 -14.82
CA SER A 42 -18.36 2.86 -15.28
C SER A 42 -19.31 1.81 -14.75
N MET A 43 -20.58 2.17 -14.67
CA MET A 43 -21.64 1.23 -14.28
C MET A 43 -22.98 1.61 -14.88
N LYS A 44 -23.81 0.59 -15.07
CA LYS A 44 -25.20 0.76 -15.50
C LYS A 44 -26.11 0.39 -14.33
N LEU A 45 -27.11 1.22 -14.07
CA LEU A 45 -27.97 1.01 -12.92
C LEU A 45 -29.42 1.43 -13.11
N LYS A 46 -30.32 0.67 -12.47
CA LYS A 46 -31.77 0.96 -12.46
C LYS A 46 -32.22 1.41 -11.07
N VAL A 47 -32.68 2.64 -11.00
CA VAL A 47 -33.11 3.26 -9.75
C VAL A 47 -34.65 3.39 -9.65
N GLU A 48 -35.16 3.18 -8.45
CA GLU A 48 -36.59 3.32 -8.15
C GLU A 48 -36.98 4.78 -8.04
N ARG A 49 -38.14 5.09 -8.59
CA ARG A 49 -38.62 6.49 -8.65
C ARG A 49 -38.80 7.09 -7.26
N LYS A 50 -39.29 6.27 -6.35
CA LYS A 50 -39.59 6.70 -4.98
C LYS A 50 -38.57 6.23 -3.94
N PRO A 51 -38.19 7.15 -3.01
CA PRO A 51 -37.25 6.79 -1.95
C PRO A 51 -37.91 6.06 -0.80
N PHE A 52 -37.20 5.10 -0.23
CA PHE A 52 -37.70 4.31 0.90
C PHE A 52 -37.27 4.90 2.26
N ALA A 53 -36.57 6.02 2.21
CA ALA A 53 -36.08 6.69 3.42
C ALA A 53 -35.92 8.19 3.18
N GLU A 54 -36.01 8.97 4.25
CA GLU A 54 -35.89 10.44 4.18
C GLU A 54 -35.19 10.98 5.39
N GLY A 55 -34.56 12.14 5.22
CA GLY A 55 -34.06 12.94 6.34
C GLY A 55 -34.22 14.40 5.99
N ALA A 56 -33.79 15.28 6.89
CA ALA A 56 -33.64 16.70 6.56
C ALA A 56 -32.47 16.87 5.61
N LEU A 57 -31.49 15.97 5.74
CA LEU A 57 -30.24 16.03 4.99
C LEU A 57 -30.29 15.19 3.70
N ARG A 58 -30.78 13.94 3.79
CA ARG A 58 -30.71 13.02 2.65
C ARG A 58 -31.92 12.10 2.47
N GLU A 59 -32.00 11.57 1.25
CA GLU A 59 -32.99 10.57 0.85
C GLU A 59 -32.29 9.31 0.33
N ALA A 60 -32.88 8.16 0.60
CA ALA A 60 -32.30 6.88 0.14
C ALA A 60 -33.21 6.12 -0.82
N TYR A 61 -32.61 5.62 -1.90
CA TYR A 61 -33.34 4.95 -2.99
C TYR A 61 -32.87 3.53 -3.19
N HIS A 62 -33.82 2.62 -3.32
CA HIS A 62 -33.47 1.24 -3.69
C HIS A 62 -33.01 1.22 -5.13
N THR A 63 -32.03 0.38 -5.44
CA THR A 63 -31.54 0.31 -6.84
C THR A 63 -30.86 -1.03 -7.15
N VAL A 64 -30.92 -1.41 -8.42
CA VAL A 64 -30.27 -2.64 -8.92
C VAL A 64 -29.15 -2.35 -9.90
N SER A 65 -28.06 -3.11 -9.76
CA SER A 65 -26.93 -3.00 -10.68
C SER A 65 -27.18 -3.78 -11.93
N LEU A 66 -27.03 -3.09 -13.05
CA LEU A 66 -27.05 -3.73 -14.37
C LEU A 66 -25.65 -3.81 -14.94
N GLY A 67 -24.71 -4.12 -14.07
CA GLY A 67 -23.33 -4.35 -14.48
C GLY A 67 -22.33 -3.24 -14.18
N VAL A 68 -21.08 -3.65 -14.00
CA VAL A 68 -19.97 -2.72 -13.80
C VAL A 68 -18.92 -2.92 -14.89
N GLY A 69 -18.46 -1.83 -15.48
CA GLY A 69 -17.40 -1.82 -16.50
C GLY A 69 -16.27 -0.85 -16.24
N THR A 70 -15.33 -0.77 -17.20
CA THR A 70 -14.23 0.21 -17.14
C THR A 70 -14.63 1.57 -17.73
N ASP A 71 -13.82 2.60 -17.43
CA ASP A 71 -14.15 3.99 -17.78
C ASP A 71 -13.77 4.43 -19.18
N GLU A 72 -13.20 3.52 -19.97
CA GLU A 72 -12.57 3.88 -21.27
C GLU A 72 -13.49 4.67 -22.23
N ASN A 73 -14.75 4.26 -22.29
CA ASN A 73 -15.73 4.89 -23.19
C ASN A 73 -16.10 6.33 -22.82
N TYR A 74 -15.73 6.73 -21.61
CA TYR A 74 -16.08 8.03 -21.03
C TYR A 74 -14.85 8.75 -20.53
N PRO A 75 -13.96 9.13 -21.45
CA PRO A 75 -12.61 9.47 -21.03
C PRO A 75 -12.60 10.70 -20.14
N LEU A 76 -11.81 10.65 -19.09
CA LEU A 76 -11.79 11.71 -18.10
C LEU A 76 -11.31 13.06 -18.59
N GLY A 77 -10.38 13.08 -19.53
CA GLY A 77 -9.85 14.34 -20.04
C GLY A 77 -9.06 15.12 -18.99
N TPO A 78 -8.71 16.35 -19.36
CA TPO A 78 -7.99 17.28 -18.47
CB TPO A 78 -6.93 18.06 -19.24
CG2 TPO A 78 -5.54 17.82 -18.68
OG1 TPO A 78 -7.02 17.65 -20.61
P TPO A 78 -5.93 16.89 -21.49
O1P TPO A 78 -5.73 15.55 -20.83
O2P TPO A 78 -6.74 16.99 -22.73
O3P TPO A 78 -4.72 17.78 -21.52
C TPO A 78 -8.96 18.24 -17.85
O TPO A 78 -9.46 19.14 -18.51
N THR A 79 -9.18 18.06 -16.54
CA THR A 79 -10.14 18.85 -15.79
C THR A 79 -9.28 19.85 -15.04
N THR A 80 -9.83 21.02 -14.88
CA THR A 80 -9.14 22.12 -14.23
C THR A 80 -9.58 22.28 -12.79
N LYS A 81 -10.90 22.25 -12.58
CA LYS A 81 -11.51 22.61 -11.31
C LYS A 81 -12.24 21.50 -10.59
N LEU A 82 -12.24 20.29 -11.14
CA LEU A 82 -12.97 19.22 -10.53
C LEU A 82 -12.06 18.46 -9.66
N PHE A 83 -12.70 17.50 -9.03
CA PHE A 83 -12.03 16.61 -8.19
C PHE A 83 -12.40 15.22 -8.70
N PRO A 84 -11.48 14.27 -8.61
CA PRO A 84 -10.12 14.53 -8.16
C PRO A 84 -9.16 14.89 -9.28
N PRO A 85 -8.00 15.45 -8.92
CA PRO A 85 -6.92 15.66 -9.87
C PRO A 85 -6.35 14.33 -10.39
N ILE A 86 -5.62 14.42 -11.49
CA ILE A 86 -5.17 13.22 -12.22
C ILE A 86 -4.09 12.47 -11.46
N GLU A 87 -3.20 13.22 -10.82
CA GLU A 87 -2.17 12.62 -9.96
C GLU A 87 -2.78 11.76 -8.85
N MET A 88 -3.98 12.15 -8.42
CA MET A 88 -4.76 11.40 -7.40
C MET A 88 -5.44 10.14 -7.94
N ILE A 89 -5.44 10.00 -9.26
CA ILE A 89 -6.14 8.89 -9.93
C ILE A 89 -5.18 7.77 -10.30
N SER A 90 -5.68 6.55 -10.16
CA SER A 90 -4.96 5.37 -10.58
C SER A 90 -5.35 5.01 -12.00
N PRO A 91 -4.35 4.93 -12.92
CA PRO A 91 -4.60 4.55 -14.31
C PRO A 91 -4.99 3.08 -14.45
N ILE A 92 -4.43 2.25 -13.59
CA ILE A 92 -4.85 0.85 -13.52
C ILE A 92 -6.10 0.73 -12.64
N SER A 93 -7.01 -0.15 -13.07
CA SER A 93 -8.29 -0.38 -12.39
C SER A 93 -8.57 -1.85 -12.06
N LYS A 94 -7.68 -2.74 -12.50
CA LYS A 94 -7.89 -4.21 -12.49
C LYS A 94 -8.31 -4.78 -11.15
N ASN A 95 -7.68 -4.27 -10.11
CA ASN A 95 -8.00 -4.67 -8.74
C ASN A 95 -8.94 -3.70 -8.04
N ASN A 96 -10.15 -4.19 -7.79
CA ASN A 96 -11.21 -3.39 -7.17
C ASN A 96 -12.38 -4.25 -6.67
N GLU A 97 -13.18 -3.67 -5.78
CA GLU A 97 -14.30 -4.37 -5.15
C GLU A 97 -15.59 -4.29 -5.95
N ALA A 98 -15.73 -3.19 -6.66
CA ALA A 98 -16.99 -2.86 -7.35
C ALA A 98 -17.46 -3.93 -8.33
N MET A 99 -16.52 -4.48 -9.09
CA MET A 99 -16.81 -5.50 -10.13
C MET A 99 -17.64 -6.65 -9.54
N THR A 100 -17.17 -7.14 -8.39
CA THR A 100 -17.77 -8.27 -7.68
C THR A 100 -18.98 -7.86 -6.82
N GLN A 101 -18.80 -6.80 -6.03
CA GLN A 101 -19.83 -6.39 -5.04
C GLN A 101 -21.03 -5.72 -5.69
N LEU A 102 -20.79 -5.07 -6.83
CA LEU A 102 -21.87 -4.44 -7.61
C LEU A 102 -22.10 -5.17 -8.93
N LYS A 103 -21.75 -6.45 -8.92
CA LYS A 103 -21.94 -7.33 -10.07
C LYS A 103 -23.38 -7.29 -10.57
N ASN A 104 -23.56 -7.62 -11.84
CA ASN A 104 -24.88 -7.58 -12.45
C ASN A 104 -25.93 -8.30 -11.61
N GLY A 105 -27.07 -7.65 -11.44
CA GLY A 105 -28.22 -8.19 -10.66
C GLY A 105 -28.31 -7.72 -9.22
N THR A 106 -27.18 -7.27 -8.67
CA THR A 106 -27.07 -6.90 -7.26
C THR A 106 -28.00 -5.75 -6.83
N LYS A 107 -28.70 -5.97 -5.73
CA LYS A 107 -29.59 -4.98 -5.13
C LYS A 107 -28.73 -4.10 -4.19
N PHE A 108 -28.96 -2.78 -4.23
CA PHE A 108 -28.22 -1.83 -3.34
C PHE A 108 -28.92 -0.49 -3.09
N VAL A 109 -28.31 0.28 -2.21
CA VAL A 109 -28.83 1.59 -1.80
C VAL A 109 -28.10 2.73 -2.51
N LEU A 110 -28.88 3.71 -2.91
CA LEU A 110 -28.40 4.96 -3.51
C LEU A 110 -28.85 6.13 -2.65
N LYS A 111 -27.89 6.90 -2.18
CA LYS A 111 -28.15 8.06 -1.32
C LYS A 111 -27.99 9.37 -2.08
N LEU A 112 -28.84 10.33 -1.74
CA LEU A 112 -28.86 11.65 -2.36
C LEU A 112 -28.92 12.80 -1.34
N TYR A 113 -27.93 13.67 -1.38
CA TYR A 113 -27.85 14.81 -0.45
C TYR A 113 -28.53 16.05 -1.04
N LYS A 114 -29.30 16.79 -0.24
CA LYS A 114 -30.03 17.96 -0.77
C LYS A 114 -29.19 19.22 -0.68
N LYS A 115 -29.49 20.16 -1.57
CA LYS A 115 -28.76 21.41 -1.75
C LYS A 115 -27.26 21.23 -2.02
N ALA A 121 -23.47 18.63 -0.90
CA ALA A 121 -23.14 19.97 -0.45
C ALA A 121 -22.07 20.58 -1.35
N SER A 122 -20.86 20.01 -1.34
CA SER A 122 -19.90 20.24 -2.43
C SER A 122 -19.25 18.93 -2.93
N ARG A 123 -18.60 19.00 -4.08
CA ARG A 123 -18.01 17.81 -4.73
C ARG A 123 -16.93 17.18 -3.87
N GLU A 124 -15.98 18.01 -3.47
CA GLU A 124 -14.81 17.57 -2.66
C GLU A 124 -15.24 16.74 -1.46
N LEU A 125 -16.27 17.22 -0.78
CA LEU A 125 -16.78 16.60 0.46
C LEU A 125 -17.48 15.27 0.21
N TYR A 126 -18.21 15.17 -0.89
CA TYR A 126 -18.76 13.88 -1.34
C TYR A 126 -17.71 12.78 -1.41
N PHE A 127 -16.60 13.11 -2.05
CA PHE A 127 -15.45 12.19 -2.22
C PHE A 127 -14.78 11.89 -0.89
N GLU A 128 -14.73 12.89 -0.03
CA GLU A 128 -14.13 12.70 1.28
C GLU A 128 -14.88 11.68 2.12
N PHD A 129 -16.21 11.68 2.01
CA PHD A 129 -17.06 10.73 2.74
C PHD A 129 -16.63 9.34 2.40
O PHD A 129 -16.40 8.50 3.28
CB PHD A 129 -18.54 10.79 2.39
CG PHD A 129 -19.32 10.91 3.67
OD1 PHD A 129 -20.04 9.78 4.27
OD2 PHD A 129 -19.30 11.99 4.24
P PHD A 129 -20.85 9.89 5.69
OP1 PHD A 129 -21.21 8.46 6.00
OP2 PHD A 129 -22.01 10.81 5.36
OP3 PHD A 129 -19.91 10.43 6.74
N VAL A 130 -16.52 9.09 1.09
CA VAL A 130 -16.11 7.78 0.57
C VAL A 130 -14.68 7.44 0.95
N LYS A 131 -13.80 8.43 0.85
CA LYS A 131 -12.42 8.27 1.34
C LYS A 131 -12.44 7.81 2.79
N MET A 132 -13.16 8.56 3.60
CA MET A 132 -13.32 8.29 5.02
C MET A 132 -13.77 6.84 5.25
N GLN A 133 -14.81 6.46 4.52
CA GLN A 133 -15.40 5.14 4.66
C GLN A 133 -14.34 4.07 4.47
N MET A 134 -13.53 4.25 3.43
CA MET A 134 -12.49 3.28 3.07
C MET A 134 -11.39 3.20 4.12
N VAL A 135 -11.02 4.35 4.64
CA VAL A 135 -10.02 4.40 5.71
C VAL A 135 -10.50 3.63 6.93
N CYS A 136 -11.76 3.85 7.28
CA CYS A 136 -12.37 3.15 8.42
C CYS A 136 -12.39 1.65 8.16
N ARG A 137 -12.87 1.29 6.97
CA ARG A 137 -12.89 -0.10 6.52
C ARG A 137 -11.53 -0.75 6.69
N ASP A 138 -10.49 0.00 6.35
CA ASP A 138 -9.12 -0.48 6.46
C ASP A 138 -8.74 -0.78 7.90
N TRP A 139 -8.93 0.21 8.76
CA TRP A 139 -8.72 0.03 10.20
C TRP A 139 -9.57 -1.10 10.76
N GLY A 140 -10.72 -1.29 10.15
CA GLY A 140 -11.58 -2.44 10.44
C GLY A 140 -10.84 -3.74 10.30
N ASN A 141 -10.14 -3.87 9.17
CA ASN A 141 -9.30 -5.05 8.92
C ASN A 141 -8.08 -5.14 9.83
N LYS A 142 -7.47 -3.99 10.13
CA LYS A 142 -6.35 -3.92 11.10
C LYS A 142 -6.77 -4.42 12.49
N PHE A 143 -7.98 -4.06 12.89
CA PHE A 143 -8.59 -4.51 14.16
C PHE A 143 -8.79 -6.03 14.19
N ASN A 144 -9.31 -6.55 13.10
CA ASN A 144 -9.58 -7.99 12.94
C ASN A 144 -8.34 -8.87 12.89
N GLN A 145 -7.24 -8.26 12.42
CA GLN A 145 -5.93 -8.91 12.37
C GLN A 145 -5.49 -9.36 13.77
N LYS A 146 -5.81 -8.54 14.78
CA LYS A 146 -5.54 -8.85 16.20
C LYS A 146 -6.48 -9.91 16.80
N LYS A 147 -7.22 -10.59 15.94
CA LYS A 147 -8.07 -11.74 16.33
C LYS A 147 -8.92 -11.54 17.60
N PRO A 148 -9.85 -10.57 17.56
CA PRO A 148 -10.77 -10.30 18.66
C PRO A 148 -11.95 -11.26 18.65
N PRO A 149 -12.71 -11.31 19.75
CA PRO A 149 -13.83 -12.26 19.89
C PRO A 149 -14.88 -12.03 18.82
N LYS A 150 -15.17 -10.77 18.59
CA LYS A 150 -16.06 -10.35 17.52
C LYS A 150 -15.31 -9.53 16.49
N LYS A 151 -15.34 -10.04 15.26
CA LYS A 151 -14.75 -9.37 14.11
C LYS A 151 -15.68 -8.30 13.53
N ILE A 152 -15.07 -7.41 12.77
CA ILE A 152 -15.70 -6.16 12.31
C ILE A 152 -15.61 -5.98 10.80
N GLU A 153 -16.65 -5.37 10.24
CA GLU A 153 -16.60 -4.98 8.83
C GLU A 153 -17.32 -3.66 8.57
N PHE A 154 -16.62 -2.75 7.91
CA PHE A 154 -17.27 -1.54 7.37
C PHE A 154 -17.72 -1.76 5.94
N LEU A 155 -18.89 -1.24 5.64
CA LEU A 155 -19.42 -1.34 4.29
C LEU A 155 -18.58 -0.56 3.30
N MET A 156 -18.42 -1.18 2.14
CA MET A 156 -17.94 -0.49 0.96
C MET A 156 -18.89 0.67 0.66
N SER A 157 -18.33 1.79 0.25
CA SER A 157 -19.11 2.86 -0.34
C SER A 157 -18.44 3.40 -1.60
N TRP A 158 -19.22 4.08 -2.40
CA TRP A 158 -18.76 4.63 -3.67
C TRP A 158 -19.43 5.96 -4.04
N VAL A 159 -18.67 6.80 -4.75
CA VAL A 159 -19.25 7.98 -5.42
C VAL A 159 -19.71 7.59 -6.81
N VAL A 160 -20.85 8.12 -7.22
CA VAL A 160 -21.36 7.91 -8.58
C VAL A 160 -21.83 9.20 -9.23
N GLU A 161 -21.38 9.38 -10.46
CA GLU A 161 -21.78 10.49 -11.33
C GLU A 161 -22.90 10.03 -12.24
N LEU A 162 -24.07 10.62 -12.09
CA LEU A 162 -25.24 10.28 -12.93
C LEU A 162 -25.21 11.09 -14.22
N ILE A 163 -24.63 10.50 -15.26
CA ILE A 163 -24.33 11.24 -16.49
C ILE A 163 -25.57 11.44 -17.35
N ASP A 164 -26.38 10.39 -17.44
CA ASP A 164 -27.60 10.41 -18.28
C ASP A 164 -28.63 11.42 -17.79
N ARG A 165 -28.47 11.88 -16.57
CA ARG A 165 -29.29 12.96 -16.01
C ARG A 165 -28.72 14.33 -16.34
N SER A 166 -29.61 15.27 -16.62
CA SER A 166 -29.22 16.66 -16.91
C SER A 166 -28.57 17.27 -15.67
N PRO A 167 -27.49 18.03 -15.86
CA PRO A 167 -26.71 18.46 -14.70
C PRO A 167 -27.41 19.41 -13.77
N SER A 168 -26.77 19.65 -12.65
CA SER A 168 -27.31 20.51 -11.59
C SER A 168 -27.53 21.95 -12.07
N SER A 169 -28.05 22.78 -11.17
CA SER A 169 -28.26 24.21 -11.44
C SER A 169 -26.96 24.88 -11.91
N ASN A 170 -25.86 24.55 -11.24
CA ASN A 170 -24.49 24.83 -11.72
C ASN A 170 -24.06 23.85 -12.82
N GLY A 171 -22.90 24.09 -13.44
CA GLY A 171 -22.41 23.23 -14.54
C GLY A 171 -22.22 21.77 -14.15
N GLN A 172 -22.07 21.54 -12.85
CA GLN A 172 -21.65 20.23 -12.27
C GLN A 172 -22.66 19.12 -12.49
N PRO A 173 -22.21 17.91 -12.89
CA PRO A 173 -23.19 16.84 -13.05
C PRO A 173 -23.73 16.40 -11.73
N ILE A 174 -24.73 15.56 -11.79
CA ILE A 174 -25.40 15.12 -10.58
C ILE A 174 -24.61 14.03 -9.86
N LEU A 175 -24.28 14.32 -8.62
CA LEU A 175 -23.53 13.39 -7.76
C LEU A 175 -24.42 12.70 -6.74
N CYS A 176 -24.09 11.46 -6.48
CA CYS A 176 -24.78 10.65 -5.49
C CYS A 176 -23.83 9.62 -4.89
N SER A 177 -24.05 9.28 -3.64
CA SER A 177 -23.26 8.22 -2.99
C SER A 177 -24.02 6.90 -2.98
N ILE A 178 -23.26 5.81 -2.98
CA ILE A 178 -23.80 4.41 -3.00
C ILE A 178 -23.13 3.41 -2.11
N GLU A 179 -23.96 2.59 -1.45
CA GLU A 179 -23.46 1.47 -0.64
C GLU A 179 -24.33 0.24 -0.77
N PRO A 180 -23.80 -0.93 -0.36
CA PRO A 180 -24.60 -2.14 -0.37
C PRO A 180 -25.80 -2.06 0.57
N LEU A 181 -26.80 -2.91 0.32
CA LEU A 181 -27.96 -3.01 1.22
C LEU A 181 -27.48 -3.43 2.55
N LEU A 182 -28.06 -2.80 3.56
CA LEU A 182 -27.80 -3.13 4.95
C LEU A 182 -29.08 -3.61 5.63
N VAL A 183 -29.24 -4.93 5.68
CA VAL A 183 -30.48 -5.51 6.19
C VAL A 183 -30.44 -5.82 7.69
N GLY A 184 -31.49 -5.39 8.38
CA GLY A 184 -31.65 -5.71 9.81
C GLY A 184 -31.91 -4.53 10.73
N GLU A 185 -31.79 -4.78 12.03
CA GLU A 185 -32.03 -3.75 13.04
C GLU A 185 -30.81 -2.83 13.23
N PHE A 186 -30.95 -1.60 12.73
CA PHE A 186 -29.87 -0.63 12.79
C PHE A 186 -29.68 -0.09 14.19
N LYS A 187 -28.44 -0.10 14.65
CA LYS A 187 -28.12 0.41 16.00
C LYS A 187 -26.91 1.32 16.04
N LYS A 188 -27.07 2.47 16.70
CA LYS A 188 -25.95 3.38 17.00
C LYS A 188 -25.31 2.97 18.30
N ASN A 189 -24.00 2.74 18.27
CA ASN A 189 -23.23 2.28 19.45
C ASN A 189 -22.48 3.40 20.16
N ASN A 190 -21.81 4.23 19.38
CA ASN A 190 -21.38 5.55 19.87
C ASN A 190 -21.65 6.64 18.86
N SER A 191 -21.48 7.88 19.29
CA SER A 191 -21.69 9.04 18.44
C SER A 191 -20.39 9.74 18.08
N ASN A 192 -20.51 10.74 17.21
CA ASN A 192 -19.37 11.56 16.82
C ASN A 192 -18.96 12.58 17.88
N TYR A 193 -19.79 12.76 18.89
CA TYR A 193 -19.47 13.71 19.99
C TYR A 193 -19.52 13.08 21.40
N GLY A 194 -19.08 11.83 21.48
CA GLY A 194 -18.79 11.20 22.79
C GLY A 194 -19.90 10.44 23.49
N ALA A 195 -21.05 10.34 22.84
CA ALA A 195 -22.13 9.52 23.36
C ALA A 195 -21.75 8.04 23.37
N VAL A 196 -22.27 7.35 24.36
CA VAL A 196 -22.20 5.88 24.42
C VAL A 196 -23.62 5.34 24.52
N LEU A 197 -24.04 4.61 23.49
CA LEU A 197 -25.45 4.28 23.26
C LEU A 197 -25.83 2.81 23.35
N THR A 198 -24.84 1.94 23.47
CA THR A 198 -25.10 0.52 23.74
C THR A 198 -24.10 -0.02 24.74
N ASN A 199 -24.56 -1.01 25.48
CA ASN A 199 -23.72 -1.68 26.48
C ASN A 199 -22.64 -2.53 25.80
N ARG A 200 -22.80 -2.75 24.50
CA ARG A 200 -21.83 -3.51 23.70
C ARG A 200 -20.45 -2.91 23.87
N SER A 201 -19.47 -3.80 23.98
CA SER A 201 -18.10 -3.41 24.27
C SER A 201 -17.20 -3.36 23.04
N THR A 202 -17.48 -4.21 22.05
CA THR A 202 -16.67 -4.24 20.79
C THR A 202 -16.52 -2.88 20.09
N PRO A 203 -17.63 -2.20 19.77
CA PRO A 203 -17.52 -0.91 19.08
C PRO A 203 -16.64 0.09 19.82
N GLN A 204 -16.77 0.09 21.14
CA GLN A 204 -16.03 1.01 21.98
C GLN A 204 -14.53 0.70 21.92
N ALA A 205 -14.22 -0.57 22.04
CA ALA A 205 -12.84 -1.06 21.93
C ALA A 205 -12.25 -0.67 20.58
N PHE A 206 -13.03 -0.89 19.52
CA PHE A 206 -12.55 -0.57 18.17
C PHE A 206 -12.15 0.89 18.03
N SER A 207 -12.99 1.81 18.50
CA SER A 207 -12.67 3.26 18.40
C SER A 207 -11.40 3.52 19.19
N HIS A 208 -11.37 3.01 20.42
CA HIS A 208 -10.18 3.15 21.28
C HIS A 208 -8.93 2.65 20.56
N PHE A 209 -9.05 1.43 20.04
CA PHE A 209 -7.99 0.80 19.24
C PHE A 209 -7.45 1.74 18.19
N THR A 210 -8.35 2.33 17.41
CA THR A 210 -7.94 3.26 16.33
C THR A 210 -7.19 4.47 16.84
N TYR A 211 -7.56 4.94 18.03
CA TYR A 211 -6.92 6.12 18.64
C TYR A 211 -5.47 5.83 18.99
N GLU A 212 -5.30 4.75 19.72
CA GLU A 212 -3.99 4.36 20.22
C GLU A 212 -3.03 3.97 19.09
N LEU A 213 -3.45 3.01 18.28
CA LEU A 213 -2.56 2.50 17.21
C LEU A 213 -2.32 3.46 16.08
N SER A 214 -3.08 4.53 16.03
CA SER A 214 -2.82 5.61 15.05
C SER A 214 -1.85 6.65 15.62
N ASN A 215 -1.27 6.31 16.78
CA ASN A 215 -0.42 7.23 17.58
C ASN A 215 -1.13 8.55 17.88
N LYS A 216 -2.36 8.40 18.37
CA LYS A 216 -3.24 9.52 18.75
C LYS A 216 -3.46 10.56 17.62
N GLN A 217 -3.31 10.12 16.39
CA GLN A 217 -3.46 10.97 15.18
C GLN A 217 -4.89 11.00 14.62
N MET A 218 -5.63 9.93 14.89
CA MET A 218 -7.04 9.82 14.50
C MET A 218 -7.86 8.89 15.39
N ILE A 219 -9.17 9.14 15.45
CA ILE A 219 -10.14 8.15 15.95
C ILE A 219 -11.24 7.87 14.94
N VAL A 220 -11.66 6.62 14.89
CA VAL A 220 -12.90 6.25 14.23
C VAL A 220 -14.02 6.12 15.23
N VAL A 221 -14.93 7.09 15.19
CA VAL A 221 -16.11 7.10 16.05
C VAL A 221 -17.38 7.04 15.22
N ASP A 222 -18.49 7.30 15.89
CA ASP A 222 -19.83 7.26 15.28
C ASP A 222 -20.03 5.86 14.69
N ILE A 223 -19.77 4.88 15.53
CA ILE A 223 -19.83 3.50 15.11
C ILE A 223 -21.24 3.00 15.20
N GLN A 224 -21.77 2.64 14.06
CA GLN A 224 -23.16 2.28 13.93
C GLN A 224 -23.38 1.29 12.81
N GLY A 225 -24.55 0.65 12.86
CA GLY A 225 -24.94 -0.33 11.85
C GLY A 225 -25.64 -1.54 12.44
N VAL A 226 -25.84 -2.53 11.57
CA VAL A 226 -26.49 -3.79 11.96
C VAL A 226 -25.46 -4.78 12.46
N ASP A 227 -25.58 -5.11 13.75
CA ASP A 227 -24.60 -5.93 14.47
C ASP A 227 -23.20 -5.34 14.30
N ASP A 228 -22.27 -6.12 13.73
CA ASP A 228 -20.89 -5.68 13.48
C ASP A 228 -20.60 -5.37 12.01
N LEU A 229 -21.67 -5.22 11.24
CA LEU A 229 -21.58 -4.67 9.90
C LEU A 229 -21.86 -3.17 10.00
N TYR A 230 -20.81 -2.39 9.85
CA TYR A 230 -20.89 -0.96 10.13
C TYR A 230 -20.89 -0.07 8.90
N THR A 231 -21.54 1.08 9.06
CA THR A 231 -21.50 2.12 8.05
C THR A 231 -21.61 3.49 8.70
N ASP A 232 -21.57 4.52 7.86
CA ASP A 232 -21.75 5.93 8.29
C ASP A 232 -20.80 6.41 9.39
N PRO A 233 -19.58 5.93 9.38
CA PRO A 233 -18.72 6.36 10.46
C PRO A 233 -18.22 7.79 10.30
N GLN A 234 -17.55 8.24 11.35
CA GLN A 234 -16.93 9.54 11.38
C GLN A 234 -15.55 9.46 12.00
N ILE A 235 -14.60 10.13 11.36
CA ILE A 235 -13.24 10.25 11.88
C ILE A 235 -12.97 11.63 12.48
N HIS A 236 -12.36 11.63 13.64
CA HIS A 236 -11.79 12.83 14.24
C HIS A 236 -10.26 12.80 14.09
N THR A 237 -9.68 13.99 13.90
CA THR A 237 -8.22 14.19 13.93
C THR A 237 -7.89 15.44 14.74
N PRO A 238 -6.76 15.43 15.49
CA PRO A 238 -6.44 16.53 16.41
C PRO A 238 -6.46 17.91 15.75
N ASP A 239 -5.81 18.02 14.60
CA ASP A 239 -5.72 19.29 13.86
C ASP A 239 -7.07 19.72 13.27
N GLY A 240 -7.98 18.77 13.18
CA GLY A 240 -9.36 19.02 12.76
C GLY A 240 -9.54 19.05 11.24
N LYS A 241 -8.42 18.88 10.55
CA LYS A 241 -8.40 18.98 9.11
C LYS A 241 -8.76 17.65 8.49
N GLY A 242 -9.52 17.74 7.40
CA GLY A 242 -9.93 16.58 6.62
C GLY A 242 -11.17 15.89 7.16
N PHE A 243 -11.62 14.91 6.39
CA PHE A 243 -12.72 13.99 6.80
C PHE A 243 -14.05 14.68 7.02
N GLY A 244 -14.28 15.74 6.27
CA GLY A 244 -15.56 16.43 6.25
C GLY A 244 -15.91 17.27 7.46
N LEU A 245 -17.10 17.87 7.39
CA LEU A 245 -17.62 18.83 8.38
C LEU A 245 -17.99 18.17 9.71
N GLY A 246 -18.01 16.84 9.70
CA GLY A 246 -18.30 16.03 10.89
C GLY A 246 -17.08 15.77 11.74
N ASN A 247 -15.92 16.22 11.26
CA ASN A 247 -14.65 16.13 12.01
C ASN A 247 -14.57 17.23 13.05
N LEU A 248 -14.86 16.87 14.30
CA LEU A 248 -14.87 17.82 15.43
C LEU A 248 -13.54 17.95 16.17
N GLY A 249 -12.50 17.46 15.56
CA GLY A 249 -11.13 17.71 16.01
C GLY A 249 -10.88 17.33 17.46
N LYS A 250 -10.02 18.10 18.13
CA LYS A 250 -9.57 17.74 19.47
C LYS A 250 -10.75 17.62 20.41
N ALA A 251 -11.73 18.47 20.19
CA ALA A 251 -12.97 18.47 20.97
C ALA A 251 -13.66 17.10 20.95
N GLY A 252 -13.89 16.62 19.74
CA GLY A 252 -14.51 15.31 19.51
C GLY A 252 -13.73 14.14 20.10
N ILE A 253 -12.42 14.23 19.99
CA ILE A 253 -11.52 13.23 20.56
C ILE A 253 -11.63 13.22 22.07
N ASN A 254 -11.68 14.41 22.65
CA ASN A 254 -11.82 14.54 24.11
C ASN A 254 -13.10 13.90 24.58
N LYS A 255 -14.20 14.29 23.94
CA LYS A 255 -15.54 13.79 24.28
C LYS A 255 -15.59 12.26 24.34
N PHE A 256 -14.90 11.61 23.41
CA PHE A 256 -14.83 10.15 23.42
C PHE A 256 -14.08 9.64 24.61
N ILE A 257 -12.98 10.32 24.91
CA ILE A 257 -12.06 9.88 25.97
C ILE A 257 -12.64 10.04 27.36
N THR A 258 -13.23 11.20 27.60
CA THR A 258 -13.89 11.54 28.88
C THR A 258 -15.02 10.59 29.23
N THR A 259 -15.68 10.01 28.22
CA THR A 259 -16.78 9.04 28.48
C THR A 259 -16.32 7.59 28.38
N HIS A 260 -15.09 7.37 27.90
CA HIS A 260 -14.60 6.01 27.63
C HIS A 260 -14.16 5.17 28.83
N LYS A 261 -14.80 4.02 28.94
CA LYS A 261 -14.47 3.02 29.95
C LYS A 261 -13.97 1.78 29.27
N CYS A 262 -12.72 1.42 29.55
CA CYS A 262 -12.12 0.25 28.91
C CYS A 262 -12.81 -1.02 29.37
N ASN A 263 -12.84 -1.98 28.45
CA ASN A 263 -13.52 -3.26 28.67
C ASN A 263 -12.65 -4.47 28.33
N ALA A 264 -13.25 -5.65 28.44
CA ALA A 264 -12.59 -6.92 28.18
C ALA A 264 -11.80 -6.93 26.89
N VAL A 265 -12.43 -6.39 25.85
CA VAL A 265 -11.87 -6.39 24.49
C VAL A 265 -10.77 -5.33 24.39
N CYS A 266 -10.94 -4.21 25.08
CA CYS A 266 -9.81 -3.24 25.20
C CYS A 266 -8.58 -3.99 25.75
N ALA A 267 -8.82 -4.70 26.84
CA ALA A 267 -7.79 -5.48 27.55
C ALA A 267 -7.13 -6.56 26.67
N LEU A 268 -7.95 -7.41 26.05
CA LEU A 268 -7.47 -8.48 25.12
C LEU A 268 -6.48 -7.95 24.11
N LEU A 269 -6.82 -6.79 23.56
CA LEU A 269 -5.88 -6.07 22.70
C LEU A 269 -5.07 -5.35 23.76
N ASP A 270 -3.76 -5.28 23.60
CA ASP A 270 -3.00 -4.78 24.75
C ASP A 270 -3.21 -3.26 24.92
N LEU A 271 -4.45 -2.80 25.08
CA LEU A 271 -4.73 -1.35 25.03
C LEU A 271 -4.49 -0.65 26.35
N ASP A 272 -3.58 0.30 26.30
CA ASP A 272 -3.26 1.18 27.42
C ASP A 272 -4.52 1.87 27.95
N VAL A 273 -4.77 1.73 29.25
CA VAL A 273 -5.97 2.27 29.91
C VAL A 273 -6.00 3.78 29.96
N LYS A 274 -4.82 4.36 29.82
CA LYS A 274 -4.70 5.79 29.74
C LYS A 274 -4.74 6.20 28.28
N LEU A 275 -5.40 7.31 28.02
CA LEU A 275 -5.58 7.84 26.68
C LEU A 275 -4.92 9.21 26.65
N SER B 20 35.72 1.98 -21.78
CA SER B 20 36.76 1.06 -22.36
C SER B 20 36.30 0.39 -23.67
N GLU B 21 35.08 -0.13 -23.67
CA GLU B 21 34.58 -1.03 -24.72
C GLU B 21 34.66 -0.49 -26.16
N THR B 22 34.80 -1.40 -27.14
CA THR B 22 34.93 -1.03 -28.56
C THR B 22 33.67 -0.42 -29.18
N GLY B 23 33.78 0.86 -29.47
CA GLY B 23 32.69 1.64 -29.99
C GLY B 23 33.22 2.74 -30.89
N GLU B 24 32.31 3.58 -31.32
CA GLU B 24 32.63 4.72 -32.17
C GLU B 24 32.77 6.00 -31.34
N MET B 25 33.73 6.84 -31.71
CA MET B 25 33.92 8.14 -31.06
C MET B 25 33.14 9.25 -31.76
N GLY B 26 32.76 10.24 -30.96
CA GLY B 26 31.94 11.34 -31.44
C GLY B 26 32.04 12.61 -30.61
N ILE B 27 31.95 13.74 -31.29
CA ILE B 27 31.91 15.05 -30.62
C ILE B 27 30.48 15.47 -30.38
N LEU B 28 30.19 15.75 -29.12
CA LEU B 28 28.82 15.96 -28.65
C LEU B 28 28.56 17.40 -28.31
N TRP B 29 27.60 17.98 -29.01
CA TRP B 29 27.18 19.37 -28.78
C TRP B 29 25.84 19.48 -28.06
N GLU B 30 25.85 20.28 -26.99
CA GLU B 30 24.66 20.55 -26.19
C GLU B 30 24.43 22.04 -26.06
N PHE B 31 23.19 22.47 -26.21
CA PHE B 31 22.84 23.90 -26.14
C PHE B 31 22.28 24.29 -24.78
N ASP B 32 22.66 25.48 -24.34
CA ASP B 32 22.17 26.07 -23.08
C ASP B 32 21.37 27.34 -23.38
N PRO B 33 20.03 27.27 -23.28
CA PRO B 33 19.15 28.37 -23.68
C PRO B 33 19.12 29.49 -22.65
N ILE B 34 19.51 29.17 -21.43
CA ILE B 34 19.64 30.15 -20.35
C ILE B 34 20.72 31.19 -20.66
N ILE B 35 21.94 30.68 -20.90
CA ILE B 35 23.12 31.53 -21.21
C ILE B 35 23.28 31.83 -22.72
N ASN B 36 22.44 31.21 -23.54
CA ASN B 36 22.51 31.36 -25.01
C ASN B 36 23.88 31.00 -25.57
N LYS B 37 24.38 29.86 -25.13
CA LYS B 37 25.69 29.36 -25.59
C LYS B 37 25.74 27.84 -25.73
N TRP B 38 26.64 27.39 -26.59
CA TRP B 38 26.83 25.97 -26.89
C TRP B 38 27.89 25.35 -25.99
N ILE B 39 27.56 24.19 -25.45
CA ILE B 39 28.51 23.38 -24.67
C ILE B 39 29.10 22.28 -25.55
N ARG B 40 30.42 22.14 -25.51
CA ARG B 40 31.11 21.15 -26.34
C ARG B 40 31.69 20.00 -25.52
N LEU B 41 31.43 18.81 -26.03
CA LEU B 41 31.73 17.57 -25.29
C LEU B 41 32.18 16.46 -26.22
N SER B 42 32.64 15.39 -25.59
CA SER B 42 32.93 14.14 -26.31
C SER B 42 32.08 13.00 -25.78
N MET B 43 31.86 12.02 -26.64
CA MET B 43 31.18 10.79 -26.24
C MET B 43 31.61 9.59 -27.09
N LYS B 44 31.52 8.41 -26.46
CA LYS B 44 31.77 7.11 -27.14
C LYS B 44 30.43 6.43 -27.27
N LEU B 45 30.15 5.91 -28.46
CA LEU B 45 28.86 5.29 -28.73
C LEU B 45 28.92 4.08 -29.66
N LYS B 46 28.03 3.12 -29.38
CA LYS B 46 27.85 1.94 -30.24
C LYS B 46 26.51 2.02 -30.98
N VAL B 47 26.59 2.09 -32.30
CA VAL B 47 25.40 2.17 -33.17
C VAL B 47 25.09 0.84 -33.86
N GLU B 48 23.81 0.52 -33.96
CA GLU B 48 23.37 -0.66 -34.72
C GLU B 48 23.42 -0.43 -36.22
N ARG B 49 23.83 -1.47 -36.93
CA ARG B 49 23.96 -1.42 -38.39
C ARG B 49 22.67 -1.05 -39.08
N LYS B 50 21.59 -1.64 -38.60
CA LYS B 50 20.26 -1.49 -39.21
C LYS B 50 19.36 -0.51 -38.44
N PRO B 51 18.66 0.37 -39.18
CA PRO B 51 17.72 1.29 -38.57
C PRO B 51 16.38 0.62 -38.23
N PHE B 52 15.80 1.03 -37.11
CA PHE B 52 14.48 0.52 -36.67
C PHE B 52 13.33 1.42 -37.14
N ALA B 53 13.65 2.47 -37.89
CA ALA B 53 12.63 3.38 -38.40
C ALA B 53 13.10 4.07 -39.68
N GLU B 54 12.13 4.53 -40.47
CA GLU B 54 12.40 5.29 -41.70
C GLU B 54 11.32 6.44 -41.80
N LEU B 57 13.24 10.58 -45.89
CA LEU B 57 13.44 11.86 -45.17
C LEU B 57 14.34 11.72 -43.93
N ARG B 58 14.06 10.72 -43.13
CA ARG B 58 14.98 10.39 -42.02
C ARG B 58 14.95 8.96 -41.62
N GLU B 59 16.07 8.48 -41.10
CA GLU B 59 16.19 7.12 -40.55
C GLU B 59 16.63 7.17 -39.11
N ALA B 60 16.11 6.28 -38.29
CA ALA B 60 16.45 6.24 -36.87
C ALA B 60 17.13 4.95 -36.48
N TYR B 61 18.21 5.09 -35.71
CA TYR B 61 19.06 3.96 -35.31
C TYR B 61 19.10 3.82 -33.81
N HIS B 62 18.93 2.60 -33.32
CA HIS B 62 19.10 2.34 -31.90
C HIS B 62 20.59 2.47 -31.60
N THR B 63 20.88 3.01 -30.43
CA THR B 63 22.26 3.29 -30.04
C THR B 63 22.44 3.14 -28.53
N VAL B 64 23.62 2.67 -28.13
CA VAL B 64 24.00 2.63 -26.71
C VAL B 64 25.18 3.57 -26.41
N SER B 65 25.09 4.29 -25.30
CA SER B 65 26.18 5.17 -24.86
C SER B 65 27.21 4.39 -24.14
N LEU B 66 28.45 4.56 -24.59
CA LEU B 66 29.62 4.02 -23.90
C LEU B 66 30.38 5.13 -23.20
N GLY B 67 29.63 6.06 -22.63
CA GLY B 67 30.20 7.13 -21.81
C GLY B 67 30.24 8.51 -22.46
N VAL B 68 30.19 9.52 -21.60
CA VAL B 68 30.29 10.92 -22.02
C VAL B 68 31.46 11.57 -21.28
N GLY B 69 32.29 12.27 -22.04
CA GLY B 69 33.44 12.99 -21.50
C GLY B 69 33.54 14.43 -21.97
N THR B 70 34.62 15.09 -21.55
CA THR B 70 34.93 16.46 -22.02
C THR B 70 35.67 16.47 -23.36
N ASP B 71 35.69 17.64 -23.99
CA ASP B 71 36.22 17.80 -25.36
C ASP B 71 37.75 17.96 -25.47
N GLU B 72 38.45 17.88 -24.35
CA GLU B 72 39.92 18.17 -24.29
C GLU B 72 40.78 17.41 -25.31
N ASN B 73 40.45 16.14 -25.53
CA ASN B 73 41.19 15.30 -26.48
C ASN B 73 41.05 15.74 -27.94
N TYR B 74 40.09 16.61 -28.19
CA TYR B 74 39.77 17.10 -29.52
C TYR B 74 39.97 18.66 -29.55
N PRO B 75 40.93 19.09 -30.38
CA PRO B 75 41.55 20.40 -30.17
C PRO B 75 40.60 21.57 -30.34
N LEU B 76 40.70 22.56 -29.46
CA LEU B 76 39.77 23.71 -29.54
C LEU B 76 39.90 24.54 -30.84
N GLY B 77 41.13 24.85 -31.23
CA GLY B 77 41.44 25.82 -32.31
C GLY B 77 41.24 27.27 -31.86
N TPO B 78 41.99 28.30 -32.32
CA TPO B 78 41.71 29.71 -31.86
CB TPO B 78 42.75 30.82 -32.16
CG2 TPO B 78 43.03 31.63 -30.92
OG1 TPO B 78 43.92 30.27 -32.72
P TPO B 78 45.42 30.33 -32.13
O1P TPO B 78 45.38 29.55 -30.83
O2P TPO B 78 46.17 29.79 -33.29
O3P TPO B 78 45.79 31.78 -31.98
C TPO B 78 40.56 30.30 -32.60
O TPO B 78 39.94 31.27 -32.16
N THR B 79 40.36 29.74 -33.78
CA THR B 79 39.24 30.05 -34.65
C THR B 79 38.59 28.76 -35.11
N THR B 80 37.26 28.76 -35.15
CA THR B 80 36.52 27.59 -35.62
C THR B 80 36.20 27.78 -37.09
N LYS B 81 36.42 26.72 -37.85
CA LYS B 81 36.28 26.77 -39.30
C LYS B 81 34.77 26.80 -39.65
N LEU B 82 34.03 25.91 -38.99
CA LEU B 82 32.61 25.67 -39.26
C LEU B 82 31.77 26.26 -38.10
N PHE B 83 30.45 26.11 -38.14
CA PHE B 83 29.58 26.54 -37.02
C PHE B 83 29.72 25.56 -35.84
N PRO B 84 29.65 26.02 -34.60
CA PRO B 84 29.49 27.43 -34.25
C PRO B 84 30.81 28.17 -34.07
N PRO B 85 30.76 29.51 -34.14
CA PRO B 85 31.91 30.33 -33.76
C PRO B 85 32.25 30.22 -32.28
N ILE B 86 33.46 30.62 -31.94
CA ILE B 86 34.01 30.42 -30.59
C ILE B 86 33.32 31.30 -29.55
N GLU B 87 33.01 32.54 -29.93
CA GLU B 87 32.24 33.45 -29.06
C GLU B 87 30.89 32.84 -28.64
N MET B 88 30.32 32.02 -29.53
CA MET B 88 29.06 31.28 -29.28
C MET B 88 29.21 30.05 -28.39
N ILE B 89 30.46 29.69 -28.12
CA ILE B 89 30.79 28.51 -27.31
C ILE B 89 31.10 28.87 -25.86
N SER B 90 30.64 28.00 -24.96
CA SER B 90 30.93 28.13 -23.54
C SER B 90 32.18 27.35 -23.22
N PRO B 91 33.19 28.02 -22.64
CA PRO B 91 34.44 27.35 -22.27
C PRO B 91 34.25 26.42 -21.08
N ILE B 92 33.33 26.79 -20.21
CA ILE B 92 32.92 25.93 -19.10
C ILE B 92 31.88 24.92 -19.59
N SER B 93 32.00 23.68 -19.12
CA SER B 93 31.11 22.57 -19.51
C SER B 93 30.47 21.85 -18.31
N LYS B 94 30.85 22.27 -17.09
CA LYS B 94 30.54 21.59 -15.79
C LYS B 94 29.08 21.22 -15.63
N ASN B 95 28.24 22.19 -15.96
CA ASN B 95 26.79 22.03 -15.86
C ASN B 95 26.17 21.68 -17.19
N ASN B 96 25.67 20.44 -17.27
CA ASN B 96 25.07 19.92 -18.48
C ASN B 96 24.24 18.66 -18.22
N GLU B 97 23.37 18.36 -19.16
CA GLU B 97 22.45 17.22 -19.04
C GLU B 97 23.04 15.92 -19.58
N ALA B 98 23.90 16.06 -20.57
CA ALA B 98 24.45 14.90 -21.30
C ALA B 98 25.15 13.86 -20.42
N MET B 99 25.95 14.34 -19.47
CA MET B 99 26.73 13.47 -18.55
C MET B 99 25.83 12.42 -17.90
N THR B 100 24.70 12.89 -17.37
CA THR B 100 23.74 12.05 -16.64
C THR B 100 22.78 11.31 -17.59
N GLN B 101 22.23 12.04 -18.55
CA GLN B 101 21.19 11.49 -19.45
C GLN B 101 21.74 10.52 -20.49
N LEU B 102 22.99 10.74 -20.88
CA LEU B 102 23.69 9.85 -21.81
C LEU B 102 24.81 9.08 -21.11
N LYS B 103 24.63 8.91 -19.80
CA LYS B 103 25.59 8.18 -18.96
C LYS B 103 25.89 6.79 -19.56
N ASN B 104 27.04 6.25 -19.21
CA ASN B 104 27.46 4.93 -19.70
C ASN B 104 26.34 3.88 -19.54
N GLY B 105 26.11 3.13 -20.61
CA GLY B 105 25.10 2.06 -20.64
C GLY B 105 23.75 2.45 -21.23
N THR B 106 23.47 3.76 -21.25
CA THR B 106 22.16 4.29 -21.68
C THR B 106 21.79 3.97 -23.13
N LYS B 107 20.56 3.49 -23.32
CA LYS B 107 20.02 3.27 -24.67
C LYS B 107 19.40 4.55 -25.18
N PHE B 108 19.60 4.83 -26.45
CA PHE B 108 18.98 6.01 -27.08
C PHE B 108 18.86 5.93 -28.60
N VAL B 109 18.25 6.97 -29.14
CA VAL B 109 18.01 7.08 -30.57
C VAL B 109 19.01 8.01 -31.24
N LEU B 110 19.45 7.57 -32.41
CA LEU B 110 20.31 8.34 -33.31
C LEU B 110 19.58 8.56 -34.61
N LYS B 111 19.41 9.82 -34.98
CA LYS B 111 18.71 10.18 -36.22
C LYS B 111 19.69 10.63 -37.31
N LEU B 112 19.39 10.26 -38.55
CA LEU B 112 20.18 10.69 -39.75
C LEU B 112 19.27 11.29 -40.83
N TYR B 113 19.56 12.53 -41.20
CA TYR B 113 18.72 13.27 -42.16
C TYR B 113 19.15 13.28 -43.62
N LYS B 114 18.15 13.63 -44.44
CA LYS B 114 18.20 13.65 -45.92
C LYS B 114 17.62 14.94 -46.55
N ALA B 121 19.58 20.05 -45.23
CA ALA B 121 20.63 19.52 -44.36
C ALA B 121 22.02 20.21 -44.62
N SER B 122 22.07 21.41 -44.07
CA SER B 122 23.29 22.20 -43.93
C SER B 122 23.62 22.18 -42.43
N ARG B 123 24.86 22.54 -42.11
CA ARG B 123 25.36 22.44 -40.72
C ARG B 123 24.58 23.37 -39.79
N GLU B 124 24.50 24.63 -40.17
CA GLU B 124 23.82 25.68 -39.37
C GLU B 124 22.42 25.24 -38.92
N LEU B 125 21.69 24.65 -39.86
CA LEU B 125 20.30 24.21 -39.63
C LEU B 125 20.19 23.03 -38.67
N TYR B 126 21.12 22.09 -38.79
CA TYR B 126 21.23 20.99 -37.80
C TYR B 126 21.25 21.51 -36.37
N PHE B 127 22.10 22.50 -36.15
CA PHE B 127 22.29 23.12 -34.84
C PHE B 127 21.06 23.93 -34.42
N GLU B 128 20.40 24.55 -35.40
CA GLU B 128 19.16 25.30 -35.15
C GLU B 128 18.07 24.38 -34.57
N PHD B 129 17.98 23.16 -35.10
CA PHD B 129 16.98 22.16 -34.63
C PHD B 129 17.13 21.95 -33.15
O PHD B 129 16.18 22.03 -32.38
CB PHD B 129 17.11 20.78 -35.26
CG PHD B 129 15.76 20.38 -35.80
OD1 PHD B 129 14.88 19.42 -35.12
OD2 PHD B 129 15.40 20.90 -36.83
P PHD B 129 13.39 19.02 -35.64
OP1 PHD B 129 12.81 18.17 -34.53
OP2 PHD B 129 13.45 18.42 -37.00
OP3 PHD B 129 12.62 20.28 -35.87
N VAL B 130 18.37 21.69 -32.76
CA VAL B 130 18.70 21.43 -31.36
C VAL B 130 18.51 22.69 -30.50
N LYS B 131 18.91 23.83 -31.03
CA LYS B 131 18.64 25.12 -30.37
C LYS B 131 17.14 25.22 -30.11
N MET B 132 16.37 25.02 -31.17
CA MET B 132 14.92 25.09 -31.13
C MET B 132 14.37 24.20 -30.02
N GLN B 133 14.85 22.96 -30.02
CA GLN B 133 14.39 21.95 -29.06
C GLN B 133 14.55 22.47 -27.64
N MET B 134 15.71 23.06 -27.38
CA MET B 134 16.08 23.57 -26.05
C MET B 134 15.20 24.75 -25.64
N VAL B 135 14.95 25.63 -26.60
CA VAL B 135 14.07 26.78 -26.35
C VAL B 135 12.66 26.30 -25.97
N CYS B 136 12.16 25.33 -26.72
CA CYS B 136 10.85 24.75 -26.44
C CYS B 136 10.84 24.13 -25.06
N ARG B 137 11.86 23.31 -24.80
CA ARG B 137 12.06 22.67 -23.48
C ARG B 137 11.97 23.71 -22.36
N ASP B 138 12.60 24.85 -22.60
CA ASP B 138 12.61 25.96 -21.64
C ASP B 138 11.21 26.51 -21.36
N TRP B 139 10.52 26.88 -22.43
CA TRP B 139 9.10 27.28 -22.35
C TRP B 139 8.23 26.20 -21.71
N GLY B 140 8.62 24.96 -21.94
CA GLY B 140 8.00 23.82 -21.27
C GLY B 140 8.02 24.03 -19.77
N ASN B 141 9.20 24.38 -19.25
CA ASN B 141 9.36 24.63 -17.81
C ASN B 141 8.65 25.89 -17.34
N LYS B 142 8.65 26.92 -18.18
CA LYS B 142 7.88 28.17 -17.92
C LYS B 142 6.37 27.90 -17.77
N PHE B 143 5.85 27.02 -18.62
CA PHE B 143 4.45 26.55 -18.58
C PHE B 143 4.13 25.82 -17.27
N ASN B 144 5.03 24.93 -16.89
CA ASN B 144 4.87 24.12 -15.68
C ASN B 144 4.95 24.93 -14.39
N GLN B 145 5.66 26.05 -14.45
CA GLN B 145 5.77 26.99 -13.31
C GLN B 145 4.41 27.49 -12.88
N LYS B 146 3.53 27.71 -13.86
CA LYS B 146 2.13 28.10 -13.61
C LYS B 146 1.24 26.98 -13.05
N LYS B 147 1.84 25.89 -12.63
CA LYS B 147 1.15 24.78 -11.96
C LYS B 147 -0.16 24.34 -12.62
N PRO B 148 -0.10 23.87 -13.88
CA PRO B 148 -1.25 23.34 -14.60
C PRO B 148 -1.57 21.91 -14.18
N PRO B 149 -2.77 21.40 -14.57
CA PRO B 149 -3.24 20.07 -14.15
C PRO B 149 -2.33 18.99 -14.66
N LYS B 150 -1.92 19.15 -15.91
CA LYS B 150 -0.93 18.28 -16.54
C LYS B 150 0.33 19.04 -16.90
N LYS B 151 1.43 18.57 -16.32
CA LYS B 151 2.76 19.14 -16.58
C LYS B 151 3.35 18.61 -17.87
N ILE B 152 4.34 19.33 -18.35
CA ILE B 152 4.91 19.12 -19.69
C ILE B 152 6.43 18.97 -19.69
N GLU B 153 6.93 18.15 -20.59
CA GLU B 153 8.37 18.04 -20.78
C GLU B 153 8.74 17.81 -22.24
N PHE B 154 9.67 18.62 -22.73
CA PHE B 154 10.31 18.35 -24.01
C PHE B 154 11.57 17.57 -23.84
N LEU B 155 11.79 16.64 -24.75
CA LEU B 155 12.99 15.84 -24.73
C LEU B 155 14.23 16.66 -25.02
N MET B 156 15.26 16.31 -24.28
CA MET B 156 16.60 16.76 -24.58
C MET B 156 16.98 16.25 -25.98
N SER B 157 17.64 17.11 -26.74
CA SER B 157 18.27 16.68 -27.99
C SER B 157 19.70 17.23 -28.10
N TRP B 158 20.48 16.59 -28.96
CA TRP B 158 21.88 16.95 -29.17
C TRP B 158 22.36 16.76 -30.59
N VAL B 159 23.30 17.61 -30.99
CA VAL B 159 24.07 17.40 -32.25
C VAL B 159 25.28 16.53 -31.94
N VAL B 160 25.56 15.60 -32.84
CA VAL B 160 26.78 14.77 -32.74
C VAL B 160 27.55 14.70 -34.03
N GLU B 161 28.85 14.92 -33.90
CA GLU B 161 29.81 14.80 -34.99
C GLU B 161 30.47 13.43 -34.95
N LEU B 162 30.23 12.64 -36.00
CA LEU B 162 30.81 11.29 -36.09
C LEU B 162 32.21 11.35 -36.69
N ILE B 163 33.21 11.43 -35.82
CA ILE B 163 34.59 11.70 -36.26
C ILE B 163 35.27 10.48 -36.86
N ASP B 164 35.04 9.33 -36.25
CA ASP B 164 35.66 8.08 -36.67
C ASP B 164 35.18 7.63 -38.06
N ARG B 165 34.10 8.23 -38.52
CA ARG B 165 33.61 8.03 -39.90
C ARG B 165 34.26 9.02 -40.86
N SER B 166 34.58 8.54 -42.05
CA SER B 166 35.18 9.38 -43.09
C SER B 166 34.19 10.49 -43.47
N PRO B 167 34.69 11.73 -43.64
CA PRO B 167 33.78 12.86 -43.83
C PRO B 167 32.97 12.85 -45.10
N SER B 168 32.03 13.78 -45.17
CA SER B 168 31.13 13.95 -46.31
C SER B 168 31.91 14.27 -47.59
N SER B 169 31.16 14.42 -48.69
CA SER B 169 31.74 14.80 -49.99
C SER B 169 32.52 16.13 -49.89
N ASN B 170 31.92 17.08 -49.17
CA ASN B 170 32.63 18.28 -48.70
C ASN B 170 33.55 17.96 -47.53
N GLY B 171 34.38 18.93 -47.13
CA GLY B 171 35.35 18.71 -46.05
C GLY B 171 34.68 18.33 -44.72
N GLN B 172 33.38 18.66 -44.61
CA GLN B 172 32.62 18.62 -43.34
C GLN B 172 32.41 17.21 -42.82
N PRO B 173 32.64 17.01 -41.52
CA PRO B 173 32.42 15.67 -41.01
C PRO B 173 30.95 15.31 -40.99
N ILE B 174 30.69 14.05 -40.70
CA ILE B 174 29.33 13.54 -40.72
C ILE B 174 28.55 13.95 -39.48
N LEU B 175 27.44 14.61 -39.75
CA LEU B 175 26.55 15.09 -38.69
C LEU B 175 25.32 14.23 -38.51
N CYS B 176 24.91 14.11 -37.27
CA CYS B 176 23.70 13.38 -36.90
C CYS B 176 23.10 13.99 -35.64
N SER B 177 21.77 13.93 -35.54
CA SER B 177 21.08 14.39 -34.32
C SER B 177 20.73 13.20 -33.40
N ILE B 178 20.64 13.48 -32.11
CA ILE B 178 20.46 12.47 -31.05
C ILE B 178 19.48 12.87 -29.95
N GLU B 179 18.57 11.96 -29.62
CA GLU B 179 17.67 12.16 -28.46
C GLU B 179 17.44 10.89 -27.67
N PRO B 180 16.92 11.02 -26.44
CA PRO B 180 16.64 9.84 -25.64
C PRO B 180 15.57 9.00 -26.28
N LEU B 181 15.54 7.74 -25.88
CA LEU B 181 14.50 6.84 -26.34
C LEU B 181 13.15 7.32 -25.82
N LEU B 182 12.18 7.27 -26.72
CA LEU B 182 10.82 7.71 -26.42
C LEU B 182 9.87 6.51 -26.54
N VAL B 183 9.56 5.91 -25.40
CA VAL B 183 8.77 4.68 -25.39
C VAL B 183 7.26 4.94 -25.24
N GLY B 184 6.50 4.28 -26.12
CA GLY B 184 5.04 4.31 -26.04
C GLY B 184 4.33 4.71 -27.31
N GLU B 185 3.04 5.02 -27.17
CA GLU B 185 2.21 5.37 -28.30
C GLU B 185 2.40 6.82 -28.69
N PHE B 186 3.08 7.03 -29.81
CA PHE B 186 3.33 8.37 -30.32
C PHE B 186 2.06 9.01 -30.88
N LYS B 187 1.78 10.23 -30.45
CA LYS B 187 0.62 10.97 -30.95
C LYS B 187 0.92 12.42 -31.31
N LYS B 188 0.47 12.84 -32.48
CA LYS B 188 0.49 14.25 -32.91
C LYS B 188 -0.78 14.95 -32.42
N ASN B 189 -0.60 16.05 -31.70
CA ASN B 189 -1.72 16.80 -31.09
C ASN B 189 -2.11 18.05 -31.88
N ASN B 190 -1.10 18.81 -32.28
CA ASN B 190 -1.28 19.79 -33.37
C ASN B 190 -0.14 19.75 -34.37
N SER B 191 -0.32 20.45 -35.48
CA SER B 191 0.69 20.51 -36.54
C SER B 191 1.37 21.88 -36.62
N ASN B 192 2.37 21.96 -37.50
CA ASN B 192 3.07 23.22 -37.76
C ASN B 192 2.28 24.20 -38.63
N TYR B 193 1.20 23.72 -39.23
CA TYR B 193 0.35 24.57 -40.08
C TYR B 193 -1.12 24.54 -39.67
N GLY B 194 -1.38 24.50 -38.37
CA GLY B 194 -2.71 24.82 -37.80
C GLY B 194 -3.70 23.67 -37.61
N ALA B 195 -3.26 22.45 -37.92
CA ALA B 195 -4.07 21.27 -37.65
C ALA B 195 -4.29 21.05 -36.16
N VAL B 196 -5.45 20.50 -35.83
CA VAL B 196 -5.77 20.04 -34.46
C VAL B 196 -6.21 18.58 -34.53
N LEU B 197 -5.40 17.73 -33.91
CA LEU B 197 -5.42 16.27 -34.16
C LEU B 197 -5.87 15.40 -32.98
N THR B 198 -5.99 15.99 -31.80
CA THR B 198 -6.51 15.29 -30.63
C THR B 198 -7.44 16.16 -29.84
N ASN B 199 -8.36 15.50 -29.12
CA ASN B 199 -9.33 16.19 -28.23
C ASN B 199 -8.63 16.83 -27.04
N ARG B 200 -7.42 16.35 -26.78
CA ARG B 200 -6.64 16.82 -25.66
C ARG B 200 -6.51 18.33 -25.69
N SER B 201 -6.62 18.92 -24.51
CA SER B 201 -6.65 20.39 -24.36
C SER B 201 -5.29 20.97 -23.90
N THR B 202 -4.53 20.20 -23.14
CA THR B 202 -3.18 20.65 -22.68
C THR B 202 -2.24 21.15 -23.81
N PRO B 203 -1.99 20.33 -24.84
CA PRO B 203 -1.06 20.75 -25.91
C PRO B 203 -1.47 22.06 -26.55
N GLN B 204 -2.77 22.22 -26.72
CA GLN B 204 -3.33 23.42 -27.36
C GLN B 204 -3.10 24.64 -26.47
N ALA B 205 -3.40 24.48 -25.19
CA ALA B 205 -3.15 25.53 -24.21
C ALA B 205 -1.68 25.92 -24.18
N PHE B 206 -0.80 24.92 -24.17
CA PHE B 206 0.65 25.18 -24.15
C PHE B 206 1.10 26.07 -25.30
N SER B 207 0.69 25.72 -26.51
CA SER B 207 1.07 26.52 -27.68
C SER B 207 0.53 27.94 -27.54
N HIS B 208 -0.74 28.04 -27.19
CA HIS B 208 -1.36 29.35 -26.93
C HIS B 208 -0.56 30.14 -25.91
N PHE B 209 -0.28 29.49 -24.79
CA PHE B 209 0.54 30.06 -23.70
C PHE B 209 1.80 30.69 -24.24
N THR B 210 2.52 29.93 -25.06
CA THR B 210 3.81 30.40 -25.63
C THR B 210 3.63 31.64 -26.50
N TYR B 211 2.50 31.73 -27.19
CA TYR B 211 2.22 32.88 -28.06
C TYR B 211 2.04 34.15 -27.27
N GLU B 212 1.16 34.05 -26.27
CA GLU B 212 0.80 35.14 -25.36
C GLU B 212 1.98 35.67 -24.57
N LEU B 213 2.55 34.78 -23.78
CA LEU B 213 3.62 35.16 -22.86
C LEU B 213 4.94 35.49 -23.52
N SER B 214 5.07 35.19 -24.81
CA SER B 214 6.22 35.66 -25.59
C SER B 214 5.97 37.03 -26.21
N ASN B 215 4.87 37.67 -25.80
CA ASN B 215 4.39 38.94 -26.37
C ASN B 215 4.23 38.84 -27.89
N LYS B 216 3.55 37.77 -28.29
CA LYS B 216 3.24 37.48 -29.71
C LYS B 216 4.48 37.44 -30.62
N GLN B 217 5.63 37.16 -30.02
CA GLN B 217 6.94 37.10 -30.73
C GLN B 217 7.28 35.71 -31.26
N MET B 218 6.72 34.69 -30.61
CA MET B 218 6.87 33.28 -31.03
C MET B 218 5.71 32.39 -30.61
N ILE B 219 5.51 31.31 -31.37
CA ILE B 219 4.72 30.14 -30.90
C ILE B 219 5.50 28.86 -30.98
N VAL B 220 5.25 28.00 -30.00
CA VAL B 220 5.63 26.59 -30.10
C VAL B 220 4.44 25.75 -30.53
N VAL B 221 4.53 25.27 -31.76
CA VAL B 221 3.52 24.38 -32.33
C VAL B 221 4.12 23.02 -32.69
N ASP B 222 3.36 22.25 -33.46
CA ASP B 222 3.75 20.91 -33.88
C ASP B 222 4.02 20.06 -32.63
N ILE B 223 3.06 20.09 -31.72
CA ILE B 223 3.23 19.46 -30.41
C ILE B 223 2.84 18.02 -30.51
N GLN B 224 3.82 17.17 -30.27
CA GLN B 224 3.67 15.73 -30.48
C GLN B 224 4.57 14.96 -29.56
N GLY B 225 4.25 13.68 -29.45
CA GLY B 225 4.99 12.78 -28.58
C GLY B 225 4.11 11.84 -27.81
N VAL B 226 4.75 11.10 -26.91
CA VAL B 226 4.06 10.14 -26.06
C VAL B 226 3.55 10.83 -24.81
N ASP B 227 2.22 10.86 -24.68
CA ASP B 227 1.52 11.57 -23.61
C ASP B 227 1.98 13.03 -23.58
N ASP B 228 2.55 13.47 -22.45
CA ASP B 228 3.08 14.83 -22.29
C ASP B 228 4.61 14.92 -22.34
N LEU B 229 5.23 13.84 -22.81
CA LEU B 229 6.64 13.86 -23.12
C LEU B 229 6.77 14.15 -24.59
N TYR B 230 7.20 15.37 -24.90
CA TYR B 230 7.17 15.87 -26.26
C TYR B 230 8.52 15.97 -26.95
N THR B 231 8.46 15.83 -28.26
CA THR B 231 9.63 16.03 -29.11
C THR B 231 9.21 16.55 -30.47
N ASP B 232 10.21 16.79 -31.30
CA ASP B 232 10.01 17.23 -32.70
C ASP B 232 9.18 18.49 -32.87
N PRO B 233 9.31 19.44 -31.95
CA PRO B 233 8.45 20.59 -32.12
C PRO B 233 8.93 21.53 -33.21
N GLN B 234 8.08 22.52 -33.45
CA GLN B 234 8.38 23.59 -34.39
C GLN B 234 7.96 24.94 -33.86
N ILE B 235 8.86 25.91 -34.02
CA ILE B 235 8.58 27.29 -33.62
C ILE B 235 8.29 28.18 -34.84
N HIS B 236 7.24 28.98 -34.71
CA HIS B 236 6.98 30.07 -35.64
C HIS B 236 7.33 31.40 -34.99
N THR B 237 7.81 32.32 -35.81
CA THR B 237 8.03 33.73 -35.42
C THR B 237 7.52 34.67 -36.51
N PRO B 238 6.94 35.84 -36.13
CA PRO B 238 6.31 36.74 -37.12
C PRO B 238 7.19 37.10 -38.31
N ASP B 239 8.42 37.51 -38.00
CA ASP B 239 9.40 37.90 -39.04
C ASP B 239 9.87 36.72 -39.89
N GLY B 240 9.64 35.51 -39.38
CA GLY B 240 9.90 34.27 -40.12
C GLY B 240 11.35 33.82 -40.05
N LYS B 241 12.16 34.63 -39.37
CA LYS B 241 13.59 34.39 -39.29
C LYS B 241 13.89 33.44 -38.16
N GLY B 242 14.85 32.57 -38.42
CA GLY B 242 15.32 31.60 -37.45
C GLY B 242 14.49 30.33 -37.39
N PHE B 243 14.99 29.38 -36.61
CA PHE B 243 14.26 28.13 -36.26
C PHE B 243 13.98 27.21 -37.45
N GLY B 244 14.85 27.28 -38.44
CA GLY B 244 14.82 26.38 -39.58
C GLY B 244 13.75 26.64 -40.62
N LEU B 245 13.78 25.79 -41.65
CA LEU B 245 12.88 25.89 -42.83
C LEU B 245 11.42 25.52 -42.51
N GLY B 246 11.20 24.99 -41.31
CA GLY B 246 9.85 24.67 -40.81
C GLY B 246 9.15 25.86 -40.16
N ASN B 247 9.87 26.97 -40.06
CA ASN B 247 9.31 28.24 -39.57
C ASN B 247 8.49 28.93 -40.65
N LEU B 248 7.17 28.80 -40.57
CA LEU B 248 6.24 29.37 -41.56
C LEU B 248 5.75 30.77 -41.24
N GLY B 249 6.43 31.41 -40.29
CA GLY B 249 6.23 32.83 -40.02
C GLY B 249 4.79 33.22 -39.70
N LYS B 250 4.40 34.42 -40.13
CA LYS B 250 3.08 34.96 -39.77
C LYS B 250 1.96 34.03 -40.22
N ALA B 251 2.18 33.41 -41.37
CA ALA B 251 1.24 32.44 -41.95
C ALA B 251 0.91 31.32 -40.97
N GLY B 252 1.97 30.67 -40.49
CA GLY B 252 1.87 29.57 -39.52
C GLY B 252 1.21 29.96 -38.21
N ILE B 253 1.53 31.16 -37.76
CA ILE B 253 0.94 31.73 -36.54
C ILE B 253 -0.56 31.93 -36.73
N ASN B 254 -0.92 32.44 -37.90
CA ASN B 254 -2.33 32.67 -38.20
C ASN B 254 -3.09 31.37 -38.18
N LYS B 255 -2.56 30.39 -38.91
CA LYS B 255 -3.18 29.05 -39.01
C LYS B 255 -3.51 28.43 -37.67
N PHE B 256 -2.63 28.63 -36.70
CA PHE B 256 -2.91 28.19 -35.35
C PHE B 256 -4.01 29.00 -34.67
N ILE B 257 -3.91 30.32 -34.79
CA ILE B 257 -4.68 31.28 -33.94
C ILE B 257 -6.12 31.52 -34.41
N THR B 258 -6.32 31.73 -35.71
CA THR B 258 -7.65 32.12 -36.20
C THR B 258 -8.71 31.11 -35.68
N THR B 259 -8.44 29.81 -35.77
CA THR B 259 -9.42 28.78 -35.30
C THR B 259 -9.14 28.18 -33.92
N HIS B 260 -8.03 28.54 -33.29
CA HIS B 260 -7.78 28.02 -31.94
C HIS B 260 -8.96 28.33 -31.04
N LYS B 261 -9.40 27.30 -30.32
CA LYS B 261 -10.46 27.44 -29.33
C LYS B 261 -9.91 27.22 -27.95
N CYS B 262 -10.06 28.23 -27.12
CA CYS B 262 -9.57 28.18 -25.76
C CYS B 262 -10.35 27.20 -24.92
N ASN B 263 -9.63 26.60 -23.99
CA ASN B 263 -10.16 25.53 -23.13
C ASN B 263 -9.90 25.78 -21.64
N ALA B 264 -10.30 24.80 -20.83
CA ALA B 264 -10.19 24.88 -19.37
C ALA B 264 -8.81 25.32 -18.91
N VAL B 265 -7.81 24.74 -19.55
CA VAL B 265 -6.40 24.97 -19.20
C VAL B 265 -5.94 26.34 -19.72
N CYS B 266 -6.44 26.76 -20.88
CA CYS B 266 -6.23 28.15 -21.32
C CYS B 266 -6.71 29.10 -20.23
N ALA B 267 -7.94 28.85 -19.77
CA ALA B 267 -8.63 29.64 -18.74
C ALA B 267 -7.88 29.67 -17.41
N LEU B 268 -7.56 28.50 -16.88
CA LEU B 268 -6.79 28.40 -15.63
C LEU B 268 -5.55 29.25 -15.62
N LEU B 269 -4.83 29.22 -16.73
CA LEU B 269 -3.72 30.12 -16.94
C LEU B 269 -4.49 31.35 -17.38
N ASP B 270 -4.12 32.53 -16.90
CA ASP B 270 -5.00 33.64 -17.15
C ASP B 270 -4.94 34.06 -18.64
N LEU B 271 -5.21 33.14 -19.58
CA LEU B 271 -4.94 33.42 -21.00
C LEU B 271 -6.05 34.19 -21.69
N ASP B 272 -5.66 35.37 -22.15
CA ASP B 272 -6.53 36.26 -22.93
C ASP B 272 -7.10 35.54 -24.15
N VAL B 273 -8.42 35.57 -24.28
CA VAL B 273 -9.15 34.91 -25.38
C VAL B 273 -9.07 35.77 -26.68
N LYS B 274 -7.89 35.96 -27.30
CA LYS B 274 -7.79 36.75 -28.56
C LYS B 274 -6.73 36.31 -29.60
N THR C 22 -72.01 20.08 5.29
CA THR C 22 -71.49 19.48 4.01
C THR C 22 -70.58 18.25 4.27
N GLY C 23 -70.77 17.59 5.41
CA GLY C 23 -69.78 16.66 5.97
C GLY C 23 -70.27 15.24 6.17
N GLU C 24 -69.35 14.38 6.58
CA GLU C 24 -69.64 12.99 6.87
C GLU C 24 -69.83 12.78 8.39
N MET C 25 -70.77 11.92 8.72
CA MET C 25 -71.02 11.57 10.12
C MET C 25 -70.23 10.33 10.54
N GLY C 26 -69.90 10.30 11.82
CA GLY C 26 -69.06 9.23 12.38
C GLY C 26 -69.23 9.02 13.87
N ILE C 27 -69.13 7.76 14.28
CA ILE C 27 -69.13 7.42 15.71
C ILE C 27 -67.72 7.36 16.23
N LEU C 28 -67.48 8.14 17.29
CA LEU C 28 -66.14 8.38 17.81
C LEU C 28 -65.90 7.69 19.14
N TRP C 29 -64.92 6.79 19.16
CA TRP C 29 -64.55 6.05 20.38
C TRP C 29 -63.26 6.57 20.98
N GLU C 30 -63.31 6.84 22.28
CA GLU C 30 -62.18 7.31 23.07
C GLU C 30 -61.98 6.42 24.28
N PHE C 31 -60.72 6.05 24.56
CA PHE C 31 -60.41 5.16 25.70
C PHE C 31 -59.91 5.95 26.90
N ASP C 32 -60.34 5.49 28.06
CA ASP C 32 -59.90 6.06 29.35
C ASP C 32 -59.11 5.01 30.15
N PRO C 33 -57.77 5.17 30.22
CA PRO C 33 -56.91 4.16 30.84
C PRO C 33 -56.94 4.19 32.35
N ILE C 34 -57.40 5.31 32.91
CA ILE C 34 -57.60 5.47 34.35
C ILE C 34 -58.70 4.53 34.85
N ILE C 35 -59.87 4.66 34.24
CA ILE C 35 -61.07 3.87 34.56
C ILE C 35 -61.10 2.48 33.88
N ASN C 36 -60.23 2.28 32.90
CA ASN C 36 -60.21 1.08 32.06
C ASN C 36 -61.57 0.88 31.36
N LYS C 37 -62.08 1.96 30.78
CA LYS C 37 -63.36 1.92 30.06
C LYS C 37 -63.37 2.80 28.81
N TRP C 38 -64.23 2.43 27.87
CA TRP C 38 -64.39 3.15 26.60
C TRP C 38 -65.49 4.21 26.67
N ILE C 39 -65.17 5.38 26.17
CA ILE C 39 -66.13 6.47 26.03
C ILE C 39 -66.67 6.52 24.61
N ARG C 40 -67.98 6.62 24.48
CA ARG C 40 -68.61 6.63 23.14
C ARG C 40 -69.20 7.99 22.80
N LEU C 41 -68.91 8.41 21.59
CA LEU C 41 -69.23 9.75 21.12
C LEU C 41 -69.63 9.78 19.67
N SER C 42 -70.09 10.95 19.25
CA SER C 42 -70.34 11.23 17.83
C SER C 42 -69.52 12.40 17.35
N MET C 43 -69.30 12.41 16.05
CA MET C 43 -68.62 13.51 15.41
C MET C 43 -68.98 13.66 13.96
N LYS C 44 -68.89 14.90 13.48
CA LYS C 44 -69.05 15.22 12.06
C LYS C 44 -67.69 15.63 11.49
N LEU C 45 -67.36 15.08 10.33
CA LEU C 45 -66.03 15.32 9.74
C LEU C 45 -66.02 15.39 8.22
N LYS C 46 -65.16 16.25 7.72
CA LYS C 46 -64.92 16.38 6.29
C LYS C 46 -63.55 15.83 5.90
N VAL C 47 -63.57 14.78 5.08
CA VAL C 47 -62.34 14.11 4.62
C VAL C 47 -62.00 14.48 3.19
N GLU C 48 -60.70 14.65 2.93
CA GLU C 48 -60.22 14.87 1.56
C GLU C 48 -60.21 13.59 0.76
N ARG C 49 -60.59 13.72 -0.51
CA ARG C 49 -60.69 12.55 -1.40
C ARG C 49 -59.35 11.85 -1.57
N LYS C 50 -58.29 12.64 -1.63
CA LYS C 50 -56.94 12.12 -1.85
C LYS C 50 -56.06 12.08 -0.59
N PRO C 51 -55.33 10.97 -0.40
CA PRO C 51 -54.42 10.87 0.72
C PRO C 51 -53.09 11.59 0.50
N PHE C 52 -52.56 12.18 1.56
CA PHE C 52 -51.27 12.89 1.52
C PHE C 52 -50.10 11.98 1.92
N ALA C 53 -50.40 10.72 2.20
CA ALA C 53 -49.37 9.76 2.58
C ALA C 53 -49.78 8.33 2.25
N GLU C 54 -48.78 7.46 2.09
CA GLU C 54 -48.98 6.01 1.85
C GLU C 54 -47.84 5.28 2.64
N LEU C 57 -49.02 -0.61 3.64
CA LEU C 57 -49.78 -0.96 4.85
C LEU C 57 -50.97 -0.02 5.14
N ARG C 58 -50.70 1.28 5.20
CA ARG C 58 -51.75 2.28 5.44
C ARG C 58 -51.61 3.54 4.61
N GLU C 59 -52.73 4.27 4.52
CA GLU C 59 -52.77 5.62 3.87
C GLU C 59 -53.34 6.63 4.85
N ALA C 60 -52.87 7.85 4.73
CA ALA C 60 -53.26 8.92 5.62
C ALA C 60 -53.97 10.03 4.87
N TYR C 61 -55.08 10.48 5.44
CA TYR C 61 -55.94 11.50 4.82
C TYR C 61 -56.03 12.73 5.71
N HIS C 62 -55.87 13.90 5.11
CA HIS C 62 -56.12 15.15 5.84
C HIS C 62 -57.61 15.24 6.08
N THR C 63 -57.97 15.75 7.25
CA THR C 63 -59.36 15.82 7.64
C THR C 63 -59.61 17.04 8.53
N VAL C 64 -60.80 17.62 8.40
CA VAL C 64 -61.23 18.70 9.30
C VAL C 64 -62.44 18.26 10.15
N SER C 65 -62.41 18.61 11.44
CA SER C 65 -63.54 18.32 12.34
C SER C 65 -64.61 19.39 12.20
N LEU C 66 -65.82 18.91 11.95
CA LEU C 66 -67.01 19.76 11.94
C LEU C 66 -67.82 19.54 13.20
N GLY C 67 -67.11 19.39 14.30
CA GLY C 67 -67.73 19.28 15.61
C GLY C 67 -67.76 17.89 16.21
N VAL C 68 -67.74 17.86 17.54
CA VAL C 68 -67.86 16.63 18.31
C VAL C 68 -69.07 16.74 19.23
N GLY C 69 -69.87 15.69 19.22
CA GLY C 69 -71.06 15.58 20.07
C GLY C 69 -71.15 14.29 20.86
N THR C 70 -72.25 14.14 21.58
CA THR C 70 -72.56 12.89 22.32
C THR C 70 -73.22 11.85 21.42
N ASP C 71 -73.23 10.61 21.88
CA ASP C 71 -73.70 9.46 21.07
C ASP C 71 -75.22 9.23 21.06
N GLU C 72 -75.97 10.10 21.74
CA GLU C 72 -77.44 9.92 21.95
C GLU C 72 -78.24 9.65 20.66
N ASN C 73 -77.90 10.36 19.59
CA ASN C 73 -78.58 10.23 18.29
C ASN C 73 -78.39 8.88 17.61
N TYR C 74 -77.41 8.12 18.09
CA TYR C 74 -77.03 6.83 17.51
C TYR C 74 -76.93 5.78 18.58
N PRO C 75 -78.06 5.48 19.24
CA PRO C 75 -78.05 4.80 20.52
C PRO C 75 -77.73 3.35 20.47
N LEU C 76 -77.56 2.87 21.70
CA LEU C 76 -77.06 1.55 22.01
C LEU C 76 -78.17 0.66 22.55
N GLY C 77 -78.14 -0.59 22.11
CA GLY C 77 -79.08 -1.55 22.60
C GLY C 77 -78.73 -1.98 24.00
N TPO C 78 -79.43 -3.00 24.45
CA TPO C 78 -79.14 -3.57 25.76
CB TPO C 78 -80.31 -4.41 26.12
CG2 TPO C 78 -80.15 -5.01 27.50
OG1 TPO C 78 -81.39 -3.50 26.01
P TPO C 78 -82.88 -3.98 25.70
O1P TPO C 78 -83.13 -5.01 26.76
O2P TPO C 78 -82.95 -4.50 24.28
O3P TPO C 78 -83.65 -2.70 25.91
C TPO C 78 -77.92 -4.39 25.69
O TPO C 78 -77.24 -4.62 26.70
N THR C 79 -77.69 -4.86 24.48
CA THR C 79 -76.54 -5.69 24.14
C THR C 79 -75.81 -5.09 22.94
N THR C 80 -74.51 -5.30 22.97
CA THR C 80 -73.64 -4.71 21.98
C THR C 80 -73.32 -5.77 20.94
N LYS C 81 -73.49 -5.39 19.68
CA LYS C 81 -73.36 -6.37 18.61
C LYS C 81 -71.91 -6.82 18.40
N LEU C 82 -71.01 -5.84 18.38
CA LEU C 82 -69.60 -6.06 18.17
C LEU C 82 -68.77 -5.23 19.16
N PHE C 83 -67.46 -5.44 19.18
CA PHE C 83 -66.64 -4.92 20.29
C PHE C 83 -66.82 -3.39 20.30
N PRO C 84 -66.83 -2.76 21.47
CA PRO C 84 -66.73 -3.41 22.76
C PRO C 84 -68.07 -3.80 23.38
N PRO C 85 -68.04 -4.74 24.34
CA PRO C 85 -69.20 -5.02 25.16
C PRO C 85 -69.62 -3.83 26.02
N ILE C 86 -70.85 -3.88 26.50
CA ILE C 86 -71.46 -2.73 27.22
C ILE C 86 -70.83 -2.51 28.60
N GLU C 87 -70.53 -3.61 29.30
CA GLU C 87 -69.81 -3.51 30.59
C GLU C 87 -68.46 -2.77 30.44
N MET C 88 -67.86 -2.89 29.26
CA MET C 88 -66.59 -2.19 28.91
C MET C 88 -66.77 -0.72 28.57
N ILE C 89 -68.02 -0.30 28.43
CA ILE C 89 -68.37 1.07 28.06
C ILE C 89 -68.75 1.93 29.26
N SER C 90 -68.32 3.18 29.22
CA SER C 90 -68.68 4.16 30.24
C SER C 90 -69.93 4.89 29.80
N PRO C 91 -70.98 4.86 30.64
CA PRO C 91 -72.23 5.55 30.33
C PRO C 91 -72.07 7.07 30.41
N ILE C 92 -71.21 7.51 31.33
CA ILE C 92 -70.85 8.93 31.40
C ILE C 92 -69.77 9.22 30.37
N SER C 93 -69.87 10.40 29.76
CA SER C 93 -68.94 10.85 28.71
C SER C 93 -68.34 12.23 29.00
N LYS C 94 -68.77 12.86 30.10
CA LYS C 94 -68.47 14.27 30.47
C LYS C 94 -67.01 14.65 30.37
N ASN C 95 -66.18 13.77 30.91
CA ASN C 95 -64.74 13.98 30.92
C ASN C 95 -64.07 13.24 29.79
N ASN C 96 -63.57 14.03 28.84
CA ASN C 96 -62.91 13.50 27.65
C ASN C 96 -62.10 14.55 26.91
N GLU C 97 -61.17 14.06 26.10
CA GLU C 97 -60.25 14.92 25.35
C GLU C 97 -60.80 15.36 24.00
N ALA C 98 -61.61 14.51 23.41
CA ALA C 98 -62.11 14.70 22.03
C ALA C 98 -62.85 16.03 21.80
N MET C 99 -63.69 16.41 22.76
CA MET C 99 -64.49 17.65 22.67
C MET C 99 -63.62 18.85 22.35
N THR C 100 -62.53 18.99 23.11
CA THR C 100 -61.60 20.12 22.98
C THR C 100 -60.59 19.92 21.85
N GLN C 101 -59.99 18.73 21.79
CA GLN C 101 -58.90 18.45 20.82
C GLN C 101 -59.39 18.29 19.40
N LEU C 102 -60.62 17.82 19.26
CA LEU C 102 -61.26 17.68 17.94
C LEU C 102 -62.40 18.68 17.77
N LYS C 103 -62.29 19.78 18.51
CA LYS C 103 -63.28 20.87 18.46
C LYS C 103 -63.52 21.34 17.02
N ASN C 104 -64.69 21.92 16.80
CA ASN C 104 -65.07 22.39 15.46
C ASN C 104 -63.94 23.23 14.82
N GLY C 105 -63.64 22.92 13.57
CA GLY C 105 -62.62 23.63 12.78
C GLY C 105 -61.25 22.97 12.75
N THR C 106 -60.99 22.11 13.73
CA THR C 106 -59.67 21.47 13.90
C THR C 106 -59.23 20.60 12.71
N LYS C 107 -57.98 20.81 12.28
CA LYS C 107 -57.38 19.95 11.25
C LYS C 107 -56.75 18.75 11.91
N PHE C 108 -56.90 17.59 11.27
CA PHE C 108 -56.27 16.36 11.78
C PHE C 108 -56.07 15.27 10.74
N VAL C 109 -55.45 14.19 11.19
CA VAL C 109 -55.14 13.05 10.34
C VAL C 109 -56.11 11.90 10.55
N LEU C 110 -56.49 11.29 9.44
CA LEU C 110 -57.31 10.09 9.39
C LEU C 110 -56.52 8.98 8.72
N LYS C 111 -56.34 7.89 9.45
CA LYS C 111 -55.58 6.75 8.94
C LYS C 111 -56.49 5.59 8.55
N LEU C 112 -56.10 4.89 7.50
CA LEU C 112 -56.85 3.75 6.97
C LEU C 112 -55.95 2.54 6.68
N TYR C 113 -56.28 1.41 7.30
CA TYR C 113 -55.49 0.16 7.11
C TYR C 113 -55.99 -0.71 5.95
N LYS C 114 -55.05 -1.26 5.16
CA LYS C 114 -55.40 -1.87 3.85
C LYS C 114 -55.86 -3.35 3.87
N LYS C 115 -55.19 -4.21 4.63
CA LYS C 115 -55.57 -5.63 4.69
C LYS C 115 -55.75 -6.12 6.12
N ALA C 121 -56.86 -6.56 9.08
CA ALA C 121 -57.26 -5.93 10.33
C ALA C 121 -58.66 -6.39 10.78
N SER C 122 -58.76 -6.69 12.06
CA SER C 122 -60.01 -7.09 12.71
C SER C 122 -60.41 -5.96 13.66
N ARG C 123 -61.66 -5.98 14.10
CA ARG C 123 -62.22 -4.89 14.92
C ARG C 123 -61.50 -4.78 16.26
N GLU C 124 -61.42 -5.90 16.96
CA GLU C 124 -60.79 -5.97 18.30
C GLU C 124 -59.41 -5.30 18.32
N LEU C 125 -58.62 -5.60 17.29
CA LEU C 125 -57.24 -5.11 17.16
C LEU C 125 -57.15 -3.61 16.90
N TYR C 126 -58.07 -3.09 16.09
CA TYR C 126 -58.21 -1.63 15.91
C TYR C 126 -58.30 -0.90 17.24
N PHE C 127 -59.18 -1.42 18.10
CA PHE C 127 -59.44 -0.85 19.42
C PHE C 127 -58.24 -1.03 20.36
N GLU C 128 -57.54 -2.16 20.21
CA GLU C 128 -56.32 -2.44 20.99
C GLU C 128 -55.25 -1.36 20.71
N PHD C 129 -55.12 -0.93 19.45
CA PHD C 129 -54.13 0.09 19.06
C PHD C 129 -54.35 1.32 19.86
O PHD C 129 -53.43 1.89 20.44
CB PHD C 129 -54.20 0.53 17.59
CG PHD C 129 -52.83 0.44 16.99
OD1 PHD C 129 -51.98 1.60 16.73
OD2 PHD C 129 -52.43 -0.67 16.69
P PHD C 129 -50.46 1.52 16.13
OP1 PHD C 129 -49.70 0.51 16.95
OP2 PHD C 129 -49.89 2.92 16.26
OP3 PHD C 129 -50.67 1.06 14.72
N VAL C 130 -55.60 1.76 19.87
CA VAL C 130 -56.00 2.98 20.59
C VAL C 130 -55.86 2.79 22.11
N LYS C 131 -56.26 1.63 22.59
CA LYS C 131 -56.02 1.29 24.00
C LYS C 131 -54.53 1.46 24.32
N MET C 132 -53.72 0.81 23.50
CA MET C 132 -52.26 0.84 23.63
C MET C 132 -51.77 2.28 23.72
N GLN C 133 -52.23 3.09 22.76
CA GLN C 133 -51.80 4.49 22.65
C GLN C 133 -52.04 5.20 23.97
N MET C 134 -53.21 4.97 24.54
CA MET C 134 -53.65 5.62 25.80
C MET C 134 -52.83 5.17 26.99
N VAL C 135 -52.53 3.89 27.02
CA VAL C 135 -51.66 3.34 28.08
C VAL C 135 -50.27 3.97 28.02
N CYS C 136 -49.73 4.07 26.82
CA CYS C 136 -48.41 4.70 26.62
C CYS C 136 -48.48 6.15 27.08
N ARG C 137 -49.50 6.85 26.60
CA ARG C 137 -49.75 8.25 26.97
C ARG C 137 -49.73 8.41 28.48
N ASP C 138 -50.35 7.46 29.15
CA ASP C 138 -50.42 7.45 30.62
C ASP C 138 -49.03 7.33 31.28
N TRP C 139 -48.29 6.30 30.88
CA TRP C 139 -46.89 6.15 31.29
C TRP C 139 -46.04 7.35 30.93
N GLY C 140 -46.40 7.99 29.83
CA GLY C 140 -45.80 9.26 29.45
C GLY C 140 -45.91 10.25 30.59
N ASN C 141 -47.10 10.38 31.14
CA ASN C 141 -47.34 11.28 32.27
C ASN C 141 -46.66 10.82 33.57
N LYS C 142 -46.63 9.51 33.79
CA LYS C 142 -45.89 8.91 34.92
C LYS C 142 -44.39 9.25 34.87
N PHE C 143 -43.83 9.21 33.67
CA PHE C 143 -42.42 9.57 33.41
C PHE C 143 -42.15 11.04 33.75
N ASN C 144 -43.06 11.89 33.29
CA ASN C 144 -42.95 13.34 33.49
C ASN C 144 -43.10 13.78 34.94
N GLN C 145 -43.82 12.96 35.72
CA GLN C 145 -43.99 13.19 37.17
C GLN C 145 -42.65 13.22 37.89
N LYS C 146 -41.73 12.36 37.43
CA LYS C 146 -40.35 12.34 37.94
C LYS C 146 -39.47 13.50 37.51
N LYS C 147 -40.10 14.52 36.93
CA LYS C 147 -39.43 15.79 36.57
C LYS C 147 -38.07 15.62 35.86
N PRO C 148 -38.07 15.00 34.67
CA PRO C 148 -36.87 14.83 33.85
C PRO C 148 -36.56 16.09 33.07
N PRO C 149 -35.35 16.17 32.48
CA PRO C 149 -34.87 17.38 31.79
C PRO C 149 -35.73 17.70 30.59
N LYS C 150 -36.09 16.64 29.88
CA LYS C 150 -37.04 16.73 28.76
C LYS C 150 -38.29 15.91 29.05
N LYS C 151 -39.42 16.62 29.05
CA LYS C 151 -40.73 16.02 29.25
C LYS C 151 -41.25 15.39 27.96
N ILE C 152 -42.22 14.51 28.14
CA ILE C 152 -42.74 13.64 27.09
C ILE C 152 -44.25 13.69 26.92
N GLU C 153 -44.71 13.55 25.69
CA GLU C 153 -46.15 13.44 25.43
C GLU C 153 -46.44 12.49 24.29
N PHE C 154 -47.36 11.58 24.53
CA PHE C 154 -47.92 10.76 23.45
C PHE C 154 -49.19 11.39 22.93
N LEU C 155 -49.34 11.31 21.61
CA LEU C 155 -50.54 11.81 20.98
C LEU C 155 -51.77 11.03 21.37
N MET C 156 -52.86 11.78 21.55
CA MET C 156 -54.19 11.20 21.60
C MET C 156 -54.44 10.46 20.29
N SER C 157 -55.08 9.31 20.39
CA SER C 157 -55.66 8.64 19.23
C SER C 157 -57.08 8.16 19.52
N TRP C 158 -57.81 7.91 18.44
CA TRP C 158 -59.21 7.49 18.53
C TRP C 158 -59.61 6.53 17.43
N VAL C 159 -60.54 5.64 17.75
CA VAL C 159 -61.24 4.83 16.75
C VAL C 159 -62.46 5.60 16.24
N VAL C 160 -62.68 5.53 14.93
CA VAL C 160 -63.88 6.13 14.33
C VAL C 160 -64.61 5.18 13.40
N GLU C 161 -65.92 5.08 13.60
CA GLU C 161 -66.83 4.31 12.75
C GLU C 161 -67.47 5.23 11.71
N LEU C 162 -67.17 4.97 10.45
CA LEU C 162 -67.72 5.78 9.35
C LEU C 162 -69.09 5.24 8.94
N ILE C 163 -70.12 5.82 9.53
CA ILE C 163 -71.49 5.27 9.39
C ILE C 163 -72.12 5.59 8.05
N ASP C 164 -71.90 6.82 7.59
CA ASP C 164 -72.49 7.30 6.34
C ASP C 164 -71.95 6.57 5.11
N ARG C 165 -70.84 5.85 5.30
CA ARG C 165 -70.29 4.95 4.27
C ARG C 165 -70.90 3.54 4.36
N SER C 166 -71.14 2.95 3.19
CA SER C 166 -71.68 1.59 3.12
C SER C 166 -70.68 0.61 3.73
N PRO C 167 -71.16 -0.37 4.53
CA PRO C 167 -70.25 -1.22 5.29
C PRO C 167 -69.34 -2.14 4.47
N SER C 168 -68.41 -2.76 5.19
CA SER C 168 -67.43 -3.70 4.62
C SER C 168 -68.09 -4.92 3.99
N SER C 169 -67.27 -5.81 3.43
CA SER C 169 -67.75 -7.07 2.83
C SER C 169 -68.55 -7.90 3.83
N ASN C 170 -68.04 -7.96 5.06
CA ASN C 170 -68.79 -8.45 6.23
C ASN C 170 -69.78 -7.38 6.72
N GLY C 171 -70.64 -7.75 7.67
CA GLY C 171 -71.68 -6.83 8.16
C GLY C 171 -71.11 -5.57 8.78
N GLN C 172 -69.84 -5.63 9.17
CA GLN C 172 -69.18 -4.60 9.99
C GLN C 172 -69.02 -3.27 9.28
N PRO C 173 -69.33 -2.15 9.97
CA PRO C 173 -69.12 -0.88 9.31
C PRO C 173 -67.64 -0.58 9.13
N ILE C 174 -67.38 0.48 8.38
CA ILE C 174 -66.02 0.85 8.04
C ILE C 174 -65.33 1.53 9.20
N LEU C 175 -64.21 0.94 9.58
CA LEU C 175 -63.38 1.44 10.67
C LEU C 175 -62.13 2.17 10.19
N CYS C 176 -61.79 3.20 10.93
CA CYS C 176 -60.58 3.97 10.67
C CYS C 176 -60.05 4.55 11.98
N SER C 177 -58.73 4.70 12.07
CA SER C 177 -58.11 5.34 13.23
C SER C 177 -57.79 6.81 12.97
N ILE C 178 -57.77 7.60 14.03
CA ILE C 178 -57.62 9.07 13.97
C ILE C 178 -56.70 9.65 15.03
N GLU C 179 -55.80 10.54 14.61
CA GLU C 179 -54.98 11.32 15.55
C GLU C 179 -54.81 12.77 15.14
N PRO C 180 -54.34 13.62 16.06
CA PRO C 180 -54.06 15.00 15.72
C PRO C 180 -52.93 15.11 14.71
N LEU C 181 -52.90 16.24 14.03
CA LEU C 181 -51.84 16.51 13.08
C LEU C 181 -50.53 16.62 13.83
N LEU C 182 -49.51 16.01 13.25
CA LEU C 182 -48.18 15.99 13.83
C LEU C 182 -47.21 16.72 12.89
N VAL C 183 -46.96 17.98 13.20
CA VAL C 183 -46.14 18.82 12.33
C VAL C 183 -44.66 18.82 12.68
N GLY C 184 -43.85 18.63 11.64
CA GLY C 184 -42.39 18.72 11.78
C GLY C 184 -41.62 17.53 11.26
N GLU C 185 -40.35 17.47 11.64
CA GLU C 185 -39.48 16.40 11.20
C GLU C 185 -39.68 15.14 12.03
N PHE C 186 -40.30 14.15 11.42
CA PHE C 186 -40.55 12.87 12.08
C PHE C 186 -39.28 12.06 12.23
N LYS C 187 -39.06 11.55 13.43
CA LYS C 187 -37.87 10.76 13.71
C LYS C 187 -38.14 9.52 14.56
N LYS C 188 -37.62 8.37 14.10
CA LYS C 188 -37.65 7.13 14.88
C LYS C 188 -36.42 7.05 15.77
N ASN C 189 -36.64 6.84 17.06
CA ASN C 189 -35.56 6.83 18.08
C ASN C 189 -35.16 5.41 18.50
N ASN C 190 -36.16 4.57 18.75
CA ASN C 190 -35.94 3.11 18.77
C ASN C 190 -37.05 2.36 18.01
N SER C 191 -36.82 1.08 17.81
CA SER C 191 -37.79 0.21 17.12
C SER C 191 -38.46 -0.77 18.07
N ASN C 192 -39.42 -1.51 17.52
CA ASN C 192 -40.12 -2.56 18.27
C ASN C 192 -39.30 -3.84 18.45
N TYR C 193 -38.20 -3.94 17.73
CA TYR C 193 -37.32 -5.12 17.84
C TYR C 193 -35.86 -4.74 18.15
N GLY C 194 -35.67 -3.73 18.99
CA GLY C 194 -34.37 -3.48 19.66
C GLY C 194 -33.39 -2.54 18.96
N ALA C 195 -33.80 -1.99 17.83
CA ALA C 195 -32.99 -0.98 17.15
C ALA C 195 -32.84 0.28 17.97
N VAL C 196 -31.69 0.92 17.82
CA VAL C 196 -31.41 2.26 18.41
C VAL C 196 -30.95 3.18 17.29
N LEU C 197 -31.77 4.19 17.04
CA LEU C 197 -31.71 4.98 15.78
C LEU C 197 -31.32 6.44 15.94
N THR C 198 -31.26 6.92 17.18
CA THR C 198 -30.78 8.28 17.45
C THR C 198 -29.90 8.32 18.68
N ASN C 199 -29.00 9.32 18.70
CA ASN C 199 -28.09 9.54 19.85
C ASN C 199 -28.85 10.03 21.06
N ARG C 200 -30.05 10.51 20.82
CA ARG C 200 -30.90 11.02 21.88
C ARG C 200 -31.05 10.00 22.98
N SER C 201 -31.00 10.50 24.21
CA SER C 201 -31.01 9.64 25.41
C SER C 201 -32.38 9.55 26.09
N THR C 202 -33.18 10.61 25.99
CA THR C 202 -34.55 10.61 26.57
C THR C 202 -35.43 9.42 26.18
N PRO C 203 -35.63 9.17 24.87
CA PRO C 203 -36.51 8.07 24.45
C PRO C 203 -36.09 6.74 25.02
N GLN C 204 -34.79 6.54 25.07
CA GLN C 204 -34.23 5.29 25.56
C GLN C 204 -34.52 5.14 27.04
N ALA C 205 -34.28 6.21 27.78
CA ALA C 205 -34.56 6.25 29.21
C ALA C 205 -36.05 5.96 29.47
N PHE C 206 -36.90 6.60 28.70
CA PHE C 206 -38.36 6.41 28.85
C PHE C 206 -38.77 4.95 28.72
N SER C 207 -38.28 4.29 27.69
CA SER C 207 -38.63 2.87 27.50
C SER C 207 -38.11 2.06 28.69
N HIS C 208 -36.85 2.28 29.03
CA HIS C 208 -36.26 1.61 30.21
C HIS C 208 -37.11 1.83 31.45
N PHE C 209 -37.44 3.10 31.69
CA PHE C 209 -38.31 3.51 32.80
C PHE C 209 -39.55 2.65 32.87
N THR C 210 -40.22 2.53 31.73
CA THR C 210 -41.49 1.76 31.67
C THR C 210 -41.27 0.30 32.04
N TYR C 211 -40.12 -0.25 31.69
CA TYR C 211 -39.82 -1.66 31.97
C TYR C 211 -39.70 -1.90 33.46
N GLU C 212 -38.86 -1.08 34.07
CA GLU C 212 -38.56 -1.21 35.48
C GLU C 212 -39.76 -0.93 36.36
N LEU C 213 -40.36 0.25 36.21
CA LEU C 213 -41.48 0.67 37.07
C LEU C 213 -42.77 -0.10 36.83
N SER C 214 -42.82 -0.86 35.75
CA SER C 214 -43.96 -1.76 35.53
C SER C 214 -43.71 -3.13 36.16
N ASN C 215 -42.64 -3.21 36.96
CA ASN C 215 -42.15 -4.47 37.54
C ASN C 215 -41.92 -5.54 36.47
N LYS C 216 -41.21 -5.12 35.44
CA LYS C 216 -40.83 -5.97 34.29
C LYS C 216 -42.03 -6.66 33.61
N GLN C 217 -43.20 -6.05 33.76
CA GLN C 217 -44.47 -6.57 33.19
C GLN C 217 -44.77 -6.06 31.78
N MET C 218 -44.22 -4.88 31.47
CA MET C 218 -44.34 -4.28 30.13
C MET C 218 -43.18 -3.34 29.78
N ILE C 219 -42.93 -3.19 28.48
CA ILE C 219 -42.15 -2.04 27.95
C ILE C 219 -42.91 -1.27 26.90
N VAL C 220 -42.69 0.04 26.90
CA VAL C 220 -43.07 0.89 25.77
C VAL C 220 -41.85 1.17 24.89
N VAL C 221 -41.87 0.55 23.72
CA VAL C 221 -40.83 0.73 22.72
C VAL C 221 -41.42 1.32 21.43
N ASP C 222 -40.60 1.29 20.38
CA ASP C 222 -40.95 1.86 19.07
C ASP C 222 -41.27 3.36 19.25
N ILE C 223 -40.35 4.04 19.92
CA ILE C 223 -40.57 5.42 20.30
C ILE C 223 -40.16 6.32 19.17
N GLN C 224 -41.14 7.03 18.66
CA GLN C 224 -40.97 7.84 17.47
C GLN C 224 -41.90 9.02 17.46
N GLY C 225 -41.57 9.96 16.59
CA GLY C 225 -42.34 11.19 16.45
C GLY C 225 -41.48 12.43 16.29
N VAL C 226 -42.15 13.58 16.32
CA VAL C 226 -41.49 14.87 16.19
C VAL C 226 -41.05 15.37 17.55
N ASP C 227 -39.73 15.48 17.71
CA ASP C 227 -39.10 15.83 19.00
C ASP C 227 -39.56 14.87 20.08
N ASP C 228 -40.19 15.40 21.12
CA ASP C 228 -40.74 14.60 22.23
C ASP C 228 -42.27 14.47 22.20
N LEU C 229 -42.85 14.82 21.06
CA LEU C 229 -44.25 14.53 20.81
C LEU C 229 -44.29 13.22 20.05
N TYR C 230 -44.73 12.18 20.75
CA TYR C 230 -44.65 10.80 20.22
C TYR C 230 -45.96 10.19 19.79
N THR C 231 -45.84 9.30 18.83
CA THR C 231 -46.97 8.52 18.37
C THR C 231 -46.50 7.17 17.88
N ASP C 232 -47.47 6.35 17.47
CA ASP C 232 -47.21 5.03 16.89
C ASP C 232 -46.37 4.07 17.74
N PRO C 233 -46.56 4.12 19.06
CA PRO C 233 -45.70 3.26 19.84
C PRO C 233 -46.14 1.81 19.80
N GLN C 234 -45.31 0.99 20.41
CA GLN C 234 -45.59 -0.43 20.58
C GLN C 234 -45.19 -0.92 21.96
N ILE C 235 -46.08 -1.72 22.55
CA ILE C 235 -45.85 -2.32 23.86
C ILE C 235 -45.52 -3.80 23.73
N HIS C 236 -44.48 -4.20 24.45
CA HIS C 236 -44.18 -5.61 24.66
C HIS C 236 -44.57 -6.01 26.08
N THR C 237 -45.03 -7.26 26.21
CA THR C 237 -45.29 -7.90 27.53
C THR C 237 -44.74 -9.32 27.52
N PRO C 238 -44.21 -9.79 28.66
CA PRO C 238 -43.52 -11.11 28.71
C PRO C 238 -44.35 -12.27 28.16
N ASP C 239 -45.60 -12.36 28.62
CA ASP C 239 -46.53 -13.42 28.18
C ASP C 239 -46.96 -13.28 26.73
N GLY C 240 -46.74 -12.10 26.18
CA GLY C 240 -46.94 -11.83 24.74
C GLY C 240 -48.39 -11.52 24.39
N LYS C 241 -49.24 -11.56 25.42
CA LYS C 241 -50.66 -11.37 25.25
C LYS C 241 -51.01 -9.91 25.27
N GLY C 242 -51.95 -9.56 24.41
CA GLY C 242 -52.44 -8.20 24.31
C GLY C 242 -51.60 -7.29 23.43
N PHE C 243 -52.12 -6.10 23.22
CA PHE C 243 -51.41 -5.00 22.53
C PHE C 243 -51.06 -5.30 21.07
N GLY C 244 -51.89 -6.11 20.45
CA GLY C 244 -51.80 -6.37 19.01
C GLY C 244 -50.68 -7.29 18.57
N LEU C 245 -50.66 -7.52 17.27
CA LEU C 245 -49.71 -8.43 16.60
C LEU C 245 -48.26 -7.91 16.59
N GLY C 246 -48.09 -6.65 16.99
CA GLY C 246 -46.77 -6.02 17.11
C GLY C 246 -46.09 -6.29 18.44
N ASN C 247 -46.83 -6.97 19.32
CA ASN C 247 -46.31 -7.40 20.63
C ASN C 247 -45.45 -8.65 20.46
N LEU C 248 -44.13 -8.48 20.48
CA LEU C 248 -43.17 -9.58 20.27
C LEU C 248 -42.71 -10.25 21.55
N GLY C 249 -43.43 -9.96 22.62
CA GLY C 249 -43.25 -10.68 23.88
C GLY C 249 -41.83 -10.67 24.44
N LYS C 250 -41.44 -11.77 25.08
CA LYS C 250 -40.15 -11.84 25.81
C LYS C 250 -38.98 -11.58 24.83
N ALA C 251 -39.14 -12.04 23.60
CA ALA C 251 -38.17 -11.77 22.52
C ALA C 251 -37.89 -10.26 22.32
N GLY C 252 -38.96 -9.51 22.10
CA GLY C 252 -38.90 -8.05 21.92
C GLY C 252 -38.31 -7.31 23.10
N ILE C 253 -38.66 -7.77 24.29
CA ILE C 253 -38.13 -7.21 25.54
C ILE C 253 -36.64 -7.45 25.61
N ASN C 254 -36.22 -8.65 25.26
CA ASN C 254 -34.79 -8.98 25.28
C ASN C 254 -34.01 -8.07 24.34
N LYS C 255 -34.51 -7.98 23.11
CA LYS C 255 -33.88 -7.18 22.05
C LYS C 255 -33.59 -5.74 22.50
N PHE C 256 -34.53 -5.19 23.24
CA PHE C 256 -34.31 -3.87 23.81
C PHE C 256 -33.22 -3.86 24.89
N ILE C 257 -33.28 -4.84 25.77
CA ILE C 257 -32.51 -4.85 27.02
C ILE C 257 -31.06 -5.24 26.91
N THR C 258 -30.83 -6.37 26.25
CA THR C 258 -29.51 -7.00 26.25
C THR C 258 -28.42 -6.07 25.77
N THR C 259 -28.75 -5.11 24.90
CA THR C 259 -27.82 -4.02 24.51
C THR C 259 -28.15 -2.58 24.94
N HIS C 260 -29.29 -2.37 25.60
CA HIS C 260 -29.59 -1.03 26.10
C HIS C 260 -28.46 -0.54 26.96
N LYS C 261 -28.05 0.70 26.70
CA LYS C 261 -27.03 1.37 27.49
C LYS C 261 -27.66 2.53 28.23
N CYS C 262 -27.55 2.46 29.54
CA CYS C 262 -28.09 3.50 30.39
C CYS C 262 -27.34 4.81 30.24
N ASN C 263 -28.10 5.89 30.39
CA ASN C 263 -27.60 7.25 30.19
C ASN C 263 -27.95 8.20 31.34
N ALA C 264 -27.59 9.47 31.17
CA ALA C 264 -27.75 10.49 32.20
C ALA C 264 -29.14 10.50 32.79
N VAL C 265 -30.11 10.39 31.90
CA VAL C 265 -31.53 10.44 32.24
C VAL C 265 -31.97 9.13 32.90
N CYS C 266 -31.42 8.00 32.46
CA CYS C 266 -31.63 6.73 33.20
C CYS C 266 -31.21 6.93 34.66
N ALA C 267 -30.00 7.47 34.81
CA ALA C 267 -29.38 7.74 36.12
C ALA C 267 -30.18 8.69 37.00
N LEU C 268 -30.51 9.85 36.45
CA LEU C 268 -31.34 10.82 37.18
C LEU C 268 -32.58 10.19 37.79
N LEU C 269 -33.22 9.31 37.04
CA LEU C 269 -34.38 8.56 37.56
C LEU C 269 -34.07 7.35 38.45
N ASP C 270 -32.86 7.23 38.98
CA ASP C 270 -32.49 6.11 39.87
C ASP C 270 -32.88 4.75 39.29
N LEU C 271 -32.69 4.64 37.98
CA LEU C 271 -32.97 3.42 37.26
C LEU C 271 -31.83 2.43 37.44
N ASP C 272 -32.21 1.29 38.00
CA ASP C 272 -31.31 0.14 38.18
C ASP C 272 -30.66 -0.28 36.86
N VAL C 273 -29.33 -0.35 36.89
CA VAL C 273 -28.53 -0.71 35.72
C VAL C 273 -28.37 -2.21 35.55
N ILE D 18 -13.42 -3.84 -63.11
CA ILE D 18 -13.32 -3.37 -64.54
C ILE D 18 -11.96 -2.70 -64.77
N SER D 19 -10.96 -3.55 -64.97
CA SER D 19 -9.66 -3.12 -65.50
C SER D 19 -8.84 -4.36 -65.81
N SER D 20 -8.12 -4.28 -66.92
CA SER D 20 -7.20 -5.34 -67.33
C SER D 20 -6.09 -5.49 -66.29
N GLU D 21 -5.60 -4.35 -65.80
CA GLU D 21 -4.36 -4.29 -65.02
C GLU D 21 -4.32 -5.15 -63.76
N THR D 22 -3.13 -5.63 -63.39
CA THR D 22 -2.98 -6.57 -62.26
C THR D 22 -3.22 -5.92 -60.89
N GLY D 23 -4.31 -6.37 -60.28
CA GLY D 23 -4.75 -5.82 -59.01
C GLY D 23 -5.46 -6.89 -58.21
N GLU D 24 -5.96 -6.48 -57.05
CA GLU D 24 -6.74 -7.37 -56.18
C GLU D 24 -8.26 -7.11 -56.33
N MET D 25 -9.02 -8.20 -56.27
CA MET D 25 -10.48 -8.14 -56.41
C MET D 25 -11.13 -7.99 -55.05
N GLY D 26 -12.29 -7.35 -55.06
CA GLY D 26 -13.01 -7.04 -53.84
C GLY D 26 -14.50 -6.84 -54.03
N ILE D 27 -15.27 -7.25 -53.03
CA ILE D 27 -16.70 -6.99 -53.01
C ILE D 27 -16.98 -5.71 -52.25
N LEU D 28 -17.68 -4.82 -52.93
CA LEU D 28 -17.87 -3.45 -52.47
C LEU D 28 -19.30 -3.20 -52.02
N TRP D 29 -19.44 -2.82 -50.76
CA TRP D 29 -20.76 -2.51 -50.18
C TRP D 29 -20.95 -1.01 -50.00
N GLU D 30 -22.09 -0.53 -50.48
CA GLU D 30 -22.50 0.88 -50.36
C GLU D 30 -23.88 0.99 -49.76
N PHE D 31 -24.05 1.90 -48.83
CA PHE D 31 -25.35 2.10 -48.14
C PHE D 31 -26.14 3.27 -48.70
N ASP D 32 -27.44 3.06 -48.78
CA ASP D 32 -28.38 4.08 -49.26
C ASP D 32 -29.33 4.46 -48.13
N PRO D 33 -29.12 5.65 -47.53
CA PRO D 33 -29.88 6.06 -46.36
C PRO D 33 -31.29 6.53 -46.66
N ILE D 34 -31.51 6.88 -47.93
CA ILE D 34 -32.85 7.25 -48.42
C ILE D 34 -33.81 6.06 -48.34
N ILE D 35 -33.42 4.96 -48.99
CA ILE D 35 -34.23 3.71 -49.04
C ILE D 35 -33.97 2.78 -47.86
N ASN D 36 -32.98 3.10 -47.03
CA ASN D 36 -32.56 2.26 -45.88
C ASN D 36 -32.18 0.84 -46.33
N LYS D 37 -31.36 0.77 -47.38
CA LYS D 37 -30.93 -0.51 -47.91
C LYS D 37 -29.49 -0.49 -48.42
N TRP D 38 -28.86 -1.67 -48.42
CA TRP D 38 -27.48 -1.87 -48.86
C TRP D 38 -27.39 -2.23 -50.33
N ILE D 39 -26.49 -1.55 -51.02
CA ILE D 39 -26.17 -1.85 -52.42
C ILE D 39 -24.90 -2.68 -52.51
N ARG D 40 -24.94 -3.75 -53.31
CA ARG D 40 -23.81 -4.69 -53.41
C ARG D 40 -23.16 -4.61 -54.76
N LEU D 41 -21.83 -4.54 -54.73
CA LEU D 41 -21.02 -4.26 -55.92
C LEU D 41 -19.72 -5.02 -55.91
N SER D 42 -19.04 -4.95 -57.03
CA SER D 42 -17.65 -5.44 -57.13
C SER D 42 -16.69 -4.31 -57.51
N MET D 43 -15.44 -4.48 -57.13
CA MET D 43 -14.37 -3.55 -57.54
C MET D 43 -13.02 -4.24 -57.60
N LYS D 44 -12.16 -3.69 -58.45
CA LYS D 44 -10.76 -4.11 -58.56
C LYS D 44 -9.89 -3.00 -58.01
N LEU D 45 -8.93 -3.35 -57.17
CA LEU D 45 -8.08 -2.36 -56.51
C LEU D 45 -6.63 -2.77 -56.28
N LYS D 46 -5.74 -1.79 -56.37
CA LYS D 46 -4.31 -1.97 -56.09
C LYS D 46 -3.92 -1.26 -54.82
N VAL D 47 -3.48 -2.05 -53.84
CA VAL D 47 -3.09 -1.54 -52.51
C VAL D 47 -1.57 -1.53 -52.34
N GLU D 48 -1.07 -0.49 -51.67
CA GLU D 48 0.35 -0.42 -51.32
C GLU D 48 0.69 -1.33 -50.14
N ARG D 49 1.86 -1.95 -50.23
CA ARG D 49 2.32 -2.91 -49.22
C ARG D 49 2.42 -2.25 -47.83
N LYS D 50 2.89 -1.01 -47.83
CA LYS D 50 3.12 -0.28 -46.57
C LYS D 50 2.07 0.79 -46.28
N PRO D 51 1.61 0.86 -45.00
CA PRO D 51 0.69 1.91 -44.60
C PRO D 51 1.35 3.26 -44.33
N PHE D 52 0.64 4.33 -44.69
CA PHE D 52 1.14 5.70 -44.51
C PHE D 52 0.66 6.30 -43.19
N ALA D 53 -0.07 5.51 -42.42
CA ALA D 53 -0.60 5.97 -41.13
C ALA D 53 -0.82 4.79 -40.20
N GLU D 54 -0.76 5.07 -38.91
CA GLU D 54 -0.96 4.05 -37.90
C GLU D 54 -1.65 4.61 -36.69
N GLY D 55 -2.29 3.71 -35.95
CA GLY D 55 -2.81 4.01 -34.63
C GLY D 55 -2.67 2.77 -33.78
N ALA D 56 -3.12 2.87 -32.53
CA ALA D 56 -3.29 1.67 -31.69
C ALA D 56 -4.45 0.85 -32.23
N LEU D 57 -5.38 1.55 -32.84
CA LEU D 57 -6.62 0.98 -33.33
C LEU D 57 -6.55 0.54 -34.80
N ARG D 58 -6.08 1.43 -35.67
CA ARG D 58 -6.10 1.17 -37.11
C ARG D 58 -4.87 1.64 -37.88
N GLU D 59 -4.75 1.09 -39.08
CA GLU D 59 -3.72 1.46 -40.07
C GLU D 59 -4.39 1.91 -41.37
N ALA D 60 -3.79 2.88 -42.04
CA ALA D 60 -4.32 3.41 -43.30
C ALA D 60 -3.36 3.17 -44.47
N TYR D 61 -3.91 2.70 -45.57
CA TYR D 61 -3.13 2.35 -46.77
C TYR D 61 -3.56 3.15 -47.98
N HIS D 62 -2.59 3.67 -48.71
CA HIS D 62 -2.90 4.32 -49.98
C HIS D 62 -3.32 3.27 -50.98
N THR D 63 -4.29 3.61 -51.82
CA THR D 63 -4.88 2.65 -52.75
C THR D 63 -5.34 3.32 -54.03
N VAL D 64 -5.22 2.62 -55.15
CA VAL D 64 -5.81 3.08 -56.43
C VAL D 64 -6.92 2.15 -56.93
N SER D 65 -7.99 2.74 -57.45
CA SER D 65 -9.09 1.98 -58.03
C SER D 65 -8.79 1.58 -59.43
N LEU D 66 -8.91 0.29 -59.68
CA LEU D 66 -8.81 -0.25 -61.03
C LEU D 66 -10.21 -0.63 -61.54
N GLY D 67 -11.18 0.21 -61.21
CA GLY D 67 -12.54 0.07 -61.74
C GLY D 67 -13.57 -0.46 -60.75
N VAL D 68 -14.82 -0.07 -60.96
CA VAL D 68 -15.97 -0.56 -60.19
C VAL D 68 -16.99 -1.22 -61.12
N GLY D 69 -17.46 -2.40 -60.71
CA GLY D 69 -18.47 -3.16 -61.46
C GLY D 69 -19.63 -3.65 -60.60
N THR D 70 -20.52 -4.43 -61.22
CA THR D 70 -21.65 -5.07 -60.51
C THR D 70 -21.25 -6.40 -59.88
N ASP D 71 -22.10 -6.87 -58.96
CA ASP D 71 -21.79 -8.07 -58.15
C ASP D 71 -22.11 -9.42 -58.79
N GLU D 72 -22.63 -9.41 -60.02
CA GLU D 72 -23.22 -10.62 -60.64
C GLU D 72 -22.29 -11.85 -60.66
N ASN D 73 -21.00 -11.59 -60.93
CA ASN D 73 -19.99 -12.66 -61.01
C ASN D 73 -19.67 -13.34 -59.69
N TYR D 74 -20.10 -12.73 -58.61
CA TYR D 74 -19.81 -13.19 -57.24
C TYR D 74 -21.09 -13.31 -56.44
N PRO D 75 -21.95 -14.26 -56.81
CA PRO D 75 -23.32 -14.20 -56.35
C PRO D 75 -23.41 -14.37 -54.83
N LEU D 76 -24.24 -13.56 -54.20
CA LEU D 76 -24.32 -13.54 -52.74
C LEU D 76 -24.78 -14.81 -52.09
N GLY D 77 -25.68 -15.53 -52.74
CA GLY D 77 -26.19 -16.76 -52.15
C GLY D 77 -27.01 -16.52 -50.90
N TPO D 78 -27.32 -17.61 -50.22
CA TPO D 78 -28.05 -17.59 -48.97
CB TPO D 78 -29.06 -18.71 -49.07
CG2 TPO D 78 -30.09 -18.61 -47.95
OG1 TPO D 78 -29.64 -18.56 -50.35
P TPO D 78 -30.04 -19.72 -51.41
O1P TPO D 78 -31.40 -20.24 -50.99
O2P TPO D 78 -29.10 -20.91 -51.47
O3P TPO D 78 -30.18 -18.84 -52.67
C TPO D 78 -27.19 -17.76 -47.75
O TPO D 78 -26.77 -18.88 -47.44
N THR D 79 -27.01 -16.67 -47.00
CA THR D 79 -26.13 -16.66 -45.84
C THR D 79 -26.99 -16.72 -44.63
N THR D 80 -26.74 -17.71 -43.76
CA THR D 80 -27.24 -17.65 -42.38
C THR D 80 -26.14 -17.04 -41.51
N LYS D 81 -26.57 -16.18 -40.59
CA LYS D 81 -25.73 -15.57 -39.54
C LYS D 81 -24.58 -14.78 -40.14
N LEU D 82 -24.92 -13.91 -41.07
CA LEU D 82 -23.89 -13.14 -41.77
C LEU D 82 -24.43 -11.93 -42.45
N PHE D 83 -23.91 -10.81 -42.01
CA PHE D 83 -24.51 -9.54 -42.34
C PHE D 83 -24.08 -9.01 -43.72
N PRO D 84 -24.97 -8.33 -44.46
CA PRO D 84 -26.35 -8.11 -44.07
C PRO D 84 -27.29 -9.19 -44.58
N PRO D 85 -28.50 -9.28 -43.97
CA PRO D 85 -29.55 -10.14 -44.49
C PRO D 85 -30.06 -9.65 -45.83
N ILE D 86 -30.74 -10.54 -46.54
CA ILE D 86 -31.14 -10.29 -47.94
C ILE D 86 -32.23 -9.23 -48.03
N GLU D 87 -33.16 -9.28 -47.09
CA GLU D 87 -34.22 -8.24 -47.00
C GLU D 87 -33.64 -6.83 -46.86
N MET D 88 -32.47 -6.75 -46.22
CA MET D 88 -31.71 -5.48 -46.08
C MET D 88 -30.96 -5.04 -47.34
N ILE D 89 -30.91 -5.92 -48.34
CA ILE D 89 -30.18 -5.66 -49.59
C ILE D 89 -31.10 -5.19 -50.69
N SER D 90 -30.58 -4.25 -51.48
CA SER D 90 -31.27 -3.78 -52.66
C SER D 90 -30.83 -4.59 -53.86
N PRO D 91 -31.80 -5.21 -54.58
CA PRO D 91 -31.49 -5.98 -55.79
C PRO D 91 -31.07 -5.10 -56.95
N ILE D 92 -31.62 -3.89 -57.00
CA ILE D 92 -31.17 -2.89 -57.97
C ILE D 92 -29.95 -2.14 -57.43
N SER D 93 -29.01 -1.86 -58.32
CA SER D 93 -27.73 -1.20 -57.97
C SER D 93 -27.44 0.03 -58.79
N LYS D 94 -28.27 0.30 -59.76
CA LYS D 94 -27.78 1.21 -60.75
C LYS D 94 -27.68 2.69 -60.34
N ASN D 95 -28.38 3.10 -59.29
CA ASN D 95 -28.12 4.41 -58.65
C ASN D 95 -27.18 4.27 -57.46
N ASN D 96 -25.97 4.79 -57.63
CA ASN D 96 -24.91 4.72 -56.61
C ASN D 96 -23.76 5.67 -56.86
N GLU D 97 -23.01 5.95 -55.80
CA GLU D 97 -21.87 6.90 -55.86
C GLU D 97 -20.57 6.26 -56.31
N ALA D 98 -20.42 4.99 -55.95
CA ALA D 98 -19.15 4.28 -56.10
C ALA D 98 -18.61 4.28 -57.53
N MET D 99 -19.50 4.08 -58.49
CA MET D 99 -19.12 4.02 -59.92
C MET D 99 -18.31 5.23 -60.34
N THR D 100 -18.81 6.40 -59.97
CA THR D 100 -18.19 7.68 -60.33
C THR D 100 -17.06 8.07 -59.37
N GLN D 101 -17.29 7.92 -58.08
CA GLN D 101 -16.31 8.37 -57.06
C GLN D 101 -15.09 7.45 -56.94
N LEU D 102 -15.31 6.18 -57.22
CA LEU D 102 -14.23 5.19 -57.23
C LEU D 102 -13.91 4.71 -58.65
N LYS D 103 -14.22 5.58 -59.60
CA LYS D 103 -13.98 5.32 -61.02
C LYS D 103 -12.51 4.93 -61.26
N ASN D 104 -12.29 4.22 -62.36
CA ASN D 104 -10.95 3.74 -62.70
C ASN D 104 -9.91 4.86 -62.61
N GLY D 105 -8.80 4.55 -61.97
CA GLY D 105 -7.67 5.49 -61.80
C GLY D 105 -7.64 6.24 -60.47
N THR D 106 -8.78 6.34 -59.83
CA THR D 106 -8.96 7.14 -58.59
C THR D 106 -8.07 6.71 -57.41
N LYS D 107 -7.41 7.67 -56.80
CA LYS D 107 -6.62 7.42 -55.58
C LYS D 107 -7.51 7.53 -54.37
N PHE D 108 -7.31 6.63 -53.42
CA PHE D 108 -8.07 6.65 -52.17
C PHE D 108 -7.42 5.94 -50.99
N VAL D 109 -8.09 6.03 -49.84
CA VAL D 109 -7.61 5.46 -48.60
C VAL D 109 -8.35 4.18 -48.28
N LEU D 110 -7.57 3.22 -47.80
CA LEU D 110 -8.06 1.95 -47.29
C LEU D 110 -7.68 1.81 -45.84
N LYS D 111 -8.68 1.63 -44.98
CA LYS D 111 -8.46 1.52 -43.54
C LYS D 111 -8.62 0.08 -43.07
N LEU D 112 -7.80 -0.30 -42.10
CA LEU D 112 -7.81 -1.65 -41.53
C LEU D 112 -7.79 -1.65 -40.00
N TYR D 113 -8.80 -2.28 -39.40
CA TYR D 113 -8.89 -2.40 -37.94
C TYR D 113 -8.26 -3.74 -37.49
N LYS D 114 -7.36 -3.72 -36.50
CA LYS D 114 -6.48 -4.91 -36.23
C LYS D 114 -6.92 -5.96 -35.15
N LYS D 115 -7.13 -5.54 -33.91
CA LYS D 115 -7.58 -6.47 -32.85
C LYS D 115 -8.62 -5.80 -32.01
N GLU D 118 -9.79 -9.45 -32.99
CA GLU D 118 -10.76 -8.44 -32.58
C GLU D 118 -11.77 -8.96 -31.55
N GLN D 119 -11.75 -8.36 -30.35
CA GLN D 119 -12.56 -8.79 -29.20
C GLN D 119 -14.00 -8.24 -29.28
N GLN D 120 -14.13 -6.91 -29.25
CA GLN D 120 -15.39 -6.19 -29.43
C GLN D 120 -15.66 -5.97 -30.92
N ALA D 121 -14.60 -5.94 -31.74
CA ALA D 121 -14.70 -5.65 -33.18
C ALA D 121 -15.20 -6.84 -34.02
N SER D 122 -16.19 -6.53 -34.85
CA SER D 122 -16.99 -7.51 -35.55
C SER D 122 -17.58 -7.02 -36.90
N ARG D 123 -18.20 -7.95 -37.64
CA ARG D 123 -18.73 -7.63 -38.99
C ARG D 123 -19.83 -6.58 -38.93
N GLU D 124 -20.81 -6.85 -38.08
CA GLU D 124 -21.98 -5.97 -37.91
C GLU D 124 -21.58 -4.50 -37.73
N LEU D 125 -20.58 -4.30 -36.87
CA LEU D 125 -20.11 -2.98 -36.47
C LEU D 125 -19.37 -2.27 -37.60
N TYR D 126 -18.60 -3.01 -38.37
CA TYR D 126 -18.00 -2.48 -39.62
C TYR D 126 -19.03 -1.79 -40.52
N PHE D 127 -20.12 -2.50 -40.76
CA PHE D 127 -21.24 -2.02 -41.58
C PHE D 127 -21.97 -0.84 -40.92
N GLU D 128 -22.08 -0.87 -39.60
CA GLU D 128 -22.73 0.22 -38.83
C GLU D 128 -21.98 1.53 -39.04
N PHD D 129 -20.66 1.46 -39.09
CA PHD D 129 -19.79 2.66 -39.28
C PHD D 129 -20.17 3.33 -40.57
O PHD D 129 -20.42 4.54 -40.61
CB PHD D 129 -18.30 2.37 -39.40
CG PHD D 129 -17.57 3.24 -38.42
OD1 PHD D 129 -16.85 4.46 -38.83
OD2 PHD D 129 -17.63 2.93 -37.24
P PHD D 129 -16.10 5.43 -37.77
OP1 PHD D 129 -17.08 5.84 -36.68
OP2 PHD D 129 -15.71 6.61 -38.61
OP3 PHD D 129 -14.92 4.54 -37.37
N VAL D 130 -20.22 2.54 -41.62
CA VAL D 130 -20.57 3.02 -42.95
C VAL D 130 -22.02 3.52 -43.01
N LYS D 131 -22.92 2.78 -42.38
CA LYS D 131 -24.31 3.23 -42.24
C LYS D 131 -24.34 4.61 -41.61
N MET D 132 -23.67 4.70 -40.47
CA MET D 132 -23.56 5.95 -39.72
C MET D 132 -23.07 7.09 -40.63
N GLN D 133 -22.00 6.82 -41.35
CA GLN D 133 -21.37 7.81 -42.22
C GLN D 133 -22.39 8.39 -43.19
N MET D 134 -23.18 7.49 -43.77
CA MET D 134 -24.19 7.85 -44.78
C MET D 134 -25.31 8.68 -44.19
N VAL D 135 -25.74 8.29 -43.00
CA VAL D 135 -26.77 9.05 -42.29
C VAL D 135 -26.31 10.48 -42.01
N CYS D 136 -25.07 10.60 -41.56
CA CYS D 136 -24.48 11.91 -41.29
C CYS D 136 -24.40 12.73 -42.58
N ARG D 137 -23.86 12.09 -43.61
CA ARG D 137 -23.80 12.68 -44.96
C ARG D 137 -25.16 13.24 -45.40
N ASP D 138 -26.20 12.47 -45.11
CA ASP D 138 -27.57 12.86 -45.45
C ASP D 138 -27.99 14.14 -44.73
N TRP D 139 -27.86 14.12 -43.41
CA TRP D 139 -28.10 15.32 -42.58
C TRP D 139 -27.24 16.49 -43.02
N GLY D 140 -26.06 16.17 -43.51
CA GLY D 140 -25.18 17.16 -44.12
C GLY D 140 -25.89 17.92 -45.22
N ASN D 141 -26.55 17.16 -46.10
CA ASN D 141 -27.35 17.76 -47.19
C ASN D 141 -28.60 18.49 -46.69
N LYS D 142 -29.25 17.94 -45.67
CA LYS D 142 -30.39 18.60 -45.01
C LYS D 142 -30.00 19.97 -44.45
N PHE D 143 -28.82 20.03 -43.86
CA PHE D 143 -28.23 21.28 -43.30
C PHE D 143 -27.99 22.32 -44.40
N ASN D 144 -27.42 21.86 -45.49
CA ASN D 144 -27.10 22.72 -46.64
C ASN D 144 -28.33 23.26 -47.38
N GLN D 145 -29.45 22.53 -47.27
CA GLN D 145 -30.74 22.94 -47.84
C GLN D 145 -31.19 24.28 -47.26
N LYS D 146 -30.91 24.46 -45.98
CA LYS D 146 -31.21 25.73 -45.28
C LYS D 146 -30.27 26.88 -45.64
N LYS D 147 -29.47 26.69 -46.69
CA LYS D 147 -28.61 27.74 -47.25
C LYS D 147 -27.81 28.56 -46.22
N PRO D 148 -26.93 27.87 -45.46
CA PRO D 148 -26.03 28.51 -44.51
C PRO D 148 -24.82 29.15 -45.18
N PRO D 149 -24.09 30.01 -44.45
CA PRO D 149 -22.94 30.74 -45.01
C PRO D 149 -21.88 29.81 -45.51
N LYS D 150 -21.62 28.78 -44.71
CA LYS D 150 -20.70 27.71 -45.07
C LYS D 150 -21.43 26.38 -45.18
N LYS D 151 -21.35 25.82 -46.38
CA LYS D 151 -21.93 24.52 -46.67
C LYS D 151 -21.03 23.40 -46.22
N ILE D 152 -21.64 22.22 -46.10
CA ILE D 152 -21.03 21.05 -45.47
C ILE D 152 -21.07 19.82 -46.34
N GLU D 153 -20.04 18.99 -46.22
CA GLU D 153 -20.04 17.68 -46.88
C GLU D 153 -19.33 16.61 -46.04
N PHE D 154 -20.03 15.50 -45.84
CA PHE D 154 -19.40 14.31 -45.27
C PHE D 154 -18.91 13.41 -46.37
N LEU D 155 -17.75 12.83 -46.14
CA LEU D 155 -17.17 11.91 -47.08
C LEU D 155 -18.00 10.64 -47.22
N MET D 156 -18.08 10.19 -48.45
CA MET D 156 -18.53 8.85 -48.75
C MET D 156 -17.61 7.86 -48.06
N SER D 157 -18.20 6.82 -47.51
CA SER D 157 -17.42 5.64 -47.07
C SER D 157 -18.07 4.35 -47.54
N TRP D 158 -17.26 3.31 -47.55
CA TRP D 158 -17.71 1.99 -47.99
C TRP D 158 -17.07 0.85 -47.22
N VAL D 159 -17.81 -0.25 -47.10
CA VAL D 159 -17.24 -1.55 -46.68
C VAL D 159 -16.71 -2.32 -47.89
N VAL D 160 -15.55 -2.94 -47.72
CA VAL D 160 -14.99 -3.82 -48.77
C VAL D 160 -14.52 -5.16 -48.25
N GLU D 161 -14.95 -6.19 -48.95
CA GLU D 161 -14.55 -7.57 -48.68
C GLU D 161 -13.39 -7.93 -49.61
N LEU D 162 -12.25 -8.21 -49.01
CA LEU D 162 -11.05 -8.61 -49.78
C LEU D 162 -11.05 -10.11 -50.04
N ILE D 163 -11.59 -10.48 -51.19
CA ILE D 163 -11.84 -11.89 -51.50
C ILE D 163 -10.57 -12.64 -51.88
N ASP D 164 -9.73 -11.99 -52.66
CA ASP D 164 -8.50 -12.61 -53.17
C ASP D 164 -7.50 -12.90 -52.06
N ARG D 165 -7.73 -12.31 -50.89
CA ARG D 165 -6.97 -12.65 -49.68
C ARG D 165 -7.60 -13.82 -48.90
N SER D 166 -6.73 -14.68 -48.37
CA SER D 166 -7.21 -15.84 -47.58
C SER D 166 -7.90 -15.34 -46.32
N PRO D 167 -9.03 -15.96 -45.94
CA PRO D 167 -9.86 -15.42 -44.87
C PRO D 167 -9.20 -15.40 -43.50
N SER D 168 -9.89 -14.73 -42.59
CA SER D 168 -9.44 -14.57 -41.20
C SER D 168 -9.30 -15.92 -40.49
N SER D 169 -8.86 -15.87 -39.23
CA SER D 169 -8.76 -17.05 -38.37
C SER D 169 -10.11 -17.79 -38.26
N ASN D 170 -11.18 -17.00 -38.10
CA ASN D 170 -12.56 -17.47 -38.28
C ASN D 170 -12.91 -17.60 -39.77
N GLY D 171 -14.06 -18.17 -40.07
CA GLY D 171 -14.45 -18.41 -41.48
C GLY D 171 -14.55 -17.14 -42.31
N GLN D 172 -14.72 -16.01 -41.60
CA GLN D 172 -15.07 -14.72 -42.19
C GLN D 172 -13.98 -14.18 -43.11
N PRO D 173 -14.36 -13.68 -44.31
CA PRO D 173 -13.32 -13.09 -45.13
C PRO D 173 -12.81 -11.80 -44.54
N ILE D 174 -11.76 -11.29 -45.14
CA ILE D 174 -11.12 -10.11 -44.61
C ILE D 174 -11.89 -8.86 -44.97
N LEU D 175 -12.25 -8.12 -43.92
CA LEU D 175 -12.99 -6.87 -44.06
C LEU D 175 -12.11 -5.65 -43.86
N CYS D 176 -12.44 -4.63 -44.62
CA CYS D 176 -11.77 -3.35 -44.52
C CYS D 176 -12.72 -2.23 -44.91
N SER D 177 -12.53 -1.06 -44.30
CA SER D 177 -13.31 0.13 -44.68
C SER D 177 -12.53 1.02 -45.64
N ILE D 178 -13.26 1.76 -46.46
CA ILE D 178 -12.71 2.61 -47.53
C ILE D 178 -13.36 3.98 -47.69
N GLU D 179 -12.52 5.01 -47.79
CA GLU D 179 -13.02 6.37 -48.11
C GLU D 179 -12.12 7.11 -49.07
N PRO D 180 -12.64 8.19 -49.70
CA PRO D 180 -11.80 9.00 -50.56
C PRO D 180 -10.65 9.65 -49.81
N LEU D 181 -9.64 10.03 -50.56
CA LEU D 181 -8.49 10.71 -50.00
C LEU D 181 -8.95 12.06 -49.48
N LEU D 182 -8.46 12.39 -48.29
CA LEU D 182 -8.76 13.65 -47.61
C LEU D 182 -7.50 14.49 -47.45
N VAL D 183 -7.30 15.42 -48.37
CA VAL D 183 -6.05 16.19 -48.41
C VAL D 183 -6.14 17.51 -47.64
N GLY D 184 -5.13 17.74 -46.81
CA GLY D 184 -4.98 19.01 -46.09
C GLY D 184 -4.78 18.91 -44.60
N GLU D 185 -4.96 20.04 -43.91
CA GLU D 185 -4.78 20.10 -42.46
C GLU D 185 -6.04 19.61 -41.71
N PHE D 186 -5.92 18.42 -41.14
CA PHE D 186 -7.04 17.78 -40.42
C PHE D 186 -7.29 18.49 -39.09
N LYS D 187 -8.55 18.84 -38.84
CA LYS D 187 -8.92 19.49 -37.57
C LYS D 187 -10.17 18.90 -36.92
N LYS D 188 -10.06 18.62 -35.62
CA LYS D 188 -11.22 18.22 -34.80
C LYS D 188 -11.89 19.46 -34.27
N ASN D 189 -13.18 19.58 -34.50
CA ASN D 189 -13.98 20.75 -34.09
C ASN D 189 -14.78 20.51 -32.82
N ASN D 190 -15.45 19.37 -32.76
CA ASN D 190 -15.94 18.86 -31.47
C ASN D 190 -15.67 17.37 -31.32
N SER D 191 -15.88 16.87 -30.11
CA SER D 191 -15.68 15.45 -29.81
C SER D 191 -16.99 14.71 -29.59
N ASN D 192 -16.86 13.41 -29.43
CA ASN D 192 -18.02 12.55 -29.13
C ASN D 192 -18.50 12.65 -27.68
N TYR D 193 -17.71 13.29 -26.82
CA TYR D 193 -18.09 13.47 -25.41
C TYR D 193 -18.07 14.92 -24.95
N GLY D 194 -18.48 15.82 -25.83
CA GLY D 194 -18.80 17.22 -25.45
C GLY D 194 -17.68 18.25 -25.49
N ALA D 195 -16.51 17.84 -25.94
CA ALA D 195 -15.41 18.77 -26.15
C ALA D 195 -15.76 19.77 -27.26
N VAL D 196 -15.23 20.98 -27.10
CA VAL D 196 -15.27 22.00 -28.15
C VAL D 196 -13.84 22.42 -28.41
N LEU D 197 -13.37 22.16 -29.61
CA LEU D 197 -11.94 22.23 -29.97
C LEU D 197 -11.52 23.29 -30.98
N THR D 198 -12.49 23.96 -31.60
CA THR D 198 -12.20 25.12 -32.45
C THR D 198 -13.22 26.21 -32.24
N ASN D 199 -12.76 27.44 -32.46
CA ASN D 199 -13.61 28.62 -32.30
C ASN D 199 -14.63 28.70 -33.44
N ARG D 200 -14.41 27.87 -34.47
CA ARG D 200 -15.34 27.79 -35.59
C ARG D 200 -16.74 27.51 -35.09
N SER D 201 -17.70 28.18 -35.72
CA SER D 201 -19.10 28.12 -35.30
C SER D 201 -19.97 27.16 -36.14
N THR D 202 -19.62 27.00 -37.42
CA THR D 202 -20.37 26.08 -38.32
C THR D 202 -20.54 24.65 -37.79
N PRO D 203 -19.45 23.95 -37.46
CA PRO D 203 -19.58 22.58 -36.95
C PRO D 203 -20.50 22.45 -35.75
N GLN D 204 -20.42 23.43 -34.86
CA GLN D 204 -21.23 23.44 -33.64
C GLN D 204 -22.70 23.60 -33.97
N ALA D 205 -22.98 24.54 -34.86
CA ALA D 205 -24.33 24.76 -35.35
C ALA D 205 -24.89 23.50 -36.00
N PHE D 206 -24.09 22.87 -36.84
CA PHE D 206 -24.52 21.65 -37.53
C PHE D 206 -24.97 20.57 -36.55
N SER D 207 -24.18 20.32 -35.52
CA SER D 207 -24.52 19.27 -34.55
C SER D 207 -25.81 19.66 -33.84
N HIS D 208 -25.88 20.91 -33.39
CA HIS D 208 -27.12 21.44 -32.77
C HIS D 208 -28.32 21.24 -33.69
N PHE D 209 -28.14 21.66 -34.94
CA PHE D 209 -29.15 21.50 -36.00
C PHE D 209 -29.69 20.07 -36.03
N THR D 210 -28.78 19.12 -36.09
CA THR D 210 -29.17 17.68 -36.14
C THR D 210 -29.99 17.25 -34.92
N TYR D 211 -29.67 17.83 -33.77
CA TYR D 211 -30.38 17.47 -32.51
C TYR D 211 -31.82 17.91 -32.55
N GLU D 212 -31.99 19.19 -32.87
CA GLU D 212 -33.30 19.81 -32.90
C GLU D 212 -34.20 19.24 -33.99
N LEU D 213 -33.74 19.28 -35.22
CA LEU D 213 -34.56 18.83 -36.34
C LEU D 213 -34.79 17.33 -36.42
N SER D 214 -34.05 16.58 -35.61
CA SER D 214 -34.32 15.13 -35.48
C SER D 214 -35.33 14.86 -34.37
N ASN D 215 -35.94 15.93 -33.87
CA ASN D 215 -36.84 15.88 -32.70
C ASN D 215 -36.18 15.22 -31.50
N LYS D 216 -34.96 15.70 -31.22
CA LYS D 216 -34.14 15.24 -30.09
C LYS D 216 -33.92 13.71 -30.06
N GLN D 217 -34.01 13.09 -31.24
CA GLN D 217 -33.84 11.62 -31.41
C GLN D 217 -32.40 11.20 -31.69
N MET D 218 -31.64 12.13 -32.26
CA MET D 218 -30.21 11.92 -32.54
C MET D 218 -29.40 13.21 -32.60
N ILE D 219 -28.10 13.08 -32.31
CA ILE D 219 -27.12 14.13 -32.68
C ILE D 219 -25.99 13.57 -33.51
N VAL D 220 -25.51 14.39 -34.45
CA VAL D 220 -24.22 14.15 -35.10
C VAL D 220 -23.14 14.99 -34.47
N VAL D 221 -22.27 14.31 -33.75
CA VAL D 221 -21.13 14.95 -33.11
C VAL D 221 -19.82 14.40 -33.66
N ASP D 222 -18.74 14.73 -32.97
CA ASP D 222 -17.38 14.29 -33.35
C ASP D 222 -17.12 14.79 -34.76
N ILE D 223 -17.37 16.07 -34.94
CA ILE D 223 -17.26 16.69 -36.24
C ILE D 223 -15.84 17.10 -36.49
N GLN D 224 -15.26 16.49 -37.49
CA GLN D 224 -13.85 16.65 -37.79
C GLN D 224 -13.56 16.47 -39.26
N GLY D 225 -12.38 16.94 -39.65
CA GLY D 225 -11.93 16.86 -41.03
C GLY D 225 -11.23 18.12 -41.50
N VAL D 226 -10.96 18.15 -42.80
CA VAL D 226 -10.29 19.28 -43.44
C VAL D 226 -11.32 20.31 -43.89
N ASP D 227 -11.24 21.48 -43.26
CA ASP D 227 -12.21 22.56 -43.46
C ASP D 227 -13.62 22.04 -43.20
N ASP D 228 -14.49 22.13 -44.20
CA ASP D 228 -15.89 21.64 -44.11
C ASP D 228 -16.13 20.34 -44.87
N LEU D 229 -15.05 19.67 -45.22
CA LEU D 229 -15.11 18.31 -45.71
C LEU D 229 -14.86 17.39 -44.53
N TYR D 230 -15.92 16.74 -44.08
CA TYR D 230 -15.90 15.98 -42.83
C TYR D 230 -15.86 14.47 -43.00
N THR D 231 -15.26 13.82 -42.02
CA THR D 231 -15.29 12.38 -41.92
C THR D 231 -15.26 11.94 -40.45
N ASP D 232 -15.31 10.64 -40.25
CA ASP D 232 -15.18 10.01 -38.93
C ASP D 232 -16.17 10.49 -37.87
N PRO D 233 -17.40 10.81 -38.29
CA PRO D 233 -18.30 11.31 -37.28
C PRO D 233 -18.84 10.24 -36.35
N GLN D 234 -19.55 10.71 -35.35
CA GLN D 234 -20.23 9.85 -34.39
C GLN D 234 -21.62 10.36 -34.08
N ILE D 235 -22.57 9.42 -34.06
CA ILE D 235 -23.95 9.72 -33.69
C ILE D 235 -24.28 9.23 -32.28
N HIS D 236 -24.92 10.10 -31.52
CA HIS D 236 -25.55 9.73 -30.26
C HIS D 236 -27.07 9.64 -30.46
N THR D 237 -27.67 8.70 -29.74
CA THR D 237 -29.14 8.56 -29.63
C THR D 237 -29.56 8.32 -28.18
N PRO D 238 -30.71 8.87 -27.74
CA PRO D 238 -31.08 8.81 -26.31
C PRO D 238 -31.09 7.42 -25.72
N ASP D 239 -31.72 6.49 -26.43
CA ASP D 239 -31.79 5.07 -26.00
C ASP D 239 -30.43 4.36 -26.03
N GLY D 240 -29.48 4.94 -26.76
CA GLY D 240 -28.09 4.46 -26.80
C GLY D 240 -27.85 3.33 -27.78
N LYS D 241 -28.94 2.92 -28.42
CA LYS D 241 -28.90 1.77 -29.32
C LYS D 241 -28.48 2.20 -30.71
N GLY D 242 -27.68 1.35 -31.32
CA GLY D 242 -27.20 1.56 -32.68
C GLY D 242 -25.96 2.41 -32.76
N PHE D 243 -25.44 2.50 -33.98
CA PHE D 243 -24.35 3.43 -34.34
C PHE D 243 -23.04 3.16 -33.61
N GLY D 244 -22.83 1.91 -33.31
CA GLY D 244 -21.57 1.44 -32.76
C GLY D 244 -21.26 1.79 -31.31
N LEU D 245 -20.08 1.35 -30.88
CA LEU D 245 -19.62 1.44 -29.48
C LEU D 245 -19.28 2.86 -29.07
N GLY D 246 -19.24 3.74 -30.05
CA GLY D 246 -18.99 5.16 -29.83
C GLY D 246 -20.24 5.95 -29.52
N ASN D 247 -21.40 5.28 -29.55
CA ASN D 247 -22.68 5.89 -29.17
C ASN D 247 -22.82 5.92 -27.66
N LEU D 248 -22.58 7.09 -27.07
CA LEU D 248 -22.64 7.29 -25.61
C LEU D 248 -24.01 7.74 -25.08
N GLY D 249 -25.02 7.62 -25.93
CA GLY D 249 -26.40 7.77 -25.49
C GLY D 249 -26.70 9.10 -24.82
N LYS D 250 -27.61 9.09 -23.84
CA LYS D 250 -28.09 10.33 -23.22
C LYS D 250 -26.94 11.12 -22.65
N ALA D 251 -25.97 10.38 -22.11
CA ALA D 251 -24.76 10.97 -21.52
C ALA D 251 -24.05 11.87 -22.52
N GLY D 252 -23.75 11.30 -23.67
CA GLY D 252 -23.07 12.01 -24.77
C GLY D 252 -23.85 13.23 -25.27
N ILE D 253 -25.16 13.08 -25.33
CA ILE D 253 -26.06 14.16 -25.75
C ILE D 253 -26.00 15.29 -24.73
N ASN D 254 -26.00 14.94 -23.46
CA ASN D 254 -25.91 15.93 -22.39
C ASN D 254 -24.63 16.71 -22.49
N LYS D 255 -23.52 15.98 -22.58
CA LYS D 255 -22.17 16.57 -22.67
C LYS D 255 -22.06 17.64 -23.76
N PHE D 256 -22.70 17.38 -24.90
CA PHE D 256 -22.74 18.36 -25.98
C PHE D 256 -23.52 19.59 -25.59
N ILE D 257 -24.66 19.35 -24.94
CA ILE D 257 -25.62 20.42 -24.58
C ILE D 257 -25.09 21.36 -23.50
N THR D 258 -24.53 20.76 -22.46
CA THR D 258 -23.93 21.49 -21.34
C THR D 258 -22.78 22.38 -21.76
N THR D 259 -22.06 22.03 -22.82
CA THR D 259 -20.95 22.87 -23.33
C THR D 259 -21.36 23.77 -24.48
N HIS D 260 -22.56 23.56 -25.02
CA HIS D 260 -23.00 24.26 -26.23
C HIS D 260 -23.45 25.71 -26.05
N LYS D 261 -22.75 26.57 -26.78
CA LYS D 261 -23.10 27.98 -26.86
C LYS D 261 -23.54 28.30 -28.28
N CYS D 262 -24.79 28.74 -28.42
CA CYS D 262 -25.32 29.06 -29.74
C CYS D 262 -24.62 30.26 -30.35
N ASN D 263 -24.53 30.22 -31.67
CA ASN D 263 -23.82 31.24 -32.45
C ASN D 263 -24.63 31.80 -33.62
N ALA D 264 -23.98 32.66 -34.40
CA ALA D 264 -24.60 33.33 -35.54
C ALA D 264 -25.35 32.38 -36.45
N VAL D 265 -24.71 31.25 -36.72
CA VAL D 265 -25.23 30.24 -37.64
C VAL D 265 -26.36 29.45 -36.98
N CYS D 266 -26.26 29.21 -35.68
CA CYS D 266 -27.41 28.65 -34.92
C CYS D 266 -28.62 29.54 -35.17
N ALA D 267 -28.40 30.84 -34.96
CA ALA D 267 -29.43 31.88 -35.09
C ALA D 267 -30.02 31.96 -36.50
N LEU D 268 -29.15 32.09 -37.51
CA LEU D 268 -29.55 32.12 -38.93
C LEU D 268 -30.51 31.00 -39.30
N LEU D 269 -30.22 29.81 -38.80
CA LEU D 269 -31.16 28.69 -38.88
C LEU D 269 -32.04 28.99 -37.69
N ASP D 270 -33.34 28.84 -37.79
CA ASP D 270 -34.15 29.33 -36.69
C ASP D 270 -34.00 28.43 -35.46
N LEU D 271 -32.77 28.22 -34.95
CA LEU D 271 -32.54 27.22 -33.89
C LEU D 271 -32.84 27.77 -32.51
N ASP D 272 -33.80 27.10 -31.87
CA ASP D 272 -34.20 27.43 -30.48
C ASP D 272 -32.99 27.34 -29.56
N VAL D 273 -32.77 28.41 -28.81
CA VAL D 273 -31.62 28.52 -27.89
C VAL D 273 -31.73 27.57 -26.70
N LYS D 274 -32.93 27.09 -26.47
CA LYS D 274 -33.16 26.07 -25.45
C LYS D 274 -32.99 24.69 -26.08
N LEU D 275 -32.39 23.77 -25.31
CA LEU D 275 -32.19 22.37 -25.74
C LEU D 275 -32.90 21.39 -24.82
N SER E 20 -1.67 42.26 3.22
CA SER E 20 -2.61 43.27 3.80
C SER E 20 -2.55 43.35 5.33
N GLU E 21 -2.56 42.18 5.96
CA GLU E 21 -2.77 42.07 7.41
C GLU E 21 -1.79 42.86 8.29
N THR E 22 -2.24 43.29 9.48
CA THR E 22 -1.41 44.11 10.39
C THR E 22 -0.22 43.36 11.02
N GLY E 23 0.96 43.79 10.58
CA GLY E 23 2.21 43.15 10.99
C GLY E 23 3.34 44.17 11.02
N GLU E 24 4.54 43.67 11.32
CA GLU E 24 5.79 44.48 11.29
C GLU E 24 6.43 44.35 9.93
N MET E 25 7.02 45.45 9.48
CA MET E 25 7.85 45.44 8.27
C MET E 25 9.33 45.21 8.60
N GLY E 26 10.00 44.61 7.64
CA GLY E 26 11.41 44.24 7.81
C GLY E 26 12.17 44.08 6.51
N ILE E 27 13.44 44.45 6.55
CA ILE E 27 14.34 44.23 5.41
C ILE E 27 15.06 42.91 5.57
N LEU E 28 14.93 42.10 4.54
CA LEU E 28 15.37 40.71 4.57
C LEU E 28 16.59 40.47 3.71
N TRP E 29 17.67 40.01 4.35
CA TRP E 29 18.92 39.71 3.66
C TRP E 29 19.17 38.21 3.53
N GLU E 30 19.48 37.80 2.31
CA GLU E 30 19.78 36.41 1.98
C GLU E 30 21.11 36.31 1.25
N PHE E 31 21.92 35.35 1.63
CA PHE E 31 23.25 35.17 1.02
C PHE E 31 23.27 34.08 -0.02
N ASP E 32 24.01 34.34 -1.09
CA ASP E 32 24.21 33.38 -2.19
C ASP E 32 25.68 32.96 -2.26
N PRO E 33 26.00 31.74 -1.82
CA PRO E 33 27.39 31.30 -1.70
C PRO E 33 28.00 30.91 -3.03
N ILE E 34 27.14 30.65 -4.01
CA ILE E 34 27.55 30.37 -5.38
C ILE E 34 28.22 31.59 -6.02
N ILE E 35 27.48 32.70 -6.02
CA ILE E 35 27.91 33.99 -6.57
C ILE E 35 28.79 34.82 -5.61
N ASN E 36 28.84 34.41 -4.34
CA ASN E 36 29.50 35.17 -3.26
C ASN E 36 28.94 36.59 -3.16
N LYS E 37 27.62 36.69 -3.16
CA LYS E 37 26.95 38.00 -3.06
C LYS E 37 25.66 37.94 -2.23
N TRP E 38 25.30 39.09 -1.68
CA TRP E 38 24.10 39.24 -0.86
C TRP E 38 22.90 39.66 -1.68
N ILE E 39 21.78 38.99 -1.44
CA ILE E 39 20.50 39.37 -2.01
C ILE E 39 19.68 40.19 -1.01
N ARG E 40 19.12 41.30 -1.47
CA ARG E 40 18.34 42.20 -0.58
C ARG E 40 16.86 42.18 -0.91
N LEU E 41 16.07 42.07 0.15
CA LEU E 41 14.63 41.84 0.04
C LEU E 41 13.87 42.54 1.14
N SER E 42 12.55 42.53 0.98
CA SER E 42 11.63 42.99 2.02
C SER E 42 10.72 41.86 2.45
N MET E 43 10.24 41.97 3.68
CA MET E 43 9.24 41.05 4.20
C MET E 43 8.38 41.70 5.27
N LYS E 44 7.14 41.19 5.36
CA LYS E 44 6.21 41.58 6.42
C LYS E 44 6.05 40.39 7.36
N LEU E 45 6.11 40.67 8.65
CA LEU E 45 6.07 39.59 9.64
C LEU E 45 5.35 39.96 10.93
N LYS E 46 4.68 38.95 11.49
CA LYS E 46 4.02 39.06 12.80
C LYS E 46 4.77 38.25 13.84
N VAL E 47 5.29 38.95 14.84
CA VAL E 47 6.06 38.34 15.90
C VAL E 47 5.28 38.27 17.23
N GLU E 48 5.44 37.16 17.93
CA GLU E 48 4.80 36.94 19.22
C GLU E 48 5.51 37.73 20.31
N ARG E 49 4.72 38.31 21.21
CA ARG E 49 5.25 39.17 22.28
C ARG E 49 6.23 38.40 23.19
N LYS E 50 5.89 37.15 23.46
CA LYS E 50 6.67 36.31 24.37
C LYS E 50 7.52 35.25 23.66
N PRO E 51 8.79 35.09 24.10
CA PRO E 51 9.64 34.07 23.53
C PRO E 51 9.35 32.67 24.09
N PHE E 52 9.48 31.67 23.22
CA PHE E 52 9.27 30.26 23.60
C PHE E 52 10.57 29.57 23.98
N ALA E 53 11.67 30.32 23.97
CA ALA E 53 12.97 29.78 24.32
C ALA E 53 13.89 30.86 24.85
N GLU E 54 14.85 30.45 25.65
CA GLU E 54 15.82 31.37 26.20
C GLU E 54 17.17 30.74 26.33
N GLY E 55 18.18 31.58 26.39
CA GLY E 55 19.52 31.19 26.78
C GLY E 55 20.14 32.34 27.56
N ALA E 56 21.39 32.16 27.96
CA ALA E 56 22.18 33.27 28.49
C ALA E 56 22.52 34.22 27.34
N LEU E 57 22.62 33.64 26.14
CA LEU E 57 23.05 34.33 24.92
C LEU E 57 21.89 34.88 24.10
N ARG E 58 20.88 34.06 23.86
CA ARG E 58 19.77 34.44 22.97
C ARG E 58 18.39 33.97 23.40
N GLU E 59 17.38 34.62 22.80
CA GLU E 59 15.97 34.30 22.97
C GLU E 59 15.35 34.01 21.61
N ALA E 60 14.41 33.07 21.58
CA ALA E 60 13.76 32.69 20.34
C ALA E 60 12.26 32.98 20.37
N TYR E 61 11.77 33.56 19.29
CA TYR E 61 10.38 33.99 19.17
C TYR E 61 9.69 33.31 18.02
N HIS E 62 8.49 32.80 18.28
CA HIS E 62 7.67 32.25 17.19
C HIS E 62 7.23 33.42 16.34
N THR E 63 7.19 33.18 15.03
CA THR E 63 6.86 34.23 14.09
C THR E 63 6.12 33.65 12.88
N VAL E 64 5.20 34.44 12.34
CA VAL E 64 4.53 34.09 11.07
C VAL E 64 4.87 35.09 9.96
N SER E 65 5.11 34.57 8.77
CA SER E 65 5.37 35.41 7.60
C SER E 65 4.10 35.89 7.00
N LEU E 66 4.03 37.21 6.83
CA LEU E 66 2.94 37.84 6.09
C LEU E 66 3.41 38.30 4.73
N GLY E 67 4.24 37.47 4.12
CA GLY E 67 4.70 37.69 2.75
C GLY E 67 6.12 38.19 2.60
N VAL E 68 6.71 37.84 1.47
CA VAL E 68 8.05 38.29 1.08
C VAL E 68 7.98 39.03 -0.24
N GLY E 69 8.61 40.19 -0.27
CA GLY E 69 8.67 41.02 -1.47
C GLY E 69 10.08 41.48 -1.81
N THR E 70 10.17 42.31 -2.85
CA THR E 70 11.44 42.96 -3.25
C THR E 70 11.72 44.24 -2.45
N ASP E 71 12.97 44.68 -2.51
CA ASP E 71 13.45 45.81 -1.69
C ASP E 71 13.16 47.21 -2.24
N GLU E 72 12.47 47.29 -3.38
CA GLU E 72 12.26 48.56 -4.13
C GLU E 72 11.69 49.71 -3.29
N ASN E 73 10.74 49.39 -2.43
CA ASN E 73 10.10 50.38 -1.56
C ASN E 73 11.01 51.00 -0.51
N TYR E 74 12.17 50.37 -0.30
CA TYR E 74 13.12 50.78 0.73
C TYR E 74 14.51 50.88 0.17
N PRO E 75 14.73 51.83 -0.75
CA PRO E 75 15.92 51.83 -1.58
C PRO E 75 17.20 52.26 -0.90
N LEU E 76 18.27 52.08 -1.66
CA LEU E 76 19.67 52.21 -1.20
C LEU E 76 20.62 53.37 -1.57
N GLY E 77 20.40 54.12 -2.66
CA GLY E 77 21.36 55.15 -3.03
C GLY E 77 22.70 54.57 -3.43
N TPO E 78 23.63 55.46 -3.65
CA TPO E 78 24.83 55.08 -4.40
CB TPO E 78 25.59 56.27 -4.96
CG2 TPO E 78 25.85 56.06 -6.42
OG1 TPO E 78 24.85 57.44 -4.67
P TPO E 78 24.17 58.44 -5.73
O1P TPO E 78 23.14 57.64 -6.47
O2P TPO E 78 23.65 59.39 -4.70
O3P TPO E 78 25.30 58.96 -6.55
C TPO E 78 25.86 54.44 -3.57
O TPO E 78 26.77 53.82 -4.07
N THR E 79 25.75 54.71 -2.29
CA THR E 79 26.68 54.22 -1.30
C THR E 79 25.96 53.74 -0.04
N THR E 80 26.38 52.60 0.50
CA THR E 80 25.75 52.05 1.71
C THR E 80 26.57 52.45 2.93
N LYS E 81 25.86 52.91 3.96
CA LYS E 81 26.51 53.44 5.15
C LYS E 81 27.10 52.29 5.98
N LEU E 82 26.30 51.25 6.16
CA LEU E 82 26.61 50.11 7.00
C LEU E 82 26.94 48.88 6.11
N PHE E 83 27.25 47.74 6.71
CA PHE E 83 27.50 46.50 5.94
C PHE E 83 26.17 45.95 5.41
N PRO E 84 26.13 45.34 4.23
CA PRO E 84 27.27 45.21 3.34
C PRO E 84 27.44 46.35 2.34
N PRO E 85 28.66 46.48 1.78
CA PRO E 85 28.86 47.41 0.68
C PRO E 85 28.11 47.00 -0.57
N ILE E 86 27.96 47.95 -1.48
CA ILE E 86 27.11 47.76 -2.67
C ILE E 86 27.72 46.75 -3.67
N GLU E 87 29.03 46.81 -3.85
CA GLU E 87 29.74 45.82 -4.68
C GLU E 87 29.48 44.39 -4.21
N MET E 88 29.27 44.22 -2.91
CA MET E 88 28.92 42.91 -2.28
C MET E 88 27.47 42.49 -2.46
N ILE E 89 26.66 43.41 -2.98
CA ILE E 89 25.24 43.18 -3.19
C ILE E 89 24.90 42.80 -4.63
N SER E 90 23.97 41.87 -4.77
CA SER E 90 23.46 41.46 -6.08
C SER E 90 22.27 42.32 -6.42
N PRO E 91 22.31 43.01 -7.58
CA PRO E 91 21.20 43.86 -8.02
C PRO E 91 20.00 43.02 -8.45
N ILE E 92 20.27 41.84 -9.01
CA ILE E 92 19.19 40.88 -9.30
C ILE E 92 18.86 40.10 -8.04
N SER E 93 17.57 39.84 -7.86
CA SER E 93 17.03 39.11 -6.71
C SER E 93 16.15 37.91 -7.09
N LYS E 94 15.93 37.72 -8.39
CA LYS E 94 14.96 36.75 -8.98
C LYS E 94 15.05 35.35 -8.41
N ASN E 95 16.28 34.89 -8.30
CA ASN E 95 16.57 33.56 -7.77
C ASN E 95 16.95 33.61 -6.31
N ASN E 96 16.06 33.07 -5.47
CA ASN E 96 16.24 33.04 -4.03
C ASN E 96 15.31 32.07 -3.35
N GLU E 97 15.67 31.72 -2.12
CA GLU E 97 14.91 30.73 -1.33
C GLU E 97 13.78 31.36 -0.52
N ALA E 98 14.00 32.59 -0.11
CA ALA E 98 13.09 33.30 0.82
C ALA E 98 11.64 33.38 0.35
N MET E 99 11.46 33.68 -0.94
CA MET E 99 10.11 33.82 -1.55
C MET E 99 9.23 32.61 -1.25
N THR E 100 9.79 31.42 -1.49
CA THR E 100 9.09 30.14 -1.30
C THR E 100 9.10 29.67 0.15
N GLN E 101 10.26 29.72 0.79
CA GLN E 101 10.44 29.18 2.17
C GLN E 101 9.80 30.04 3.24
N LEU E 102 9.75 31.34 2.98
CA LEU E 102 9.10 32.29 3.89
C LEU E 102 7.81 32.86 3.28
N LYS E 103 7.24 32.08 2.37
CA LYS E 103 5.98 32.43 1.69
C LYS E 103 4.90 32.82 2.71
N ASN E 104 3.93 33.61 2.26
CA ASN E 104 2.84 34.07 3.11
C ASN E 104 2.21 32.89 3.89
N GLY E 105 2.03 33.12 5.19
CA GLY E 105 1.42 32.12 6.09
C GLY E 105 2.40 31.25 6.87
N THR E 106 3.62 31.17 6.38
CA THR E 106 4.66 30.29 6.96
C THR E 106 5.03 30.62 8.42
N LYS E 107 5.07 29.59 9.25
CA LYS E 107 5.54 29.72 10.64
C LYS E 107 7.05 29.54 10.68
N PHE E 108 7.70 30.35 11.50
CA PHE E 108 9.15 30.25 11.66
C PHE E 108 9.69 30.85 12.95
N VAL E 109 10.99 30.69 13.13
CA VAL E 109 11.68 31.18 14.31
C VAL E 109 12.44 32.47 14.04
N LEU E 110 12.36 33.36 15.02
CA LEU E 110 13.09 34.62 15.05
C LEU E 110 14.00 34.62 16.28
N LYS E 111 15.29 34.78 16.04
CA LYS E 111 16.28 34.79 17.12
C LYS E 111 16.77 36.21 17.41
N LEU E 112 16.99 36.49 18.69
CA LEU E 112 17.53 37.80 19.16
C LEU E 112 18.72 37.61 20.10
N TYR E 113 19.84 38.22 19.73
CA TYR E 113 21.04 38.15 20.54
C TYR E 113 21.09 39.22 21.61
N LYS E 114 21.44 38.74 22.79
CA LYS E 114 21.77 39.55 23.95
C LYS E 114 23.30 39.64 23.75
N LYS E 115 24.00 40.64 24.29
CA LYS E 115 25.49 40.72 24.05
C LYS E 115 26.11 39.30 23.97
N ALA E 121 28.06 40.95 19.26
CA ALA E 121 26.94 41.42 18.44
C ALA E 121 27.21 42.82 17.83
N SER E 122 28.03 42.73 16.79
CA SER E 122 28.28 43.82 15.84
C SER E 122 27.59 43.39 14.54
N ARG E 123 27.40 44.33 13.64
CA ARG E 123 26.63 44.11 12.41
C ARG E 123 27.33 43.09 11.51
N GLU E 124 28.61 43.35 11.25
CA GLU E 124 29.44 42.49 10.37
C GLU E 124 29.32 41.01 10.73
N LEU E 125 29.38 40.75 12.03
CA LEU E 125 29.36 39.37 12.58
C LEU E 125 27.99 38.69 12.42
N TYR E 126 26.92 39.45 12.61
CA TYR E 126 25.56 38.96 12.32
C TYR E 126 25.46 38.37 10.92
N PHE E 127 25.98 39.12 9.96
CA PHE E 127 25.97 38.72 8.54
C PHE E 127 26.90 37.55 8.28
N GLU E 128 27.99 37.51 9.00
CA GLU E 128 28.91 36.39 8.89
C GLU E 128 28.27 35.05 9.30
N PHD E 129 27.44 35.08 10.34
CA PHD E 129 26.72 33.87 10.81
C PHD E 129 25.93 33.28 9.68
O PHD E 129 26.02 32.10 9.39
CB PHD E 129 25.70 34.13 11.93
CG PHD E 129 25.98 33.16 13.04
OD1 PHD E 129 25.15 31.96 13.27
OD2 PHD E 129 26.93 33.39 13.76
P PHD E 129 25.45 30.88 14.44
OP1 PHD E 129 24.50 29.73 14.18
OP2 PHD E 129 25.10 31.68 15.68
OP3 PHD E 129 26.91 30.45 14.34
N VAL E 130 25.17 34.15 9.04
CA VAL E 130 24.33 33.75 7.90
C VAL E 130 25.17 33.32 6.70
N LYS E 131 26.23 34.05 6.43
CA LYS E 131 27.20 33.64 5.40
C LYS E 131 27.66 32.21 5.70
N MET E 132 28.13 32.02 6.93
CA MET E 132 28.63 30.74 7.41
C MET E 132 27.60 29.64 7.14
N GLN E 133 26.38 29.92 7.55
CA GLN E 133 25.27 28.95 7.43
C GLN E 133 25.15 28.48 5.99
N MET E 134 25.21 29.44 5.07
CA MET E 134 25.04 29.18 3.62
C MET E 134 26.19 28.37 3.06
N VAL E 135 27.40 28.69 3.51
CA VAL E 135 28.59 27.93 3.11
C VAL E 135 28.47 26.47 3.55
N CYS E 136 28.05 26.27 4.79
CA CYS E 136 27.86 24.93 5.33
C CYS E 136 26.81 24.20 4.52
N ARG E 137 25.68 24.88 4.31
CA ARG E 137 24.57 24.36 3.48
C ARG E 137 25.07 23.88 2.14
N ASP E 138 25.97 24.65 1.57
CA ASP E 138 26.58 24.33 0.27
C ASP E 138 27.40 23.04 0.31
N TRP E 139 28.34 22.98 1.24
CA TRP E 139 29.10 21.74 1.52
C TRP E 139 28.19 20.57 1.83
N GLY E 140 27.07 20.88 2.46
CA GLY E 140 26.03 19.90 2.69
C GLY E 140 25.63 19.23 1.38
N ASN E 141 25.37 20.05 0.38
CA ASN E 141 25.00 19.54 -0.95
C ASN E 141 26.16 18.84 -1.66
N LYS E 142 27.37 19.35 -1.48
CA LYS E 142 28.61 18.70 -1.98
C LYS E 142 28.79 17.28 -1.42
N PHE E 143 28.49 17.12 -0.13
CA PHE E 143 28.51 15.83 0.58
C PHE E 143 27.50 14.85 -0.01
N ASN E 144 26.29 15.36 -0.23
CA ASN E 144 25.18 14.55 -0.76
C ASN E 144 25.39 14.10 -2.20
N GLN E 145 26.18 14.87 -2.94
CA GLN E 145 26.54 14.54 -4.34
C GLN E 145 27.25 13.20 -4.40
N LYS E 146 28.07 12.94 -3.40
CA LYS E 146 28.82 11.67 -3.25
C LYS E 146 27.90 10.49 -2.83
N LYS E 147 26.59 10.70 -2.88
CA LYS E 147 25.57 9.64 -2.65
C LYS E 147 25.84 8.74 -1.42
N PRO E 148 25.86 9.34 -0.22
CA PRO E 148 26.02 8.60 1.03
C PRO E 148 24.73 7.96 1.48
N PRO E 149 24.81 7.03 2.46
CA PRO E 149 23.63 6.29 2.94
C PRO E 149 22.58 7.20 3.52
N LYS E 150 23.06 8.17 4.29
CA LYS E 150 22.22 9.23 4.84
C LYS E 150 22.62 10.59 4.30
N LYS E 151 21.66 11.22 3.66
CA LYS E 151 21.83 12.56 3.10
C LYS E 151 21.65 13.64 4.17
N ILE E 152 22.16 14.81 3.86
CA ILE E 152 22.29 15.93 4.80
C ILE E 152 21.68 17.23 4.30
N GLU E 153 21.15 18.01 5.23
CA GLU E 153 20.67 19.35 4.90
C GLU E 153 20.89 20.33 6.03
N PHE E 154 21.48 21.46 5.69
CA PHE E 154 21.54 22.61 6.62
C PHE E 154 20.40 23.55 6.37
N LEU E 155 19.85 24.05 7.47
CA LEU E 155 18.76 25.01 7.38
C LEU E 155 19.19 26.32 6.76
N MET E 156 18.30 26.85 5.94
CA MET E 156 18.38 28.24 5.50
C MET E 156 18.37 29.12 6.73
N SER E 157 19.19 30.16 6.68
CA SER E 157 19.08 31.26 7.63
C SER E 157 19.14 32.61 6.92
N TRP E 158 18.66 33.63 7.63
CA TRP E 158 18.60 34.99 7.09
C TRP E 158 18.82 36.07 8.15
N VAL E 159 19.41 37.18 7.71
CA VAL E 159 19.47 38.41 8.53
C VAL E 159 18.22 39.24 8.24
N VAL E 160 17.65 39.80 9.30
CA VAL E 160 16.51 40.71 9.16
C VAL E 160 16.69 41.99 9.94
N GLU E 161 16.43 43.09 9.23
CA GLU E 161 16.43 44.45 9.80
C GLU E 161 15.01 44.84 10.18
N LEU E 162 14.78 45.04 11.46
CA LEU E 162 13.46 45.45 11.95
C LEU E 162 13.31 46.96 11.89
N ILE E 163 12.74 47.44 10.79
CA ILE E 163 12.71 48.88 10.50
C ILE E 163 11.66 49.62 11.31
N ASP E 164 10.49 49.01 11.43
CA ASP E 164 9.36 49.62 12.14
C ASP E 164 9.64 49.81 13.64
N ARG E 165 10.68 49.14 14.13
CA ARG E 165 11.17 49.34 15.50
C ARG E 165 12.19 50.47 15.57
N SER E 166 12.12 51.26 16.64
CA SER E 166 13.06 52.35 16.85
C SER E 166 14.47 51.79 16.99
N PRO E 167 15.47 52.45 16.38
CA PRO E 167 16.81 51.87 16.33
C PRO E 167 17.53 51.74 17.66
N SER E 168 18.67 51.05 17.60
CA SER E 168 19.53 50.81 18.76
C SER E 168 20.06 52.11 19.36
N SER E 169 20.83 51.97 20.44
CA SER E 169 21.49 53.13 21.10
C SER E 169 22.35 53.92 20.12
N ASN E 170 23.10 53.19 19.29
CA ASN E 170 23.77 53.74 18.10
C ASN E 170 22.76 53.95 16.97
N GLY E 171 23.18 54.59 15.88
CA GLY E 171 22.28 54.90 14.77
C GLY E 171 21.65 53.67 14.13
N GLN E 172 22.30 52.52 14.35
CA GLN E 172 22.01 51.26 13.64
C GLN E 172 20.65 50.70 13.96
N PRO E 173 19.92 50.26 12.93
CA PRO E 173 18.63 49.67 13.23
C PRO E 173 18.77 48.33 13.93
N ILE E 174 17.63 47.83 14.39
CA ILE E 174 17.62 46.59 15.16
C ILE E 174 17.75 45.38 14.26
N LEU E 175 18.78 44.58 14.57
CA LEU E 175 19.08 43.37 13.84
C LEU E 175 18.64 42.11 14.58
N CYS E 176 18.19 41.15 13.78
CA CYS E 176 17.80 39.84 14.29
C CYS E 176 18.04 38.79 13.22
N SER E 177 18.37 37.57 13.66
CA SER E 177 18.53 36.44 12.73
C SER E 177 17.25 35.58 12.69
N ILE E 178 17.05 34.92 11.55
CA ILE E 178 15.83 34.14 11.24
C ILE E 178 16.08 32.81 10.55
N GLU E 179 15.43 31.75 11.05
CA GLU E 179 15.44 30.45 10.37
C GLU E 179 14.10 29.75 10.40
N PRO E 180 13.94 28.72 9.55
CA PRO E 180 12.71 27.95 9.59
C PRO E 180 12.55 27.21 10.89
N LEU E 181 11.30 26.85 11.17
CA LEU E 181 11.00 26.07 12.37
C LEU E 181 11.65 24.70 12.22
N LEU E 182 12.24 24.27 13.33
CA LEU E 182 12.96 22.98 13.39
C LEU E 182 12.27 22.07 14.40
N VAL E 183 11.42 21.21 13.89
CA VAL E 183 10.59 20.38 14.73
C VAL E 183 11.21 19.02 15.05
N GLY E 184 11.19 18.68 16.34
CA GLY E 184 11.64 17.37 16.80
C GLY E 184 12.69 17.39 17.91
N GLU E 185 13.30 16.23 18.11
CA GLU E 185 14.29 16.08 19.17
C GLU E 185 15.65 16.59 18.73
N PHE E 186 16.05 17.73 19.28
CA PHE E 186 17.33 18.34 18.96
C PHE E 186 18.50 17.56 19.58
N LYS E 187 19.50 17.26 18.75
CA LYS E 187 20.69 16.55 19.23
C LYS E 187 21.99 17.15 18.73
N LYS E 188 22.93 17.35 19.65
CA LYS E 188 24.31 17.73 19.30
C LYS E 188 25.14 16.46 19.05
N ASN E 189 25.79 16.42 17.89
CA ASN E 189 26.58 15.25 17.47
C ASN E 189 28.08 15.42 17.65
N ASN E 190 28.58 16.58 17.25
CA ASN E 190 29.90 17.05 17.72
C ASN E 190 29.88 18.53 18.11
N SER E 191 30.95 18.97 18.74
CA SER E 191 31.08 20.36 19.19
C SER E 191 32.10 21.14 18.35
N ASN E 192 32.18 22.44 18.64
CA ASN E 192 33.16 23.32 17.98
C ASN E 192 34.58 23.14 18.51
N TYR E 193 34.73 22.44 19.63
CA TYR E 193 36.05 22.20 20.22
C TYR E 193 36.35 20.71 20.45
N GLY E 194 35.90 19.87 19.52
CA GLY E 194 36.38 18.47 19.41
C GLY E 194 35.61 17.39 20.17
N ALA E 195 34.53 17.78 20.83
CA ALA E 195 33.65 16.82 21.48
C ALA E 195 32.98 15.89 20.47
N VAL E 196 32.74 14.66 20.90
CA VAL E 196 31.95 13.68 20.15
C VAL E 196 30.82 13.16 21.04
N LEU E 197 29.59 13.47 20.65
CA LEU E 197 28.42 13.40 21.55
C LEU E 197 27.36 12.37 21.19
N THR E 198 27.49 11.77 20.01
CA THR E 198 26.60 10.68 19.60
C THR E 198 27.37 9.59 18.89
N ASN E 199 26.83 8.36 18.97
CA ASN E 199 27.40 7.18 18.28
C ASN E 199 27.27 7.29 16.78
N ARG E 200 26.37 8.16 16.36
CA ARG E 200 26.12 8.38 14.95
C ARG E 200 27.42 8.68 14.21
N SER E 201 27.52 8.10 13.03
CA SER E 201 28.76 8.17 12.23
C SER E 201 28.67 9.21 11.09
N THR E 202 27.47 9.42 10.56
CA THR E 202 27.27 10.43 9.48
C THR E 202 27.82 11.84 9.78
N PRO E 203 27.40 12.47 10.89
CA PRO E 203 27.89 13.82 11.20
C PRO E 203 29.40 13.91 11.25
N GLN E 204 30.02 12.88 11.80
CA GLN E 204 31.48 12.83 11.95
C GLN E 204 32.14 12.76 10.58
N ALA E 205 31.61 11.88 9.75
CA ALA E 205 32.08 11.73 8.37
C ALA E 205 31.96 13.06 7.62
N PHE E 206 30.82 13.69 7.76
CA PHE E 206 30.59 14.98 7.08
C PHE E 206 31.64 16.03 7.42
N SER E 207 31.93 16.19 8.70
CA SER E 207 32.93 17.17 9.12
C SER E 207 34.28 16.78 8.53
N HIS E 208 34.64 15.52 8.68
CA HIS E 208 35.88 15.01 8.08
C HIS E 208 35.95 15.32 6.58
N PHE E 209 34.88 14.95 5.90
CA PHE E 209 34.71 15.21 4.46
C PHE E 209 35.06 16.65 4.13
N THR E 210 34.48 17.58 4.87
CA THR E 210 34.70 19.02 4.63
C THR E 210 36.16 19.42 4.80
N TYR E 211 36.85 18.77 5.73
CA TYR E 211 38.27 19.07 6.00
C TYR E 211 39.14 18.68 4.81
N GLU E 212 38.96 17.43 4.39
CA GLU E 212 39.69 16.82 3.30
C GLU E 212 39.49 17.54 1.98
N LEU E 213 38.24 17.55 1.55
CA LEU E 213 37.89 18.09 0.22
C LEU E 213 38.01 19.60 0.11
N SER E 214 38.19 20.28 1.24
CA SER E 214 38.52 21.71 1.23
C SER E 214 40.03 21.94 1.16
N ASN E 215 40.78 20.86 0.93
CA ASN E 215 42.26 20.86 0.97
C ASN E 215 42.78 21.42 2.29
N LYS E 216 42.23 20.88 3.36
CA LYS E 216 42.60 21.23 4.75
C LYS E 216 42.50 22.76 5.03
N GLN E 217 41.65 23.46 4.26
CA GLN E 217 41.45 24.93 4.37
C GLN E 217 40.34 25.32 5.33
N MET E 218 39.38 24.41 5.51
CA MET E 218 38.27 24.59 6.45
C MET E 218 37.69 23.27 6.97
N ILE E 219 37.10 23.34 8.16
CA ILE E 219 36.16 22.28 8.62
C ILE E 219 34.81 22.85 9.01
N VAL E 220 33.78 22.07 8.73
CA VAL E 220 32.46 22.31 9.33
C VAL E 220 32.24 21.38 10.51
N VAL E 221 32.27 21.98 11.68
CA VAL E 221 32.01 21.27 12.94
C VAL E 221 30.78 21.82 13.64
N ASP E 222 30.63 21.43 14.90
CA ASP E 222 29.48 21.82 15.73
C ASP E 222 28.21 21.37 15.02
N ILE E 223 28.19 20.11 14.63
CA ILE E 223 27.10 19.57 13.84
C ILE E 223 26.00 19.10 14.74
N GLN E 224 24.86 19.76 14.58
CA GLN E 224 23.73 19.56 15.48
C GLN E 224 22.43 19.82 14.78
N GLY E 225 21.37 19.33 15.41
CA GLY E 225 20.03 19.48 14.88
C GLY E 225 19.18 18.23 15.03
N VAL E 226 18.01 18.29 14.40
CA VAL E 226 17.07 17.18 14.44
C VAL E 226 17.36 16.21 13.30
N ASP E 227 17.76 15.00 13.68
CA ASP E 227 18.20 13.96 12.75
C ASP E 227 19.32 14.50 11.87
N ASP E 228 19.11 14.52 10.56
CA ASP E 228 20.08 15.08 9.59
C ASP E 228 19.69 16.44 9.03
N LEU E 229 18.74 17.08 9.67
CA LEU E 229 18.41 18.46 9.39
C LEU E 229 19.18 19.30 10.38
N TYR E 230 20.22 19.96 9.88
CA TYR E 230 21.19 20.65 10.75
C TYR E 230 21.10 22.14 10.76
N THR E 231 21.48 22.71 11.88
CA THR E 231 21.60 24.15 12.04
C THR E 231 22.70 24.48 13.02
N ASP E 232 22.91 25.78 13.21
CA ASP E 232 23.87 26.31 14.19
C ASP E 232 25.30 25.80 14.05
N PRO E 233 25.75 25.59 12.81
CA PRO E 233 27.09 25.06 12.72
C PRO E 233 28.17 26.10 12.97
N GLN E 234 29.39 25.59 13.02
CA GLN E 234 30.57 26.42 13.15
C GLN E 234 31.69 25.95 12.24
N ILE E 235 32.31 26.91 11.59
CA ILE E 235 33.47 26.64 10.72
C ILE E 235 34.78 27.05 11.37
N HIS E 236 35.75 26.17 11.28
CA HIS E 236 37.14 26.49 11.61
C HIS E 236 37.94 26.64 10.33
N THR E 237 38.91 27.56 10.38
CA THR E 237 39.92 27.72 9.31
C THR E 237 41.31 27.89 9.94
N PRO E 238 42.36 27.34 9.29
CA PRO E 238 43.72 27.35 9.90
C PRO E 238 44.21 28.71 10.35
N ASP E 239 44.08 29.70 9.46
CA ASP E 239 44.50 31.08 9.74
C ASP E 239 43.64 31.77 10.81
N GLY E 240 42.46 31.19 11.05
CA GLY E 240 41.56 31.64 12.13
C GLY E 240 40.68 32.82 11.75
N LYS E 241 40.89 33.29 10.52
CA LYS E 241 40.21 34.47 10.04
C LYS E 241 38.87 34.10 9.47
N GLY E 242 37.90 34.97 9.74
CA GLY E 242 36.55 34.81 9.23
C GLY E 242 35.68 33.90 10.09
N PHE E 243 34.42 33.86 9.72
CA PHE E 243 33.41 32.93 10.30
C PHE E 243 33.11 33.16 11.80
N GLY E 244 33.26 34.39 12.20
CA GLY E 244 32.92 34.81 13.56
C GLY E 244 33.88 34.39 14.67
N LEU E 245 33.53 34.82 15.88
CA LEU E 245 34.34 34.60 17.10
C LEU E 245 34.35 33.13 17.57
N GLY E 246 33.50 32.30 16.96
CA GLY E 246 33.46 30.85 17.23
C GLY E 246 34.47 30.07 16.42
N ASN E 247 35.18 30.77 15.54
CA ASN E 247 36.27 30.18 14.74
C ASN E 247 37.53 30.06 15.58
N LEU E 248 37.80 28.85 16.07
CA LEU E 248 38.96 28.57 16.95
C LEU E 248 40.22 28.16 16.21
N GLY E 249 40.22 28.38 14.90
CA GLY E 249 41.41 28.21 14.09
C GLY E 249 42.09 26.86 14.19
N LYS E 250 43.42 26.84 14.10
CA LYS E 250 44.20 25.59 14.00
C LYS E 250 43.92 24.72 15.24
N ALA E 251 43.73 25.39 16.38
CA ALA E 251 43.36 24.72 17.65
C ALA E 251 42.10 23.85 17.53
N GLY E 252 41.05 24.48 17.06
CA GLY E 252 39.74 23.82 16.84
C GLY E 252 39.79 22.66 15.85
N ILE E 253 40.58 22.86 14.81
CA ILE E 253 40.81 21.82 13.79
C ILE E 253 41.52 20.63 14.40
N ASN E 254 42.52 20.92 15.22
CA ASN E 254 43.27 19.85 15.89
C ASN E 254 42.36 19.03 16.76
N LYS E 255 41.61 19.74 17.60
CA LYS E 255 40.68 19.11 18.56
C LYS E 255 39.74 18.10 17.90
N PHE E 256 39.28 18.44 16.70
CA PHE E 256 38.48 17.50 15.94
C PHE E 256 39.28 16.30 15.46
N ILE E 257 40.46 16.57 14.94
CA ILE E 257 41.24 15.58 14.17
C ILE E 257 42.00 14.56 14.96
N THR E 258 42.75 15.04 15.94
CA THR E 258 43.69 14.19 16.66
C THR E 258 42.93 12.90 17.09
N THR E 259 41.74 13.04 17.65
CA THR E 259 40.95 11.87 18.12
C THR E 259 39.84 11.38 17.17
N HIS E 260 39.59 12.09 16.07
CA HIS E 260 38.57 11.61 15.12
C HIS E 260 38.87 10.20 14.69
N LYS E 261 37.85 9.35 14.75
CA LYS E 261 37.94 7.97 14.29
C LYS E 261 37.07 7.77 13.08
N CYS E 262 37.72 7.37 11.99
CA CYS E 262 37.01 7.16 10.76
C CYS E 262 36.07 5.97 10.84
N ASN E 263 34.97 6.09 10.12
CA ASN E 263 33.90 5.09 10.13
C ASN E 263 33.48 4.64 8.73
N ALA E 264 32.44 3.79 8.68
CA ALA E 264 31.93 3.22 7.44
C ALA E 264 31.72 4.26 6.36
N VAL E 265 31.13 5.37 6.77
CA VAL E 265 30.78 6.46 5.85
C VAL E 265 32.02 7.26 5.45
N CYS E 266 32.96 7.42 6.37
CA CYS E 266 34.28 7.97 5.98
C CYS E 266 34.85 7.13 4.84
N ALA E 267 34.85 5.81 5.05
CA ALA E 267 35.39 4.82 4.11
C ALA E 267 34.69 4.84 2.75
N LEU E 268 33.36 4.74 2.77
CA LEU E 268 32.57 4.80 1.53
C LEU E 268 32.95 5.98 0.66
N LEU E 269 33.17 7.12 1.30
CA LEU E 269 33.65 8.31 0.58
C LEU E 269 35.14 8.37 0.25
N ASP E 270 35.87 7.26 0.30
CA ASP E 270 37.30 7.24 -0.02
C ASP E 270 38.09 8.35 0.68
N LEU E 271 37.72 8.56 1.92
CA LEU E 271 38.37 9.55 2.77
C LEU E 271 39.64 9.00 3.33
N ASP E 272 40.73 9.70 2.98
CA ASP E 272 42.07 9.43 3.48
C ASP E 272 42.08 9.39 5.01
N VAL E 273 42.55 8.26 5.55
CA VAL E 273 42.52 7.99 7.00
C VAL E 273 43.46 8.88 7.84
N LYS E 274 44.38 9.64 7.25
CA LYS E 274 45.18 10.59 8.09
C LYS E 274 44.31 11.55 8.94
N ILE F 18 24.13 17.92 57.17
CA ILE F 18 25.03 18.73 58.03
C ILE F 18 25.27 20.10 57.38
N SER F 19 24.30 20.99 57.56
CA SER F 19 24.49 22.42 57.30
C SER F 19 23.26 23.15 57.82
N SER F 20 23.52 24.31 58.40
CA SER F 20 22.47 25.20 58.89
C SER F 20 21.60 25.64 57.72
N GLU F 21 22.25 25.97 56.60
CA GLU F 21 21.61 26.68 55.51
C GLU F 21 20.37 26.02 54.91
N THR F 22 19.42 26.83 54.41
CA THR F 22 18.13 26.32 53.89
C THR F 22 18.27 25.52 52.59
N GLY F 23 18.01 24.24 52.72
CA GLY F 23 18.15 23.32 51.62
C GLY F 23 17.15 22.20 51.74
N GLU F 24 17.26 21.25 50.82
CA GLU F 24 16.44 20.05 50.80
C GLU F 24 17.17 18.86 51.42
N MET F 25 16.42 18.05 52.16
CA MET F 25 16.96 16.83 52.77
C MET F 25 16.79 15.63 51.86
N GLY F 26 17.72 14.68 52.00
CA GLY F 26 17.75 13.51 51.15
C GLY F 26 18.47 12.32 51.76
N ILE F 27 17.99 11.13 51.45
CA ILE F 27 18.65 9.89 51.83
C ILE F 27 19.57 9.43 50.72
N LEU F 28 20.82 9.24 51.11
CA LEU F 28 21.91 9.00 50.16
C LEU F 28 22.41 7.58 50.22
N TRP F 29 22.31 6.89 49.09
CA TRP F 29 22.79 5.51 48.97
C TRP F 29 24.09 5.41 48.17
N GLU F 30 25.05 4.71 48.76
CA GLU F 30 26.36 4.46 48.15
C GLU F 30 26.67 2.98 48.14
N PHE F 31 27.18 2.49 47.02
CA PHE F 31 27.49 1.05 46.86
C PHE F 31 28.97 0.76 47.04
N ASP F 32 29.23 -0.36 47.69
CA ASP F 32 30.60 -0.83 47.94
C ASP F 32 30.80 -2.16 47.21
N PRO F 33 31.54 -2.13 46.09
CA PRO F 33 31.70 -3.30 45.23
C PRO F 33 32.69 -4.32 45.79
N ILE F 34 33.54 -3.89 46.71
CA ILE F 34 34.47 -4.77 47.41
C ILE F 34 33.71 -5.78 48.28
N ILE F 35 32.88 -5.26 49.17
CA ILE F 35 32.08 -6.07 50.12
C ILE F 35 30.72 -6.50 49.54
N ASN F 36 30.37 -5.99 48.36
CA ASN F 36 29.07 -6.27 47.72
C ASN F 36 27.89 -5.90 48.57
N LYS F 37 27.96 -4.70 49.14
CA LYS F 37 26.89 -4.21 50.01
C LYS F 37 26.65 -2.70 49.87
N TRP F 38 25.42 -2.30 50.19
CA TRP F 38 24.97 -0.91 50.11
C TRP F 38 25.19 -0.17 51.42
N ILE F 39 25.75 1.01 51.31
CA ILE F 39 25.91 1.93 52.45
C ILE F 39 24.80 2.98 52.44
N ARG F 40 24.18 3.20 53.60
CA ARG F 40 23.05 4.13 53.70
C ARG F 40 23.41 5.36 54.50
N LEU F 41 23.05 6.51 53.94
CA LEU F 41 23.48 7.81 54.46
C LEU F 41 22.39 8.86 54.33
N SER F 42 22.65 10.00 54.94
CA SER F 42 21.83 11.19 54.74
C SER F 42 22.66 12.34 54.16
N MET F 43 21.97 13.24 53.46
CA MET F 43 22.61 14.47 52.94
C MET F 43 21.61 15.60 52.82
N LYS F 44 22.15 16.82 52.91
CA LYS F 44 21.37 18.04 52.68
C LYS F 44 21.88 18.66 51.38
N LEU F 45 20.94 19.07 50.52
CA LEU F 45 21.31 19.60 49.21
C LEU F 45 20.41 20.71 48.68
N LYS F 46 21.02 21.64 47.97
CA LYS F 46 20.31 22.74 47.31
C LYS F 46 20.34 22.56 45.79
N VAL F 47 19.14 22.38 45.23
CA VAL F 47 18.97 22.17 43.78
C VAL F 47 18.44 23.40 43.08
N GLU F 48 18.95 23.66 41.88
CA GLU F 48 18.43 24.74 41.03
C GLU F 48 17.10 24.38 40.38
N ARG F 49 16.23 25.37 40.32
CA ARG F 49 14.86 25.19 39.81
C ARG F 49 14.87 24.71 38.37
N LYS F 50 15.81 25.25 37.59
CA LYS F 50 15.91 24.93 36.16
C LYS F 50 17.07 23.99 35.80
N PRO F 51 16.79 23.01 34.91
CA PRO F 51 17.84 22.11 34.44
C PRO F 51 18.71 22.71 33.34
N PHE F 52 20.00 22.39 33.40
CA PHE F 52 20.98 22.89 32.42
C PHE F 52 21.18 21.91 31.26
N ALA F 53 20.43 20.82 31.29
CA ALA F 53 20.51 19.81 30.24
C ALA F 53 19.20 19.05 30.13
N GLU F 54 18.96 18.54 28.94
CA GLU F 54 17.75 17.77 28.71
C GLU F 54 18.01 16.67 27.73
N GLY F 55 17.16 15.66 27.79
CA GLY F 55 17.09 14.63 26.78
C GLY F 55 15.63 14.24 26.64
N ALA F 56 15.37 13.28 25.77
CA ALA F 56 14.05 12.63 25.71
C ALA F 56 13.90 11.77 26.95
N LEU F 57 15.03 11.31 27.46
CA LEU F 57 15.09 10.37 28.56
C LEU F 57 15.23 11.03 29.93
N ARG F 58 16.19 11.95 30.05
CA ARG F 58 16.52 12.57 31.34
C ARG F 58 16.84 14.06 31.27
N GLU F 59 16.76 14.67 32.45
CA GLU F 59 17.14 16.07 32.68
C GLU F 59 18.23 16.15 33.75
N ALA F 60 19.15 17.10 33.60
CA ALA F 60 20.25 17.29 34.56
C ALA F 60 20.18 18.65 35.24
N TYR F 61 20.35 18.63 36.56
CA TYR F 61 20.24 19.84 37.38
C TYR F 61 21.51 20.13 38.12
N HIS F 62 21.95 21.38 38.10
CA HIS F 62 23.10 21.79 38.92
C HIS F 62 22.67 21.76 40.37
N THR F 63 23.59 21.36 41.24
CA THR F 63 23.27 21.17 42.65
C THR F 63 24.50 21.45 43.53
N VAL F 64 24.26 22.00 44.71
CA VAL F 64 25.35 22.18 45.72
C VAL F 64 25.07 21.33 46.98
N SER F 65 26.12 20.66 47.50
CA SER F 65 25.98 19.85 48.73
C SER F 65 26.10 20.75 49.94
N LEU F 66 25.09 20.63 50.79
CA LEU F 66 25.08 21.31 52.09
C LEU F 66 25.38 20.31 53.20
N GLY F 67 26.28 19.40 52.90
CA GLY F 67 26.77 18.45 53.90
C GLY F 67 26.25 17.03 53.74
N VAL F 68 27.07 16.08 54.20
CA VAL F 68 26.72 14.66 54.25
C VAL F 68 26.80 14.14 55.68
N GLY F 69 25.76 13.41 56.08
CA GLY F 69 25.68 12.79 57.42
C GLY F 69 25.30 11.32 57.41
N THR F 70 25.14 10.75 58.60
CA THR F 70 24.67 9.35 58.75
C THR F 70 23.14 9.25 58.73
N ASP F 71 22.66 8.03 58.53
CA ASP F 71 21.21 7.77 58.33
C ASP F 71 20.37 7.63 59.60
N GLU F 72 21.00 7.76 60.76
CA GLU F 72 20.36 7.40 62.06
C GLU F 72 19.02 8.09 62.31
N ASN F 73 18.93 9.36 61.94
CA ASN F 73 17.71 10.16 62.13
C ASN F 73 16.51 9.74 61.29
N TYR F 74 16.79 8.92 60.29
CA TYR F 74 15.80 8.48 59.31
C TYR F 74 15.79 6.97 59.19
N PRO F 75 15.38 6.29 60.25
CA PRO F 75 15.67 4.86 60.32
C PRO F 75 14.96 4.10 59.22
N LEU F 76 15.59 3.14 58.58
CA LEU F 76 14.76 2.43 57.64
C LEU F 76 14.12 1.36 58.49
N GLY F 77 12.86 1.11 58.20
CA GLY F 77 12.13 0.12 58.97
C GLY F 77 12.45 -1.26 58.44
N TPO F 78 11.45 -2.09 58.62
CA TPO F 78 11.37 -3.39 57.98
CB TPO F 78 10.79 -4.44 58.93
CG2 TPO F 78 11.79 -5.55 59.15
OG1 TPO F 78 10.47 -3.74 60.13
P TPO F 78 11.10 -3.94 61.57
O1P TPO F 78 10.84 -5.37 61.95
O2P TPO F 78 10.11 -2.98 62.20
O3P TPO F 78 12.56 -3.56 61.44
C TPO F 78 10.50 -3.22 56.78
O TPO F 78 9.27 -3.12 56.87
N THR F 79 11.15 -3.22 55.62
CA THR F 79 10.53 -2.83 54.38
C THR F 79 10.28 -4.09 53.61
N THR F 80 9.02 -4.38 53.29
CA THR F 80 8.71 -5.46 52.34
C THR F 80 8.56 -4.86 50.95
N LYS F 81 9.10 -5.58 49.97
CA LYS F 81 8.95 -5.29 48.53
C LYS F 81 9.52 -3.93 48.18
N LEU F 82 10.75 -3.70 48.63
CA LEU F 82 11.35 -2.38 48.45
C LEU F 82 12.83 -2.39 48.61
N PHE F 83 13.49 -2.02 47.55
CA PHE F 83 14.92 -2.25 47.43
C PHE F 83 15.76 -1.17 48.12
N PRO F 84 16.90 -1.53 48.72
CA PRO F 84 17.38 -2.89 48.83
C PRO F 84 16.94 -3.60 50.11
N PRO F 85 17.01 -4.94 50.13
CA PRO F 85 16.78 -5.70 51.34
C PRO F 85 17.88 -5.47 52.36
N ILE F 86 17.58 -5.82 53.61
CA ILE F 86 18.44 -5.47 54.75
C ILE F 86 19.75 -6.26 54.73
N GLU F 87 19.65 -7.53 54.34
CA GLU F 87 20.85 -8.38 54.17
C GLU F 87 21.85 -7.79 53.17
N MET F 88 21.31 -7.07 52.19
CA MET F 88 22.12 -6.32 51.19
C MET F 88 22.74 -5.02 51.71
N ILE F 89 22.34 -4.60 52.90
CA ILE F 89 22.79 -3.34 53.50
C ILE F 89 23.90 -3.56 54.51
N SER F 90 24.84 -2.64 54.49
CA SER F 90 25.92 -2.61 55.47
C SER F 90 25.52 -1.74 56.65
N PRO F 91 25.56 -2.31 57.88
CA PRO F 91 25.23 -1.56 59.09
C PRO F 91 26.31 -0.54 59.45
N ILE F 92 27.56 -0.87 59.13
CA ILE F 92 28.65 0.09 59.26
C ILE F 92 28.71 0.99 58.02
N SER F 93 29.00 2.26 58.27
CA SER F 93 28.99 3.31 57.25
C SER F 93 30.30 4.08 57.17
N LYS F 94 31.15 3.91 58.16
CA LYS F 94 32.20 4.90 58.31
C LYS F 94 33.26 4.95 57.19
N ASN F 95 33.44 3.86 56.45
CA ASN F 95 34.28 3.90 55.23
C ASN F 95 33.43 4.12 53.98
N ASN F 96 33.58 5.31 53.38
CA ASN F 96 32.80 5.73 52.22
C ASN F 96 33.37 6.97 51.54
N GLU F 97 32.98 7.16 50.28
CA GLU F 97 33.47 8.27 49.46
C GLU F 97 32.66 9.55 49.63
N ALA F 98 31.38 9.38 49.89
CA ALA F 98 30.41 10.48 49.87
C ALA F 98 30.78 11.62 50.81
N MET F 99 31.24 11.26 52.02
CA MET F 99 31.60 12.25 53.07
C MET F 99 32.56 13.31 52.52
N THR F 100 33.60 12.82 51.84
CA THR F 100 34.67 13.68 51.28
C THR F 100 34.29 14.27 49.92
N GLN F 101 33.75 13.44 49.04
CA GLN F 101 33.46 13.87 47.65
C GLN F 101 32.24 14.76 47.53
N LEU F 102 31.30 14.56 48.45
CA LEU F 102 30.10 15.41 48.52
C LEU F 102 30.11 16.30 49.77
N LYS F 103 31.33 16.57 50.23
CA LYS F 103 31.56 17.43 51.40
C LYS F 103 30.85 18.78 51.22
N ASN F 104 30.57 19.42 52.35
CA ASN F 104 29.85 20.70 52.35
C ASN F 104 30.48 21.69 51.36
N GLY F 105 29.61 22.33 50.56
CA GLY F 105 30.03 23.34 49.57
C GLY F 105 30.17 22.82 48.14
N THR F 106 30.38 21.50 48.02
CA THR F 106 30.68 20.86 46.72
C THR F 106 29.58 21.04 45.65
N LYS F 107 29.99 21.44 44.46
CA LYS F 107 29.11 21.58 43.32
C LYS F 107 29.01 20.22 42.61
N PHE F 108 27.80 19.84 42.20
CA PHE F 108 27.57 18.57 41.48
C PHE F 108 26.30 18.50 40.63
N VAL F 109 26.17 17.39 39.92
CA VAL F 109 25.04 17.14 39.03
C VAL F 109 24.03 16.21 39.66
N LEU F 110 22.78 16.55 39.44
CA LEU F 110 21.62 15.74 39.81
C LEU F 110 20.84 15.37 38.58
N LYS F 111 20.68 14.07 38.35
CA LYS F 111 19.95 13.57 37.18
C LYS F 111 18.56 13.06 37.56
N LEU F 112 17.59 13.29 36.67
CA LEU F 112 16.19 12.85 36.85
C LEU F 112 15.66 12.12 35.62
N TYR F 113 15.26 10.86 35.81
CA TYR F 113 14.68 10.05 34.75
C TYR F 113 13.16 10.07 34.77
N LYS F 114 12.61 9.73 33.62
CA LYS F 114 11.20 9.97 33.29
C LYS F 114 10.33 8.72 33.13
N LYS F 115 9.04 8.89 33.41
CA LYS F 115 8.05 7.81 33.49
C LYS F 115 8.51 6.66 34.40
N ALA F 121 10.94 3.80 34.34
CA ALA F 121 12.02 3.73 35.33
C ALA F 121 11.50 3.13 36.63
N SER F 122 12.16 2.05 37.09
CA SER F 122 11.77 1.32 38.31
C SER F 122 12.89 1.47 39.34
N ARG F 123 12.58 1.18 40.59
CA ARG F 123 13.51 1.39 41.71
C ARG F 123 14.75 0.53 41.56
N GLU F 124 14.52 -0.77 41.39
CA GLU F 124 15.60 -1.76 41.27
C GLU F 124 16.67 -1.33 40.27
N LEU F 125 16.20 -0.84 39.11
CA LEU F 125 17.05 -0.45 37.99
C LEU F 125 17.87 0.80 38.29
N TYR F 126 17.27 1.75 38.97
CA TYR F 126 18.02 2.93 39.50
C TYR F 126 19.27 2.53 40.28
N PHE F 127 19.09 1.59 41.20
CA PHE F 127 20.17 1.06 42.04
C PHE F 127 21.18 0.25 41.23
N GLU F 128 20.70 -0.47 40.22
CA GLU F 128 21.57 -1.28 39.34
C GLU F 128 22.55 -0.38 38.61
N PHD F 129 22.09 0.79 38.18
CA PHD F 129 22.94 1.77 37.46
C PHD F 129 24.12 2.13 38.30
O PHD F 129 25.26 2.06 37.86
CB PHD F 129 22.27 3.11 37.14
CG PHD F 129 22.44 3.38 35.67
OD1 PHD F 129 23.42 4.34 35.15
OD2 PHD F 129 21.74 2.74 34.90
P PHD F 129 23.65 4.60 33.56
OP1 PHD F 129 23.90 3.27 32.87
OP2 PHD F 129 24.87 5.48 33.51
OP3 PHD F 129 22.35 5.30 33.17
N VAL F 130 23.82 2.49 39.54
CA VAL F 130 24.86 2.87 40.50
C VAL F 130 25.76 1.68 40.84
N LYS F 131 25.17 0.52 41.04
CA LYS F 131 25.95 -0.71 41.23
C LYS F 131 26.93 -0.89 40.09
N MET F 132 26.38 -0.82 38.88
CA MET F 132 27.15 -0.94 37.66
C MET F 132 28.34 0.04 37.65
N GLN F 133 28.03 1.30 37.95
CA GLN F 133 29.03 2.36 37.95
C GLN F 133 30.22 1.99 38.83
N MET F 134 29.88 1.48 40.01
CA MET F 134 30.90 1.12 41.02
C MET F 134 31.75 -0.04 40.56
N VAL F 135 31.11 -1.02 39.95
CA VAL F 135 31.82 -2.19 39.43
C VAL F 135 32.82 -1.74 38.36
N CYS F 136 32.37 -0.87 37.47
CA CYS F 136 33.24 -0.33 36.43
C CYS F 136 34.40 0.42 37.04
N ARG F 137 34.07 1.31 37.97
CA ARG F 137 35.07 2.08 38.73
C ARG F 137 36.14 1.16 39.31
N ASP F 138 35.69 0.04 39.84
CA ASP F 138 36.59 -0.96 40.44
C ASP F 138 37.56 -1.52 39.40
N TRP F 139 37.01 -2.04 38.32
CA TRP F 139 37.83 -2.52 37.19
C TRP F 139 38.75 -1.42 36.66
N GLY F 140 38.27 -0.20 36.77
CA GLY F 140 39.08 0.98 36.45
C GLY F 140 40.38 0.97 37.24
N ASN F 141 40.26 0.73 38.54
CA ASN F 141 41.43 0.62 39.42
C ASN F 141 42.28 -0.64 39.14
N LYS F 142 41.62 -1.75 38.84
CA LYS F 142 42.32 -3.00 38.42
C LYS F 142 43.18 -2.78 37.17
N PHE F 143 42.65 -2.01 36.23
CA PHE F 143 43.34 -1.62 34.98
C PHE F 143 44.59 -0.79 35.27
N ASN F 144 44.41 0.18 36.15
CA ASN F 144 45.50 1.10 36.55
C ASN F 144 46.62 0.44 37.33
N GLN F 145 46.29 -0.66 38.01
CA GLN F 145 47.26 -1.47 38.76
C GLN F 145 48.36 -1.99 37.84
N LYS F 146 47.96 -2.36 36.62
CA LYS F 146 48.88 -2.81 35.58
C LYS F 146 49.72 -1.68 34.95
N LYS F 147 49.72 -0.52 35.57
CA LYS F 147 50.57 0.62 35.20
C LYS F 147 50.65 0.92 33.70
N PRO F 148 49.50 1.27 33.10
CA PRO F 148 49.43 1.66 31.69
C PRO F 148 49.86 3.11 31.49
N PRO F 149 50.09 3.50 30.22
CA PRO F 149 50.59 4.84 29.90
C PRO F 149 49.62 5.92 30.34
N LYS F 150 48.35 5.65 30.10
CA LYS F 150 47.27 6.51 30.55
C LYS F 150 46.38 5.78 31.54
N LYS F 151 46.29 6.35 32.72
CA LYS F 151 45.45 5.83 33.79
C LYS F 151 44.01 6.27 33.62
N ILE F 152 43.15 5.56 34.32
CA ILE F 152 41.70 5.67 34.13
C ILE F 152 40.95 5.91 35.43
N GLU F 153 39.86 6.66 35.35
CA GLU F 153 38.97 6.82 36.50
C GLU F 153 37.50 6.93 36.09
N PHE F 154 36.67 6.12 36.71
CA PHE F 154 35.22 6.26 36.58
C PHE F 154 34.69 7.10 37.69
N LEU F 155 33.74 7.93 37.36
CA LEU F 155 33.10 8.78 38.33
C LEU F 155 32.31 7.98 39.34
N MET F 156 32.41 8.43 40.58
CA MET F 156 31.48 8.03 41.61
C MET F 156 30.07 8.41 41.17
N SER F 157 29.13 7.52 41.46
CA SER F 157 27.70 7.87 41.38
C SER F 157 26.94 7.37 42.60
N TRP F 158 25.78 7.96 42.80
CA TRP F 158 24.95 7.64 43.95
C TRP F 158 23.46 7.72 43.66
N VAL F 159 22.69 6.90 44.36
CA VAL F 159 21.21 7.03 44.40
C VAL F 159 20.82 7.97 45.54
N VAL F 160 19.86 8.85 45.28
CA VAL F 160 19.31 9.74 46.31
C VAL F 160 17.79 9.76 46.35
N GLU F 161 17.28 9.60 47.57
CA GLU F 161 15.86 9.66 47.86
C GLU F 161 15.52 11.07 48.33
N LEU F 162 14.69 11.76 47.56
CA LEU F 162 14.26 13.12 47.92
C LEU F 162 13.04 13.09 48.84
N ILE F 163 13.32 13.13 50.13
CA ILE F 163 12.28 12.88 51.13
C ILE F 163 11.37 14.08 51.33
N ASP F 164 11.97 15.26 51.33
CA ASP F 164 11.24 16.52 51.57
C ASP F 164 10.24 16.83 50.45
N ARG F 165 10.40 16.15 49.32
CA ARG F 165 9.42 16.21 48.23
C ARG F 165 8.29 15.19 48.38
N SER F 166 7.08 15.61 48.03
CA SER F 166 5.91 14.71 48.08
C SER F 166 6.09 13.56 47.09
N PRO F 167 5.72 12.34 47.49
CA PRO F 167 6.08 11.16 46.70
C PRO F 167 5.40 11.07 45.33
N SER F 168 5.87 10.09 44.56
CA SER F 168 5.38 9.84 43.20
C SER F 168 3.92 9.39 43.18
N SER F 169 3.41 9.12 41.97
CA SER F 169 2.05 8.57 41.78
C SER F 169 1.86 7.26 42.54
N ASN F 170 2.84 6.38 42.45
CA ASN F 170 2.79 5.12 43.23
C ASN F 170 2.62 5.26 44.75
N GLY F 171 3.26 6.28 45.31
CA GLY F 171 3.52 6.33 46.76
C GLY F 171 4.98 6.08 47.12
N GLN F 172 5.71 5.51 46.16
CA GLN F 172 7.19 5.45 46.20
C GLN F 172 7.74 6.87 46.27
N PRO F 173 8.74 7.11 47.14
CA PRO F 173 9.28 8.46 47.15
C PRO F 173 10.03 8.77 45.88
N ILE F 174 10.39 10.03 45.73
CA ILE F 174 11.04 10.47 44.51
C ILE F 174 12.51 10.09 44.51
N LEU F 175 12.88 9.35 43.46
CA LEU F 175 14.27 8.92 43.26
C LEU F 175 14.97 9.72 42.20
N CYS F 176 16.26 9.91 42.44
CA CYS F 176 17.12 10.59 41.50
C CYS F 176 18.55 10.08 41.64
N SER F 177 19.28 10.08 40.53
CA SER F 177 20.71 9.72 40.57
C SER F 177 21.60 10.96 40.62
N ILE F 178 22.78 10.80 41.22
CA ILE F 178 23.78 11.89 41.37
C ILE F 178 25.22 11.52 41.12
N GLU F 179 25.91 12.41 40.41
CA GLU F 179 27.37 12.28 40.21
C GLU F 179 28.09 13.61 40.28
N PRO F 180 29.41 13.57 40.46
CA PRO F 180 30.17 14.80 40.47
C PRO F 180 30.10 15.52 39.13
N LEU F 181 30.39 16.81 39.18
CA LEU F 181 30.43 17.60 37.97
C LEU F 181 31.56 17.11 37.09
N LEU F 182 31.25 17.02 35.80
CA LEU F 182 32.20 16.55 34.78
C LEU F 182 32.48 17.69 33.79
N VAL F 183 33.57 18.41 34.02
CA VAL F 183 33.89 19.60 33.22
C VAL F 183 34.78 19.31 32.00
N GLY F 184 34.35 19.82 30.85
CA GLY F 184 35.14 19.75 29.62
C GLY F 184 34.43 19.21 28.40
N GLU F 185 35.22 18.86 27.39
CA GLU F 185 34.68 18.33 26.12
C GLU F 185 34.36 16.83 26.21
N PHE F 186 33.07 16.53 26.27
CA PHE F 186 32.59 15.15 26.44
C PHE F 186 32.79 14.38 25.14
N LYS F 187 33.39 13.19 25.25
CA LYS F 187 33.61 12.34 24.08
C LYS F 187 33.24 10.88 24.29
N LYS F 188 32.47 10.33 23.35
CA LYS F 188 32.16 8.89 23.32
C LYS F 188 33.27 8.19 22.55
N ASN F 189 33.87 7.18 23.18
CA ASN F 189 34.99 6.42 22.59
C ASN F 189 34.56 5.09 21.98
N ASN F 190 33.75 4.35 22.71
CA ASN F 190 32.97 3.26 22.11
C ASN F 190 31.53 3.27 22.59
N SER F 191 30.71 2.45 21.94
CA SER F 191 29.29 2.33 22.30
C SER F 191 28.98 0.99 22.96
N ASN F 192 27.73 0.87 23.40
CA ASN F 192 27.24 -0.37 24.01
C ASN F 192 26.94 -1.46 22.98
N TYR F 193 26.93 -1.11 21.70
CA TYR F 193 26.68 -2.09 20.62
C TYR F 193 27.76 -2.12 19.56
N GLY F 194 29.01 -1.95 19.98
CA GLY F 194 30.19 -2.27 19.14
C GLY F 194 30.75 -1.17 18.27
N ALA F 195 30.18 0.03 18.39
CA ALA F 195 30.74 1.19 17.72
C ALA F 195 32.14 1.53 18.26
N VAL F 196 32.98 2.04 17.36
CA VAL F 196 34.27 2.61 17.73
C VAL F 196 34.29 4.04 17.19
N LEU F 197 34.37 5.00 18.11
CA LEU F 197 34.11 6.42 17.82
C LEU F 197 35.28 7.39 17.97
N THR F 198 36.40 6.90 18.51
CA THR F 198 37.64 7.68 18.53
C THR F 198 38.84 6.80 18.22
N ASN F 199 39.84 7.45 17.65
CA ASN F 199 41.09 6.77 17.28
C ASN F 199 41.89 6.41 18.54
N ARG F 200 41.48 6.99 19.68
CA ARG F 200 42.12 6.71 20.96
C ARG F 200 42.14 5.22 21.20
N SER F 201 43.24 4.76 21.75
CA SER F 201 43.48 3.33 21.96
C SER F 201 43.22 2.87 23.42
N THR F 202 43.45 3.76 24.38
CA THR F 202 43.22 3.42 25.81
C THR F 202 41.83 2.87 26.13
N PRO F 203 40.76 3.59 25.79
CA PRO F 203 39.41 3.08 26.08
C PRO F 203 39.15 1.68 25.53
N GLN F 204 39.64 1.44 24.34
CA GLN F 204 39.43 0.16 23.64
C GLN F 204 40.16 -0.95 24.39
N ALA F 205 41.41 -0.67 24.74
CA ALA F 205 42.20 -1.60 25.54
C ALA F 205 41.52 -1.92 26.86
N PHE F 206 41.03 -0.89 27.53
CA PHE F 206 40.35 -1.06 28.82
C PHE F 206 39.17 -2.05 28.72
N SER F 207 38.31 -1.87 27.71
CA SER F 207 37.13 -2.77 27.55
C SER F 207 37.63 -4.16 27.30
N HIS F 208 38.58 -4.28 26.38
CA HIS F 208 39.21 -5.59 26.10
C HIS F 208 39.75 -6.24 27.38
N PHE F 209 40.54 -5.46 28.10
CA PHE F 209 41.10 -5.86 29.40
C PHE F 209 40.04 -6.47 30.30
N THR F 210 38.93 -5.76 30.46
CA THR F 210 37.81 -6.23 31.32
C THR F 210 37.23 -7.56 30.85
N TYR F 211 37.20 -7.77 29.54
CA TYR F 211 36.65 -9.01 28.97
C TYR F 211 37.51 -10.21 29.34
N GLU F 212 38.79 -10.06 29.06
CA GLU F 212 39.76 -11.14 29.27
C GLU F 212 39.93 -11.48 30.74
N LEU F 213 40.28 -10.48 31.53
CA LEU F 213 40.57 -10.71 32.96
C LEU F 213 39.36 -11.05 33.79
N SER F 214 38.17 -10.87 33.24
CA SER F 214 36.95 -11.32 33.91
C SER F 214 36.61 -12.76 33.53
N ASN F 215 37.55 -13.41 32.85
CA ASN F 215 37.36 -14.76 32.27
C ASN F 215 36.12 -14.82 31.38
N LYS F 216 36.05 -13.84 30.49
CA LYS F 216 34.98 -13.69 29.50
C LYS F 216 33.56 -13.70 30.12
N GLN F 217 33.49 -13.29 31.38
CA GLN F 217 32.21 -13.23 32.15
C GLN F 217 31.50 -11.88 32.02
N MET F 218 32.28 -10.84 31.76
CA MET F 218 31.77 -9.48 31.55
C MET F 218 32.66 -8.60 30.69
N ILE F 219 32.04 -7.62 30.04
CA ILE F 219 32.77 -6.46 29.47
C ILE F 219 32.25 -5.14 29.97
N VAL F 220 33.16 -4.20 30.15
CA VAL F 220 32.79 -2.79 30.32
C VAL F 220 32.96 -2.04 29.02
N VAL F 221 31.83 -1.71 28.44
CA VAL F 221 31.79 -0.93 27.20
C VAL F 221 31.10 0.41 27.42
N ASP F 222 30.77 1.06 26.31
CA ASP F 222 30.12 2.37 26.31
C ASP F 222 31.00 3.32 27.10
N ILE F 223 32.27 3.34 26.73
CA ILE F 223 33.26 4.12 27.44
C ILE F 223 33.27 5.52 26.91
N GLN F 224 32.92 6.44 27.79
CA GLN F 224 32.74 7.84 27.42
C GLN F 224 33.03 8.77 28.58
N GLY F 225 33.21 10.03 28.24
CA GLY F 225 33.53 11.06 29.21
C GLY F 225 34.59 12.04 28.73
N VAL F 226 35.02 12.89 29.66
CA VAL F 226 36.05 13.89 29.38
C VAL F 226 37.43 13.33 29.63
N ASP F 227 38.20 13.24 28.55
CA ASP F 227 39.51 12.60 28.55
C ASP F 227 39.39 11.19 29.11
N ASP F 228 40.11 10.90 30.21
CA ASP F 228 40.09 9.58 30.87
C ASP F 228 39.31 9.58 32.18
N LEU F 229 38.52 10.64 32.38
CA LEU F 229 37.54 10.66 33.43
C LEU F 229 36.22 10.21 32.83
N TYR F 230 35.82 8.99 33.18
CA TYR F 230 34.67 8.35 32.53
C TYR F 230 33.41 8.27 33.36
N THR F 231 32.30 8.27 32.66
CA THR F 231 31.00 8.04 33.28
C THR F 231 30.06 7.34 32.30
N ASP F 232 28.87 7.06 32.78
CA ASP F 232 27.78 6.47 31.96
C ASP F 232 28.12 5.16 31.27
N PRO F 233 28.93 4.31 31.92
CA PRO F 233 29.28 3.10 31.20
C PRO F 233 28.16 2.07 31.17
N GLN F 234 28.43 1.03 30.41
CA GLN F 234 27.53 -0.11 30.31
C GLN F 234 28.29 -1.42 30.33
N ILE F 235 27.76 -2.35 31.10
CA ILE F 235 28.31 -3.70 31.18
C ILE F 235 27.47 -4.72 30.41
N HIS F 236 28.15 -5.54 29.64
CA HIS F 236 27.54 -6.73 29.04
C HIS F 236 28.01 -7.97 29.80
N THR F 237 27.11 -8.95 29.90
CA THR F 237 27.42 -10.30 30.42
C THR F 237 26.78 -11.37 29.52
N PRO F 238 27.46 -12.51 29.34
CA PRO F 238 27.00 -13.54 28.38
C PRO F 238 25.56 -13.97 28.57
N ASP F 239 25.20 -14.28 29.81
CA ASP F 239 23.84 -14.71 30.15
C ASP F 239 22.79 -13.59 30.01
N GLY F 240 23.28 -12.35 29.96
CA GLY F 240 22.44 -11.17 29.70
C GLY F 240 21.74 -10.64 30.93
N LYS F 241 21.96 -11.32 32.04
CA LYS F 241 21.28 -10.99 33.28
C LYS F 241 22.04 -9.91 34.04
N GLY F 242 21.28 -9.02 34.64
CA GLY F 242 21.81 -7.95 35.45
C GLY F 242 22.20 -6.72 34.65
N PHE F 243 22.57 -5.67 35.39
CA PHE F 243 23.19 -4.45 34.84
C PHE F 243 22.27 -3.68 33.90
N GLY F 244 20.98 -3.78 34.18
CA GLY F 244 19.98 -2.98 33.48
C GLY F 244 19.66 -3.37 32.05
N LEU F 245 18.72 -2.60 31.47
CA LEU F 245 18.17 -2.86 30.10
C LEU F 245 19.17 -2.64 29.01
N GLY F 246 20.28 -2.01 29.37
CA GLY F 246 21.35 -1.71 28.42
C GLY F 246 22.30 -2.87 28.25
N ASN F 247 22.09 -3.94 29.03
CA ASN F 247 22.88 -5.16 28.92
C ASN F 247 22.40 -6.00 27.75
N LEU F 248 23.12 -5.94 26.64
CA LEU F 248 22.76 -6.66 25.40
C LEU F 248 23.39 -8.05 25.28
N GLY F 249 23.91 -8.56 26.38
CA GLY F 249 24.33 -9.95 26.47
C GLY F 249 25.33 -10.39 25.42
N LYS F 250 25.23 -11.65 25.00
CA LYS F 250 26.25 -12.25 24.12
C LYS F 250 26.35 -11.45 22.82
N ALA F 251 25.21 -10.91 22.39
CA ALA F 251 25.12 -10.05 21.20
C ALA F 251 26.07 -8.85 21.30
N GLY F 252 25.91 -8.11 22.38
CA GLY F 252 26.72 -6.91 22.66
C GLY F 252 28.21 -7.21 22.78
N ILE F 253 28.51 -8.35 23.39
CA ILE F 253 29.89 -8.82 23.54
C ILE F 253 30.48 -9.12 22.16
N ASN F 254 29.70 -9.76 21.32
CA ASN F 254 30.14 -10.08 19.97
C ASN F 254 30.45 -8.83 19.19
N LYS F 255 29.50 -7.90 19.20
CA LYS F 255 29.63 -6.61 18.48
C LYS F 255 30.94 -5.88 18.81
N PHE F 256 31.34 -5.93 20.08
CA PHE F 256 32.61 -5.34 20.50
C PHE F 256 33.77 -6.08 19.88
N ILE F 257 33.68 -7.40 19.91
CA ILE F 257 34.78 -8.27 19.47
C ILE F 257 35.02 -8.23 17.96
N THR F 258 33.94 -8.30 17.21
CA THR F 258 33.96 -8.22 15.73
C THR F 258 34.55 -6.92 15.22
N THR F 259 34.42 -5.83 15.98
CA THR F 259 35.00 -4.52 15.57
C THR F 259 36.34 -4.24 16.22
N HIS F 260 36.74 -5.06 17.20
CA HIS F 260 37.94 -4.80 17.99
C HIS F 260 39.28 -5.12 17.34
N LYS F 261 40.09 -4.08 17.26
CA LYS F 261 41.47 -4.21 16.82
C LYS F 261 42.39 -3.91 17.98
N CYS F 262 43.22 -4.87 18.33
CA CYS F 262 44.17 -4.66 19.41
C CYS F 262 45.22 -3.62 19.06
N ASN F 263 45.64 -2.91 20.09
CA ASN F 263 46.60 -1.80 19.97
C ASN F 263 47.79 -1.90 20.94
N ALA F 264 48.63 -0.87 20.91
CA ALA F 264 49.84 -0.79 21.74
C ALA F 264 49.57 -1.12 23.19
N VAL F 265 48.50 -0.56 23.70
CA VAL F 265 48.13 -0.69 25.12
C VAL F 265 47.52 -2.09 25.39
N CYS F 266 46.79 -2.64 24.42
CA CYS F 266 46.39 -4.05 24.52
C CYS F 266 47.65 -4.90 24.74
N ALA F 267 48.63 -4.67 23.87
CA ALA F 267 49.92 -5.38 23.86
C ALA F 267 50.70 -5.23 25.17
N LEU F 268 50.91 -3.97 25.59
CA LEU F 268 51.59 -3.64 26.85
C LEU F 268 51.05 -4.48 28.02
N LEU F 269 49.75 -4.63 28.05
CA LEU F 269 49.08 -5.51 29.05
C LEU F 269 49.04 -7.00 28.78
N ASP F 270 49.87 -7.52 27.86
CA ASP F 270 49.90 -8.97 27.54
C ASP F 270 48.51 -9.57 27.29
N LEU F 271 47.70 -8.77 26.62
CA LEU F 271 46.35 -9.18 26.26
C LEU F 271 46.38 -10.05 25.03
N ASP F 272 45.86 -11.25 25.21
CA ASP F 272 45.67 -12.22 24.14
C ASP F 272 44.90 -11.62 22.96
N VAL F 273 45.50 -11.69 21.78
CA VAL F 273 44.92 -11.09 20.54
C VAL F 273 43.70 -11.85 20.04
N LYS F 274 43.54 -13.07 20.50
CA LYS F 274 42.35 -13.83 20.22
C LYS F 274 41.34 -13.54 21.33
N LEU F 275 40.06 -13.46 20.94
CA LEU F 275 38.95 -13.26 21.89
C LEU F 275 37.97 -14.43 21.88
N ILE G 18 7.88 -11.20 27.11
CA ILE G 18 8.81 -11.69 26.03
C ILE G 18 9.83 -12.66 26.62
N SER G 19 10.84 -12.13 27.28
CA SER G 19 12.01 -12.91 27.68
C SER G 19 11.73 -13.96 28.75
N SER G 20 12.44 -15.09 28.64
CA SER G 20 12.48 -16.15 29.64
C SER G 20 13.80 -16.90 29.45
N GLU G 21 14.07 -17.89 30.29
CA GLU G 21 15.38 -18.55 30.37
C GLU G 21 15.88 -19.21 29.07
N THR G 22 17.20 -19.39 29.01
CA THR G 22 17.89 -20.35 28.11
C THR G 22 17.73 -20.12 26.59
N GLY G 23 17.44 -18.87 26.19
CA GLY G 23 17.15 -18.56 24.77
C GLY G 23 18.24 -17.82 24.02
N GLU G 24 18.17 -17.92 22.69
CA GLU G 24 19.04 -17.15 21.80
C GLU G 24 18.32 -15.89 21.30
N MET G 25 19.06 -14.80 21.21
CA MET G 25 18.53 -13.52 20.69
C MET G 25 18.75 -13.41 19.19
N GLY G 26 17.85 -12.68 18.55
CA GLY G 26 17.87 -12.52 17.11
C GLY G 26 17.16 -11.28 16.60
N ILE G 27 17.69 -10.72 15.52
CA ILE G 27 17.04 -9.60 14.84
C ILE G 27 16.16 -10.12 13.73
N LEU G 28 14.90 -9.72 13.80
CA LEU G 28 13.87 -10.27 12.94
C LEU G 28 13.39 -9.28 11.90
N TRP G 29 13.55 -9.65 10.64
CA TRP G 29 13.12 -8.83 9.51
C TRP G 29 11.86 -9.36 8.85
N GLU G 30 10.89 -8.46 8.67
CA GLU G 30 9.61 -8.75 8.02
C GLU G 30 9.35 -7.77 6.91
N PHE G 31 8.90 -8.29 5.78
CA PHE G 31 8.62 -7.45 4.60
C PHE G 31 7.15 -7.13 4.46
N ASP G 32 6.88 -5.90 4.05
CA ASP G 32 5.52 -5.42 3.79
C ASP G 32 5.38 -5.09 2.30
N PRO G 33 4.68 -5.94 1.55
CA PRO G 33 4.58 -5.79 0.09
C PRO G 33 3.63 -4.71 -0.36
N ILE G 34 2.73 -4.33 0.54
CA ILE G 34 1.76 -3.28 0.32
C ILE G 34 2.51 -1.94 0.16
N ILE G 35 3.34 -1.65 1.16
CA ILE G 35 4.17 -0.42 1.21
C ILE G 35 5.51 -0.49 0.46
N ASN G 36 5.93 -1.71 0.11
CA ASN G 36 7.27 -2.00 -0.43
C ASN G 36 8.36 -1.58 0.53
N LYS G 37 8.23 -1.95 1.79
CA LYS G 37 9.24 -1.63 2.81
C LYS G 37 9.45 -2.72 3.84
N TRP G 38 10.67 -2.73 4.40
CA TRP G 38 11.07 -3.71 5.42
C TRP G 38 10.80 -3.22 6.83
N ILE G 39 10.20 -4.10 7.62
CA ILE G 39 9.99 -3.86 9.05
C ILE G 39 11.06 -4.56 9.87
N ARG G 40 11.63 -3.85 10.84
CA ARG G 40 12.74 -4.39 11.65
C ARG G 40 12.31 -4.61 13.08
N LEU G 41 12.67 -5.78 13.57
CA LEU G 41 12.19 -6.28 14.87
C LEU G 41 13.25 -7.07 15.60
N SER G 42 12.94 -7.39 16.85
CA SER G 42 13.73 -8.32 17.63
C SER G 42 12.89 -9.53 18.07
N MET G 43 13.58 -10.64 18.31
CA MET G 43 12.95 -11.84 18.84
C MET G 43 13.92 -12.69 19.63
N LYS G 44 13.36 -13.44 20.57
CA LYS G 44 14.10 -14.43 21.35
C LYS G 44 13.62 -15.81 20.93
N LEU G 45 14.56 -16.72 20.70
CA LEU G 45 14.22 -18.04 20.20
C LEU G 45 15.11 -19.17 20.71
N LYS G 46 14.49 -20.34 20.90
CA LYS G 46 15.19 -21.56 21.30
C LYS G 46 15.22 -22.56 20.14
N VAL G 47 16.43 -22.85 19.69
CA VAL G 47 16.65 -23.75 18.56
C VAL G 47 17.21 -25.12 19.00
N GLU G 48 16.72 -26.17 18.36
CA GLU G 48 17.22 -27.53 18.63
C GLU G 48 18.56 -27.79 17.99
N ARG G 49 19.40 -28.49 18.72
CA ARG G 49 20.78 -28.76 18.29
C ARG G 49 20.80 -29.52 16.96
N LYS G 50 19.87 -30.46 16.82
CA LYS G 50 19.81 -31.34 15.64
C LYS G 50 18.70 -30.99 14.65
N PRO G 51 19.02 -31.02 13.34
CA PRO G 51 18.02 -30.74 12.32
C PRO G 51 17.15 -31.95 12.00
N PHE G 52 15.87 -31.68 11.74
CA PHE G 52 14.92 -32.74 11.40
C PHE G 52 14.80 -32.96 9.89
N ALA G 53 15.58 -32.20 9.13
CA ALA G 53 15.55 -32.29 7.67
C ALA G 53 16.87 -31.86 7.07
N GLU G 54 17.16 -32.36 5.88
CA GLU G 54 18.38 -32.03 5.19
C GLU G 54 18.19 -31.99 3.70
N GLY G 55 19.09 -31.27 3.05
CA GLY G 55 19.23 -31.30 1.60
C GLY G 55 20.70 -31.15 1.27
N ALA G 56 21.01 -31.13 -0.01
CA ALA G 56 22.34 -30.72 -0.48
C ALA G 56 22.51 -29.23 -0.25
N LEU G 57 21.38 -28.52 -0.32
CA LEU G 57 21.35 -27.05 -0.24
C LEU G 57 21.10 -26.54 1.19
N ARG G 58 20.13 -27.11 1.89
CA ARG G 58 19.73 -26.59 3.22
C ARG G 58 19.36 -27.65 4.26
N GLU G 59 19.37 -27.21 5.52
CA GLU G 59 18.89 -28.02 6.67
C GLU G 59 17.83 -27.25 7.44
N ALA G 60 16.89 -27.99 8.00
CA ALA G 60 15.78 -27.40 8.72
C ALA G 60 15.79 -27.80 10.20
N TYR G 61 15.59 -26.81 11.05
CA TYR G 61 15.65 -27.01 12.51
C TYR G 61 14.33 -26.65 13.16
N HIS G 62 13.87 -27.51 14.06
CA HIS G 62 12.69 -27.15 14.86
C HIS G 62 13.06 -26.06 15.82
N THR G 63 12.14 -25.14 16.05
CA THR G 63 12.41 -23.97 16.88
C THR G 63 11.16 -23.50 17.62
N VAL G 64 11.36 -22.99 18.83
CA VAL G 64 10.26 -22.36 19.58
C VAL G 64 10.52 -20.85 19.82
N SER G 65 9.47 -20.06 19.66
CA SER G 65 9.50 -18.62 19.88
C SER G 65 9.38 -18.31 21.35
N LEU G 66 10.37 -17.59 21.88
CA LEU G 66 10.33 -17.07 23.25
C LEU G 66 10.04 -15.58 23.24
N GLY G 67 9.16 -15.20 22.32
CA GLY G 67 8.67 -13.82 22.26
C GLY G 67 9.22 -12.99 21.12
N VAL G 68 8.41 -12.02 20.70
CA VAL G 68 8.78 -11.04 19.69
C VAL G 68 8.68 -9.64 20.25
N GLY G 69 9.73 -8.84 20.03
CA GLY G 69 9.77 -7.43 20.46
C GLY G 69 10.19 -6.44 19.37
N THR G 70 10.33 -5.17 19.75
CA THR G 70 10.82 -4.12 18.83
C THR G 70 12.35 -4.05 18.80
N ASP G 71 12.88 -3.38 17.77
CA ASP G 71 14.33 -3.35 17.51
C ASP G 71 15.13 -2.32 18.30
N GLU G 72 14.45 -1.55 19.14
CA GLU G 72 15.04 -0.35 19.79
C GLU G 72 16.37 -0.61 20.52
N ASN G 73 16.44 -1.73 21.22
CA ASN G 73 17.64 -2.10 22.00
C ASN G 73 18.87 -2.42 21.15
N TYR G 74 18.65 -2.62 19.86
CA TYR G 74 19.69 -3.05 18.91
C TYR G 74 19.72 -2.14 17.73
N PRO G 75 20.12 -0.88 17.95
CA PRO G 75 19.83 0.14 16.95
C PRO G 75 20.57 -0.16 15.64
N LEU G 76 19.85 0.01 14.54
CA LEU G 76 20.40 -0.24 13.25
C LEU G 76 21.23 0.98 13.08
N GLY G 77 22.44 0.80 12.65
CA GLY G 77 23.31 1.95 12.49
C GLY G 77 23.05 2.72 11.22
N TPO G 78 24.06 3.51 10.86
CA TPO G 78 24.26 3.94 9.49
CB TPO G 78 24.85 5.34 9.39
CG2 TPO G 78 23.97 6.25 8.58
OG1 TPO G 78 25.03 5.79 10.72
P TPO G 78 24.34 7.04 11.43
O1P TPO G 78 22.88 6.71 11.48
O2P TPO G 78 25.19 6.89 12.66
O3P TPO G 78 24.72 8.26 10.61
C TPO G 78 25.20 2.93 8.89
O TPO G 78 26.41 2.94 9.14
N THR G 79 24.62 2.08 8.05
CA THR G 79 25.30 0.90 7.54
C THR G 79 25.61 1.21 6.09
N THR G 80 26.89 1.19 5.73
CA THR G 80 27.29 1.25 4.32
C THR G 80 27.50 -0.18 3.81
N LYS G 81 27.00 -0.41 2.59
CA LYS G 81 27.19 -1.68 1.84
C LYS G 81 26.62 -2.88 2.59
N LEU G 82 25.38 -2.74 3.01
CA LEU G 82 24.76 -3.79 3.82
C LEU G 82 23.27 -3.69 3.85
N PHE G 83 22.65 -4.74 3.38
CA PHE G 83 21.24 -4.69 3.06
C PHE G 83 20.35 -4.92 4.28
N PRO G 84 19.20 -4.24 4.36
CA PRO G 84 18.74 -3.24 3.40
C PRO G 84 19.17 -1.83 3.75
N PRO G 85 19.14 -0.92 2.75
CA PRO G 85 19.33 0.50 3.01
C PRO G 85 18.19 1.09 3.82
N ILE G 86 18.44 2.27 4.39
CA ILE G 86 17.52 2.87 5.37
C ILE G 86 16.24 3.37 4.71
N GLU G 87 16.39 3.94 3.52
CA GLU G 87 15.22 4.36 2.71
C GLU G 87 14.25 3.20 2.47
N MET G 88 14.80 1.99 2.38
CA MET G 88 14.01 0.75 2.22
C MET G 88 13.33 0.26 3.50
N ILE G 89 13.68 0.87 4.62
CA ILE G 89 13.18 0.47 5.94
C ILE G 89 12.03 1.36 6.40
N SER G 90 11.08 0.72 7.05
CA SER G 90 9.97 1.42 7.68
C SER G 90 10.32 1.72 9.15
N PRO G 91 10.27 3.01 9.54
CA PRO G 91 10.55 3.40 10.92
C PRO G 91 9.44 2.98 11.87
N ILE G 92 8.22 2.96 11.37
CA ILE G 92 7.10 2.41 12.14
C ILE G 92 7.05 0.89 11.97
N SER G 93 6.72 0.21 13.06
CA SER G 93 6.67 -1.26 13.11
C SER G 93 5.33 -1.82 13.65
N LYS G 94 4.45 -0.94 14.10
CA LYS G 94 3.21 -1.29 14.85
C LYS G 94 2.37 -2.36 14.19
N ASN G 95 2.23 -2.24 12.87
CA ASN G 95 1.46 -3.20 12.09
C ASN G 95 2.35 -4.26 11.44
N ASN G 96 2.22 -5.49 11.93
CA ASN G 96 3.00 -6.63 11.46
C ASN G 96 2.43 -7.98 11.89
N GLU G 97 2.85 -9.03 11.20
CA GLU G 97 2.36 -10.39 11.44
C GLU G 97 3.12 -11.12 12.53
N ALA G 98 4.40 -10.79 12.63
CA ALA G 98 5.34 -11.53 13.49
C ALA G 98 4.91 -11.60 14.96
N MET G 99 4.42 -10.48 15.47
CA MET G 99 4.00 -10.37 16.91
C MET G 99 3.03 -11.47 17.29
N THR G 100 2.03 -11.65 16.43
CA THR G 100 0.96 -12.65 16.65
C THR G 100 1.37 -14.05 16.19
N GLN G 101 1.94 -14.15 15.00
CA GLN G 101 2.28 -15.48 14.41
C GLN G 101 3.48 -16.15 15.05
N LEU G 102 4.40 -15.33 15.55
CA LEU G 102 5.59 -15.83 16.27
C LEU G 102 5.51 -15.50 17.76
N LYS G 103 4.28 -15.34 18.23
CA LYS G 103 4.00 -15.04 19.63
C LYS G 103 4.68 -16.07 20.56
N ASN G 104 4.92 -15.65 21.79
CA ASN G 104 5.58 -16.51 22.77
C ASN G 104 4.95 -17.91 22.83
N GLY G 105 5.82 -18.92 22.80
CA GLY G 105 5.40 -20.33 22.88
C GLY G 105 5.30 -21.05 21.53
N THR G 106 5.14 -20.27 20.46
CA THR G 106 4.91 -20.81 19.10
C THR G 106 6.04 -21.70 18.56
N LYS G 107 5.65 -22.86 18.04
CA LYS G 107 6.56 -23.79 17.43
C LYS G 107 6.72 -23.42 15.94
N PHE G 108 7.96 -23.45 15.43
CA PHE G 108 8.23 -23.13 14.01
C PHE G 108 9.53 -23.71 13.43
N VAL G 109 9.71 -23.49 12.15
CA VAL G 109 10.87 -23.98 11.40
C VAL G 109 11.88 -22.88 11.15
N LEU G 110 13.14 -23.28 11.32
CA LEU G 110 14.30 -22.45 11.03
C LEU G 110 15.12 -23.12 9.96
N LYS G 111 15.33 -22.42 8.85
CA LYS G 111 16.10 -22.94 7.72
C LYS G 111 17.49 -22.31 7.63
N LEU G 112 18.45 -23.11 7.23
CA LEU G 112 19.85 -22.69 7.11
C LEU G 112 20.48 -23.12 5.79
N TYR G 113 20.96 -22.16 5.03
CA TYR G 113 21.59 -22.43 3.73
C TYR G 113 23.08 -22.47 3.91
N LYS G 114 23.63 -23.65 4.19
CA LYS G 114 25.10 -23.83 4.31
C LYS G 114 25.68 -24.07 2.95
N LYS G 115 26.96 -23.70 2.78
CA LYS G 115 27.62 -23.83 1.47
C LYS G 115 29.02 -24.46 1.45
N GLU G 118 29.78 -19.00 3.57
CA GLU G 118 28.89 -19.39 2.48
C GLU G 118 29.22 -18.67 1.17
N GLN G 119 29.59 -19.45 0.15
CA GLN G 119 30.01 -18.90 -1.15
C GLN G 119 28.81 -18.47 -2.00
N GLN G 120 27.92 -19.40 -2.28
CA GLN G 120 26.71 -19.11 -3.08
C GLN G 120 25.80 -18.08 -2.39
N ALA G 121 25.45 -18.38 -1.13
CA ALA G 121 24.41 -17.65 -0.43
C ALA G 121 24.90 -16.28 0.06
N SER G 122 24.27 -15.23 -0.48
CA SER G 122 24.63 -13.84 -0.20
C SER G 122 23.46 -13.18 0.54
N ARG G 123 23.74 -12.05 1.17
CA ARG G 123 22.76 -11.37 2.02
C ARG G 123 21.54 -10.92 1.21
N GLU G 124 21.82 -10.18 0.14
CA GLU G 124 20.78 -9.62 -0.74
C GLU G 124 19.73 -10.65 -1.13
N LEU G 125 20.24 -11.83 -1.52
CA LEU G 125 19.40 -12.94 -2.03
C LEU G 125 18.54 -13.56 -0.93
N TYR G 126 19.09 -13.67 0.26
CA TYR G 126 18.29 -14.08 1.44
C TYR G 126 17.01 -13.26 1.61
N PHE G 127 17.20 -11.94 1.56
CA PHE G 127 16.10 -10.97 1.69
C PHE G 127 15.14 -11.03 0.50
N GLU G 128 15.68 -11.28 -0.69
CA GLU G 128 14.87 -11.41 -1.91
C GLU G 128 13.87 -12.57 -1.77
N PHD G 129 14.33 -13.67 -1.16
CA PHD G 129 13.46 -14.87 -0.96
C PHD G 129 12.24 -14.50 -0.20
O PHD G 129 11.12 -14.80 -0.58
CB PHD G 129 14.12 -16.00 -0.16
CG PHD G 129 13.99 -17.27 -0.95
OD1 PHD G 129 13.01 -18.31 -0.62
OD2 PHD G 129 14.73 -17.41 -1.92
P PHD G 129 12.83 -19.68 -1.52
OP1 PHD G 129 11.57 -20.30 -0.95
OP2 PHD G 129 14.12 -20.43 -1.20
OP3 PHD G 129 12.62 -19.30 -2.96
N VAL G 130 12.48 -13.82 0.92
CA VAL G 130 11.40 -13.36 1.81
C VAL G 130 10.52 -12.32 1.11
N LYS G 131 11.15 -11.40 0.40
CA LYS G 131 10.40 -10.44 -0.41
C LYS G 131 9.46 -11.19 -1.35
N MET G 132 10.05 -12.11 -2.08
CA MET G 132 9.32 -12.95 -3.03
C MET G 132 8.11 -13.62 -2.36
N GLN G 133 8.37 -14.23 -1.21
CA GLN G 133 7.34 -14.96 -0.47
C GLN G 133 6.14 -14.06 -0.20
N MET G 134 6.45 -12.84 0.23
CA MET G 134 5.41 -11.85 0.59
C MET G 134 4.60 -11.40 -0.61
N VAL G 135 5.29 -11.20 -1.71
CA VAL G 135 4.63 -10.82 -2.97
C VAL G 135 3.65 -11.92 -3.39
N CYS G 136 4.11 -13.16 -3.31
CA CYS G 136 3.27 -14.31 -3.66
C CYS G 136 2.06 -14.37 -2.73
N ARG G 137 2.34 -14.26 -1.44
CA ARG G 137 1.29 -14.23 -0.41
C ARG G 137 0.22 -13.19 -0.75
N ASP G 138 0.69 -12.04 -1.22
CA ASP G 138 -0.19 -10.94 -1.59
C ASP G 138 -1.12 -11.33 -2.74
N TRP G 139 -0.52 -11.80 -3.83
CA TRP G 139 -1.29 -12.31 -4.98
C TRP G 139 -2.22 -13.45 -4.56
N GLY G 140 -1.78 -14.19 -3.55
CA GLY G 140 -2.61 -15.20 -2.94
C GLY G 140 -3.94 -14.62 -2.47
N ASN G 141 -3.85 -13.50 -1.79
CA ASN G 141 -5.05 -12.78 -1.33
C ASN G 141 -5.85 -12.15 -2.47
N LYS G 142 -5.15 -11.63 -3.47
CA LYS G 142 -5.79 -11.11 -4.70
C LYS G 142 -6.62 -12.19 -5.42
N PHE G 143 -6.07 -13.40 -5.46
CA PHE G 143 -6.75 -14.59 -6.03
C PHE G 143 -8.02 -14.95 -5.26
N ASN G 144 -7.90 -14.94 -3.95
CA ASN G 144 -9.03 -15.26 -3.04
C ASN G 144 -10.17 -14.24 -3.06
N GLN G 145 -9.82 -13.00 -3.39
CA GLN G 145 -10.80 -11.91 -3.56
C GLN G 145 -11.85 -12.27 -4.61
N LYS G 146 -11.38 -12.91 -5.67
CA LYS G 146 -12.23 -13.38 -6.78
C LYS G 146 -13.08 -14.62 -6.39
N LYS G 147 -13.15 -14.93 -5.10
CA LYS G 147 -14.04 -15.97 -4.54
C LYS G 147 -14.06 -17.30 -5.33
N PRO G 148 -12.92 -17.98 -5.40
CA PRO G 148 -12.80 -19.27 -6.06
C PRO G 148 -13.27 -20.39 -5.15
N PRO G 149 -13.48 -21.59 -5.72
CA PRO G 149 -14.00 -22.74 -4.96
C PRO G 149 -13.08 -23.13 -3.82
N LYS G 150 -11.79 -23.13 -4.13
CA LYS G 150 -10.76 -23.35 -3.14
C LYS G 150 -9.89 -22.11 -2.98
N LYS G 151 -9.87 -21.61 -1.75
CA LYS G 151 -9.06 -20.47 -1.36
C LYS G 151 -7.61 -20.89 -1.07
N ILE G 152 -6.74 -19.89 -1.11
CA ILE G 152 -5.28 -20.09 -1.11
C ILE G 152 -4.58 -19.28 -0.03
N GLU G 153 -3.52 -19.85 0.51
CA GLU G 153 -2.66 -19.10 1.43
C GLU G 153 -1.19 -19.46 1.28
N PHE G 154 -0.37 -18.44 1.12
CA PHE G 154 1.09 -18.61 1.23
C PHE G 154 1.56 -18.35 2.64
N LEU G 155 2.50 -19.17 3.07
CA LEU G 155 3.08 -19.00 4.39
C LEU G 155 3.87 -17.71 4.50
N MET G 156 3.70 -17.09 5.67
CA MET G 156 4.60 -16.04 6.11
C MET G 156 6.02 -16.60 6.16
N SER G 157 6.98 -15.79 5.74
CA SER G 157 8.39 -16.06 5.99
C SER G 157 9.11 -14.83 6.48
N TRP G 158 10.25 -15.06 7.09
CA TRP G 158 11.07 -13.99 7.65
C TRP G 158 12.57 -14.26 7.57
N VAL G 159 13.35 -13.18 7.45
CA VAL G 159 14.81 -13.23 7.66
C VAL G 159 15.13 -13.01 9.13
N VAL G 160 16.09 -13.77 9.64
CA VAL G 160 16.57 -13.59 11.00
C VAL G 160 18.08 -13.56 11.09
N GLU G 161 18.56 -12.55 11.82
CA GLU G 161 19.97 -12.37 12.13
C GLU G 161 20.28 -12.95 13.50
N LEU G 162 21.10 -13.98 13.53
CA LEU G 162 21.49 -14.63 14.79
C LEU G 162 22.66 -13.92 15.44
N ILE G 163 22.35 -12.99 16.32
CA ILE G 163 23.36 -12.06 16.86
C ILE G 163 24.24 -12.72 17.91
N ASP G 164 23.62 -13.52 18.76
CA ASP G 164 24.31 -14.17 19.87
C ASP G 164 25.35 -15.20 19.40
N ARG G 165 25.25 -15.57 18.13
CA ARG G 165 26.26 -16.42 17.48
C ARG G 165 27.38 -15.60 16.86
N SER G 166 28.59 -16.13 16.97
CA SER G 166 29.78 -15.46 16.39
C SER G 166 29.63 -15.39 14.88
N PRO G 167 30.01 -14.26 14.27
CA PRO G 167 29.71 -14.06 12.85
C PRO G 167 30.44 -14.99 11.91
N SER G 168 30.04 -14.91 10.65
CA SER G 168 30.62 -15.73 9.58
C SER G 168 32.11 -15.44 9.38
N SER G 169 32.72 -16.16 8.44
CA SER G 169 34.13 -15.95 8.08
C SER G 169 34.40 -14.50 7.65
N ASN G 170 33.47 -13.96 6.86
CA ASN G 170 33.36 -12.51 6.59
C ASN G 170 32.74 -11.78 7.78
N GLY G 171 32.75 -10.45 7.75
CA GLY G 171 32.26 -9.65 8.89
C GLY G 171 30.79 -9.90 9.21
N GLN G 172 30.07 -10.43 8.22
CA GLN G 172 28.59 -10.52 8.23
C GLN G 172 28.07 -11.50 9.29
N PRO G 173 27.04 -11.09 10.05
CA PRO G 173 26.53 -12.01 11.05
C PRO G 173 25.84 -13.18 10.38
N ILE G 174 25.48 -14.14 11.19
CA ILE G 174 24.87 -15.36 10.68
C ILE G 174 23.40 -15.13 10.34
N LEU G 175 23.09 -15.42 9.09
CA LEU G 175 21.73 -15.29 8.57
C LEU G 175 21.03 -16.62 8.41
N CYS G 176 19.74 -16.58 8.67
CA CYS G 176 18.88 -17.74 8.52
C CYS G 176 17.47 -17.31 8.17
N SER G 177 16.77 -18.14 7.42
CA SER G 177 15.35 -17.87 7.09
C SER G 177 14.43 -18.68 7.99
N ILE G 178 13.23 -18.16 8.18
CA ILE G 178 12.23 -18.69 9.14
C ILE G 178 10.79 -18.68 8.63
N GLU G 179 10.11 -19.81 8.79
CA GLU G 179 8.66 -19.87 8.50
C GLU G 179 7.89 -20.71 9.51
N PRO G 180 6.55 -20.56 9.54
CA PRO G 180 5.75 -21.39 10.43
C PRO G 180 5.85 -22.87 10.08
N LEU G 181 5.53 -23.70 11.06
CA LEU G 181 5.52 -25.13 10.85
C LEU G 181 4.43 -25.47 9.84
N LEU G 182 4.78 -26.37 8.93
CA LEU G 182 3.90 -26.82 7.86
C LEU G 182 3.61 -28.32 8.02
N VAL G 183 2.49 -28.64 8.64
CA VAL G 183 2.19 -30.04 8.98
C VAL G 183 1.36 -30.75 7.91
N GLY G 184 1.80 -31.95 7.54
CA GLY G 184 1.05 -32.81 6.63
C GLY G 184 1.82 -33.34 5.44
N GLU G 185 1.07 -33.86 4.46
CA GLU G 185 1.67 -34.44 3.25
C GLU G 185 2.02 -33.36 2.22
N PHE G 186 3.32 -33.11 2.08
CA PHE G 186 3.82 -32.08 1.18
C PHE G 186 3.69 -32.52 -0.27
N LYS G 187 3.11 -31.67 -1.10
CA LYS G 187 2.96 -31.97 -2.54
C LYS G 187 3.36 -30.83 -3.45
N LYS G 188 4.19 -31.15 -4.46
CA LYS G 188 4.54 -30.21 -5.54
C LYS G 188 3.49 -30.32 -6.63
N ASN G 189 2.90 -29.18 -6.99
CA ASN G 189 1.81 -29.12 -8.00
C ASN G 189 2.27 -28.67 -9.37
N ASN G 190 3.09 -27.62 -9.39
CA ASN G 190 3.92 -27.33 -10.57
C ASN G 190 5.34 -26.97 -10.18
N SER G 191 6.20 -26.90 -11.18
CA SER G 191 7.61 -26.55 -10.96
C SER G 191 7.94 -25.16 -11.49
N ASN G 192 9.17 -24.75 -11.23
CA ASN G 192 9.69 -23.47 -11.73
C ASN G 192 10.06 -23.50 -13.21
N TYR G 193 10.10 -24.69 -13.80
CA TYR G 193 10.42 -24.82 -15.23
C TYR G 193 9.36 -25.58 -16.04
N GLY G 194 8.10 -25.38 -15.69
CA GLY G 194 6.96 -25.83 -16.53
C GLY G 194 6.39 -27.22 -16.32
N ALA G 195 6.91 -27.93 -15.32
CA ALA G 195 6.34 -29.21 -14.94
C ALA G 195 4.92 -29.04 -14.40
N VAL G 196 4.10 -30.05 -14.66
CA VAL G 196 2.79 -30.17 -14.04
C VAL G 196 2.72 -31.53 -13.34
N LEU G 197 2.59 -31.48 -12.02
CA LEU G 197 2.83 -32.65 -11.14
C LEU G 197 1.63 -33.19 -10.37
N THR G 198 0.52 -32.47 -10.42
CA THR G 198 -0.74 -32.98 -9.87
C THR G 198 -1.90 -32.65 -10.79
N ASN G 199 -2.91 -33.51 -10.73
CA ASN G 199 -4.11 -33.32 -11.54
C ASN G 199 -4.96 -32.16 -10.99
N ARG G 200 -4.61 -31.71 -9.79
CA ARG G 200 -5.27 -30.56 -9.17
C ARG G 200 -5.25 -29.37 -10.10
N SER G 201 -6.37 -28.67 -10.14
CA SER G 201 -6.57 -27.57 -11.07
C SER G 201 -6.36 -26.17 -10.44
N THR G 202 -6.64 -26.05 -9.15
CA THR G 202 -6.45 -24.76 -8.42
C THR G 202 -5.06 -24.13 -8.57
N PRO G 203 -4.00 -24.87 -8.22
CA PRO G 203 -2.64 -24.31 -8.33
C PRO G 203 -2.31 -23.79 -9.71
N GLN G 204 -2.76 -24.52 -10.71
CA GLN G 204 -2.50 -24.18 -12.11
C GLN G 204 -3.22 -22.87 -12.47
N ALA G 205 -4.48 -22.80 -12.08
CA ALA G 205 -5.28 -21.60 -12.27
C ALA G 205 -4.62 -20.40 -11.61
N PHE G 206 -4.18 -20.60 -10.37
CA PHE G 206 -3.55 -19.51 -9.61
C PHE G 206 -2.35 -18.93 -10.35
N SER G 207 -1.46 -19.79 -10.84
CA SER G 207 -0.27 -19.29 -11.57
C SER G 207 -0.72 -18.54 -12.80
N HIS G 208 -1.63 -19.14 -13.55
CA HIS G 208 -2.20 -18.50 -14.74
C HIS G 208 -2.77 -17.13 -14.40
N PHE G 209 -3.60 -17.11 -13.36
CA PHE G 209 -4.19 -15.89 -12.83
C PHE G 209 -3.14 -14.80 -12.64
N THR G 210 -2.06 -15.15 -11.96
CA THR G 210 -0.97 -14.18 -11.67
C THR G 210 -0.34 -13.63 -12.95
N TYR G 211 -0.26 -14.46 -13.98
CA TYR G 211 0.36 -14.05 -15.25
C TYR G 211 -0.48 -13.00 -15.94
N GLU G 212 -1.75 -13.31 -16.08
CA GLU G 212 -2.69 -12.44 -16.78
C GLU G 212 -2.92 -11.12 -16.05
N LEU G 213 -3.33 -11.20 -14.79
CA LEU G 213 -3.66 -10.00 -14.03
C LEU G 213 -2.47 -9.13 -13.66
N SER G 214 -1.27 -9.66 -13.85
CA SER G 214 -0.05 -8.84 -13.69
C SER G 214 0.34 -8.16 -15.00
N ASN G 215 -0.56 -8.24 -15.98
CA ASN G 215 -0.31 -7.76 -17.36
C ASN G 215 0.95 -8.39 -17.96
N LYS G 216 1.02 -9.70 -17.83
CA LYS G 216 2.13 -10.53 -18.33
C LYS G 216 3.53 -10.07 -17.84
N GLN G 217 3.55 -9.40 -16.69
CA GLN G 217 4.78 -8.87 -16.07
C GLN G 217 5.46 -9.84 -15.09
N MET G 218 4.66 -10.73 -14.51
CA MET G 218 5.12 -11.82 -13.63
C MET G 218 4.26 -13.06 -13.66
N ILE G 219 4.87 -14.19 -13.32
CA ILE G 219 4.13 -15.37 -12.87
C ILE G 219 4.61 -15.87 -11.52
N VAL G 220 3.66 -16.37 -10.73
CA VAL G 220 3.98 -17.19 -9.57
C VAL G 220 3.84 -18.65 -9.89
N VAL G 221 4.99 -19.30 -9.97
CA VAL G 221 5.05 -20.75 -10.22
C VAL G 221 5.70 -21.49 -9.06
N ASP G 222 6.02 -22.74 -9.30
CA ASP G 222 6.64 -23.62 -8.29
C ASP G 222 5.71 -23.67 -7.08
N ILE G 223 4.46 -23.96 -7.38
CA ILE G 223 3.43 -23.98 -6.36
C ILE G 223 3.39 -25.30 -5.68
N GLN G 224 3.67 -25.26 -4.39
CA GLN G 224 3.83 -26.45 -3.60
C GLN G 224 3.45 -26.22 -2.16
N GLY G 225 3.26 -27.33 -1.46
CA GLY G 225 2.90 -27.30 -0.05
C GLY G 225 1.85 -28.32 0.31
N VAL G 226 1.36 -28.20 1.54
CA VAL G 226 0.32 -29.09 2.06
C VAL G 226 -1.06 -28.54 1.74
N ASP G 227 -1.79 -29.29 0.92
CA ASP G 227 -3.09 -28.87 0.38
C ASP G 227 -2.96 -27.50 -0.29
N ASP G 228 -3.71 -26.51 0.19
CA ASP G 228 -3.67 -25.13 -0.33
C ASP G 228 -2.94 -24.15 0.58
N LEU G 229 -2.19 -24.70 1.53
CA LEU G 229 -1.24 -23.92 2.30
C LEU G 229 0.12 -24.05 1.62
N TYR G 230 0.54 -22.98 0.98
CA TYR G 230 1.72 -23.02 0.12
C TYR G 230 2.95 -22.34 0.68
N THR G 231 4.09 -22.85 0.24
CA THR G 231 5.37 -22.22 0.54
C THR G 231 6.35 -22.47 -0.60
N ASP G 232 7.55 -21.92 -0.43
CA ASP G 232 8.68 -22.13 -1.36
C ASP G 232 8.40 -21.78 -2.82
N PRO G 233 7.57 -20.76 -3.05
CA PRO G 233 7.30 -20.48 -4.44
C PRO G 233 8.46 -19.81 -5.17
N GLN G 234 8.25 -19.68 -6.47
CA GLN G 234 9.17 -18.97 -7.33
C GLN G 234 8.44 -18.08 -8.32
N ILE G 235 8.97 -16.87 -8.47
CA ILE G 235 8.44 -15.91 -9.46
C ILE G 235 9.35 -15.80 -10.69
N HIS G 236 8.72 -15.83 -11.84
CA HIS G 236 9.38 -15.47 -13.10
C HIS G 236 8.93 -14.08 -13.55
N THR G 237 9.85 -13.35 -14.17
CA THR G 237 9.57 -12.06 -14.83
C THR G 237 10.25 -12.01 -16.19
N PRO G 238 9.62 -11.39 -17.20
CA PRO G 238 10.15 -11.42 -18.58
C PRO G 238 11.59 -10.96 -18.70
N ASP G 239 11.89 -9.84 -18.08
CA ASP G 239 13.27 -9.27 -18.11
C ASP G 239 14.28 -10.12 -17.33
N GLY G 240 13.76 -10.98 -16.46
CA GLY G 240 14.58 -11.96 -15.72
C GLY G 240 15.21 -11.40 -14.47
N LYS G 241 14.97 -10.11 -14.25
CA LYS G 241 15.59 -9.40 -13.15
C LYS G 241 14.78 -9.56 -11.89
N GLY G 242 15.50 -9.71 -10.78
CA GLY G 242 14.90 -9.83 -9.47
C GLY G 242 14.51 -11.25 -9.12
N PHE G 243 14.08 -11.40 -7.87
CA PHE G 243 13.46 -12.64 -7.35
C PHE G 243 14.39 -13.85 -7.37
N GLY G 244 15.67 -13.57 -7.21
CA GLY G 244 16.68 -14.60 -7.03
C GLY G 244 17.06 -15.41 -8.26
N LEU G 245 17.99 -16.33 -8.02
CA LEU G 245 18.62 -17.16 -9.07
C LEU G 245 17.67 -18.19 -9.68
N GLY G 246 16.51 -18.33 -9.04
CA GLY G 246 15.45 -19.23 -9.51
C GLY G 246 14.52 -18.59 -10.51
N ASN G 247 14.74 -17.31 -10.78
CA ASN G 247 13.99 -16.56 -11.80
C ASN G 247 14.54 -16.88 -13.19
N LEU G 248 13.86 -17.75 -13.92
CA LEU G 248 14.26 -18.19 -15.27
C LEU G 248 13.68 -17.36 -16.42
N GLY G 249 13.15 -16.20 -16.07
CA GLY G 249 12.78 -15.20 -17.07
C GLY G 249 11.83 -15.70 -18.14
N LYS G 250 11.99 -15.18 -19.36
CA LYS G 250 11.02 -15.43 -20.44
C LYS G 250 10.94 -16.92 -20.72
N ALA G 251 12.08 -17.60 -20.55
CA ALA G 251 12.17 -19.06 -20.70
C ALA G 251 11.20 -19.80 -19.78
N GLY G 252 11.30 -19.49 -18.50
CA GLY G 252 10.44 -20.09 -17.46
C GLY G 252 8.95 -19.82 -17.68
N ILE G 253 8.66 -18.61 -18.13
CA ILE G 253 7.28 -18.20 -18.43
C ILE G 253 6.75 -19.01 -19.60
N ASN G 254 7.59 -19.21 -20.60
CA ASN G 254 7.20 -20.00 -21.77
C ASN G 254 6.87 -21.42 -21.37
N LYS G 255 7.80 -22.03 -20.64
CA LYS G 255 7.66 -23.42 -20.17
C LYS G 255 6.32 -23.66 -19.47
N PHE G 256 5.89 -22.69 -18.68
CA PHE G 256 4.58 -22.79 -18.01
C PHE G 256 3.45 -22.77 -19.02
N ILE G 257 3.59 -21.87 -19.98
CA ILE G 257 2.53 -21.62 -20.97
C ILE G 257 2.34 -22.77 -21.94
N THR G 258 3.46 -23.27 -22.44
CA THR G 258 3.49 -24.43 -23.35
C THR G 258 2.83 -25.66 -22.77
N THR G 259 2.91 -25.83 -21.46
CA THR G 259 2.32 -27.02 -20.80
C THR G 259 0.96 -26.73 -20.22
N HIS G 260 0.56 -25.46 -20.19
CA HIS G 260 -0.68 -25.05 -19.52
C HIS G 260 -1.99 -25.32 -20.22
N LYS G 261 -2.84 -26.06 -19.54
CA LYS G 261 -4.19 -26.36 -19.99
C LYS G 261 -5.17 -25.73 -19.04
N CYS G 262 -5.98 -24.82 -19.56
CA CYS G 262 -6.96 -24.14 -18.74
C CYS G 262 -8.04 -25.10 -18.24
N ASN G 263 -8.52 -24.80 -17.05
CA ASN G 263 -9.50 -25.64 -16.36
C ASN G 263 -10.72 -24.87 -15.84
N ALA G 264 -11.60 -25.58 -15.15
CA ALA G 264 -12.82 -25.01 -14.59
C ALA G 264 -12.58 -23.70 -13.85
N VAL G 265 -11.53 -23.70 -13.03
CA VAL G 265 -11.20 -22.57 -12.16
C VAL G 265 -10.59 -21.44 -12.98
N CYS G 266 -9.81 -21.78 -14.00
CA CYS G 266 -9.37 -20.76 -14.98
C CYS G 266 -10.60 -20.03 -15.52
N ALA G 267 -11.56 -20.84 -15.96
CA ALA G 267 -12.82 -20.37 -16.55
C ALA G 267 -13.64 -19.50 -15.59
N LEU G 268 -13.90 -20.01 -14.38
CA LEU G 268 -14.63 -19.26 -13.32
C LEU G 268 -14.10 -17.84 -13.18
N LEU G 269 -12.78 -17.73 -13.20
CA LEU G 269 -12.13 -16.39 -13.17
C LEU G 269 -12.04 -15.60 -14.48
N ASP G 270 -12.81 -15.97 -15.51
CA ASP G 270 -12.81 -15.25 -16.82
C ASP G 270 -11.40 -15.04 -17.38
N LEU G 271 -10.59 -16.06 -17.19
CA LEU G 271 -9.22 -16.05 -17.68
C LEU G 271 -9.18 -16.42 -19.15
N ASP G 272 -8.64 -15.49 -19.92
CA ASP G 272 -8.43 -15.69 -21.38
C ASP G 272 -7.59 -16.94 -21.64
N VAL G 273 -8.08 -17.79 -22.52
CA VAL G 273 -7.40 -19.06 -22.86
C VAL G 273 -6.08 -18.84 -23.58
N LYS G 274 -5.97 -17.67 -24.20
CA LYS G 274 -4.73 -17.29 -24.86
C LYS G 274 -3.82 -16.65 -23.83
N LEU G 275 -2.55 -16.97 -23.92
CA LEU G 275 -1.54 -16.48 -23.02
C LEU G 275 -0.51 -15.78 -23.88
N GLU H 21 37.86 -64.91 12.98
CA GLU H 21 38.50 -63.79 12.19
C GLU H 21 38.09 -62.42 12.75
N THR H 22 38.08 -62.42 14.08
CA THR H 22 37.41 -61.43 14.91
C THR H 22 35.93 -61.24 14.55
N GLY H 23 35.34 -62.16 13.77
CA GLY H 23 34.02 -61.91 13.16
C GLY H 23 32.87 -62.50 13.91
N GLU H 24 31.69 -61.94 13.68
CA GLU H 24 30.44 -62.48 14.21
C GLU H 24 29.75 -63.38 13.19
N MET H 25 29.17 -64.48 13.67
CA MET H 25 28.42 -65.40 12.81
C MET H 25 26.94 -65.02 12.78
N GLY H 26 26.33 -65.35 11.65
CA GLY H 26 24.93 -65.01 11.40
C GLY H 26 24.24 -65.89 10.37
N ILE H 27 22.95 -66.13 10.60
CA ILE H 27 22.13 -66.86 9.63
C ILE H 27 21.44 -65.88 8.71
N LEU H 28 21.65 -66.08 7.43
CA LEU H 28 21.24 -65.14 6.39
C LEU H 28 20.06 -65.64 5.57
N TRP H 29 18.98 -64.89 5.62
CA TRP H 29 17.77 -65.23 4.86
C TRP H 29 17.59 -64.33 3.64
N GLU H 30 17.36 -64.97 2.51
CA GLU H 30 17.10 -64.28 1.23
C GLU H 30 15.81 -64.79 0.60
N PHE H 31 14.99 -63.87 0.09
CA PHE H 31 13.70 -64.24 -0.51
C PHE H 31 13.77 -64.28 -2.02
N ASP H 32 13.07 -65.25 -2.58
CA ASP H 32 12.96 -65.43 -4.04
C ASP H 32 11.49 -65.21 -4.47
N PRO H 33 11.18 -64.06 -5.10
CA PRO H 33 9.80 -63.71 -5.42
C PRO H 33 9.26 -64.45 -6.63
N ILE H 34 10.18 -64.98 -7.44
CA ILE H 34 9.84 -65.81 -8.61
C ILE H 34 9.16 -67.12 -8.16
N ILE H 35 9.87 -67.88 -7.32
CA ILE H 35 9.40 -69.19 -6.80
C ILE H 35 8.54 -69.04 -5.51
N ASN H 36 8.47 -67.82 -4.97
CA ASN H 36 7.73 -67.55 -3.71
C ASN H 36 8.22 -68.41 -2.55
N LYS H 37 9.54 -68.46 -2.41
CA LYS H 37 10.17 -69.23 -1.34
C LYS H 37 11.41 -68.56 -0.76
N TRP H 38 11.71 -68.92 0.48
CA TRP H 38 12.86 -68.37 1.21
C TRP H 38 14.09 -69.24 1.06
N ILE H 39 15.21 -68.60 0.79
CA ILE H 39 16.51 -69.25 0.74
C ILE H 39 17.24 -69.03 2.05
N ARG H 40 17.80 -70.11 2.60
CA ARG H 40 18.51 -70.03 3.89
C ARG H 40 20.01 -70.23 3.74
N LEU H 41 20.74 -69.35 4.40
CA LEU H 41 22.18 -69.25 4.25
C LEU H 41 22.88 -68.91 5.55
N SER H 42 24.20 -68.99 5.51
CA SER H 42 25.04 -68.48 6.59
C SER H 42 25.98 -67.39 6.10
N MET H 43 26.37 -66.54 7.03
CA MET H 43 27.38 -65.52 6.75
C MET H 43 28.17 -65.14 8.00
N LYS H 44 29.40 -64.71 7.76
CA LYS H 44 30.27 -64.16 8.81
C LYS H 44 30.42 -62.67 8.56
N LEU H 45 30.28 -61.88 9.62
CA LEU H 45 30.28 -60.43 9.48
C LEU H 45 30.91 -59.69 10.66
N LYS H 46 31.56 -58.59 10.33
CA LYS H 46 32.12 -57.70 11.32
C LYS H 46 31.35 -56.38 11.39
N VAL H 47 30.76 -56.11 12.55
CA VAL H 47 29.96 -54.89 12.78
C VAL H 47 30.69 -53.87 13.65
N GLU H 48 30.53 -52.59 13.29
CA GLU H 48 31.07 -51.49 14.13
C GLU H 48 30.19 -51.21 15.40
N ARG H 49 30.67 -50.96 16.63
CA ARG H 49 29.71 -50.49 17.70
C ARG H 49 29.06 -49.13 17.42
N LYS H 50 29.83 -48.24 16.82
CA LYS H 50 29.31 -46.88 16.63
C LYS H 50 28.31 -46.97 15.45
N PRO H 51 26.99 -46.66 15.63
CA PRO H 51 26.15 -46.48 14.43
C PRO H 51 26.42 -45.15 13.77
N PHE H 52 26.36 -45.13 12.43
CA PHE H 52 26.59 -43.90 11.65
C PHE H 52 25.29 -43.18 11.33
N ALA H 53 24.18 -43.71 11.81
CA ALA H 53 22.88 -43.11 11.58
C ALA H 53 21.91 -43.45 12.68
N GLU H 54 20.92 -42.60 12.85
CA GLU H 54 19.89 -42.82 13.84
C GLU H 54 18.55 -42.30 13.38
N GLY H 55 17.52 -42.85 13.99
CA GLY H 55 16.16 -42.33 13.88
C GLY H 55 15.47 -42.52 15.21
N ALA H 56 14.20 -42.14 15.29
CA ALA H 56 13.35 -42.50 16.42
C ALA H 56 13.05 -44.00 16.35
N LEU H 57 13.01 -44.51 15.12
CA LEU H 57 12.62 -45.90 14.84
C LEU H 57 13.83 -46.85 14.76
N ARG H 58 14.88 -46.45 14.04
CA ARG H 58 16.02 -47.36 13.79
C ARG H 58 17.40 -46.70 13.80
N GLU H 59 18.42 -47.55 13.94
CA GLU H 59 19.85 -47.14 13.83
C GLU H 59 20.53 -48.00 12.78
N ALA H 60 21.50 -47.39 12.11
CA ALA H 60 22.21 -48.04 11.03
C ALA H 60 23.69 -48.17 11.36
N TYR H 61 24.22 -49.36 11.11
CA TYR H 61 25.60 -49.71 11.44
C TYR H 61 26.37 -50.08 10.19
N HIS H 62 27.57 -49.53 10.04
CA HIS H 62 28.46 -49.95 8.97
C HIS H 62 28.92 -51.36 9.30
N THR H 63 29.04 -52.16 8.26
CA THR H 63 29.38 -53.56 8.43
C THR H 63 30.20 -54.06 7.25
N VAL H 64 31.14 -54.96 7.53
CA VAL H 64 31.88 -55.65 6.46
C VAL H 64 31.57 -57.16 6.45
N SER H 65 31.42 -57.70 5.24
CA SER H 65 31.20 -59.13 5.07
C SER H 65 32.50 -59.87 5.11
N LEU H 66 32.53 -60.88 5.97
CA LEU H 66 33.64 -61.83 6.01
C LEU H 66 33.23 -63.17 5.41
N GLY H 67 32.46 -63.09 4.34
CA GLY H 67 32.09 -64.26 3.56
C GLY H 67 30.64 -64.72 3.75
N VAL H 68 30.12 -65.34 2.70
CA VAL H 68 28.80 -65.95 2.70
C VAL H 68 28.94 -67.43 2.38
N GLY H 69 28.26 -68.25 3.18
CA GLY H 69 28.24 -69.70 3.00
C GLY H 69 26.84 -70.30 3.02
N THR H 70 26.79 -71.62 2.94
CA THR H 70 25.52 -72.36 3.06
C THR H 70 25.16 -72.63 4.51
N ASP H 71 23.90 -73.01 4.74
CA ASP H 71 23.34 -73.16 6.11
C ASP H 71 23.63 -74.50 6.79
N GLU H 72 24.36 -75.40 6.12
CA GLU H 72 24.54 -76.79 6.58
C GLU H 72 25.04 -76.92 8.04
N ASN H 73 25.96 -76.05 8.43
CA ASN H 73 26.54 -76.05 9.78
C ASN H 73 25.56 -75.69 10.90
N TYR H 74 24.43 -75.14 10.51
CA TYR H 74 23.42 -74.66 11.45
C TYR H 74 22.06 -75.20 11.08
N PRO H 75 21.88 -76.52 11.20
CA PRO H 75 20.80 -77.20 10.52
C PRO H 75 19.43 -77.02 11.08
N LEU H 76 18.52 -77.53 10.25
CA LEU H 76 17.10 -77.41 10.39
C LEU H 76 16.49 -78.75 10.77
N GLY H 77 15.54 -78.69 11.69
CA GLY H 77 14.82 -79.88 12.08
C GLY H 77 13.83 -80.31 11.01
N TPO H 78 12.97 -81.23 11.39
CA TPO H 78 11.92 -81.69 10.47
CB TPO H 78 11.22 -82.95 10.93
CG2 TPO H 78 11.13 -83.92 9.78
OG1 TPO H 78 11.91 -83.46 12.05
P TPO H 78 12.71 -84.85 12.15
O1P TPO H 78 11.68 -85.90 11.90
O2P TPO H 78 13.18 -84.70 13.57
O3P TPO H 78 13.82 -84.80 11.16
C TPO H 78 10.85 -80.69 10.45
O TPO H 78 10.01 -80.71 9.56
N THR H 79 10.81 -79.91 11.53
CA THR H 79 9.86 -78.83 11.71
C THR H 79 10.54 -77.53 12.17
N THR H 80 10.02 -76.40 11.70
CA THR H 80 10.61 -75.05 11.98
C THR H 80 10.54 -74.57 13.39
N LYS H 81 9.34 -74.69 13.96
CA LYS H 81 9.03 -74.02 15.21
C LYS H 81 8.83 -72.51 15.01
N LEU H 82 9.84 -71.88 14.41
CA LEU H 82 9.88 -70.44 14.16
C LEU H 82 9.85 -70.01 12.70
N PHE H 83 9.19 -68.89 12.40
CA PHE H 83 8.94 -68.49 11.00
C PHE H 83 10.29 -68.33 10.29
N PRO H 84 10.39 -68.74 9.03
CA PRO H 84 9.31 -69.34 8.27
C PRO H 84 9.15 -70.85 8.45
N PRO H 85 7.96 -71.38 8.12
CA PRO H 85 7.78 -72.83 8.02
C PRO H 85 8.62 -73.46 6.90
N ILE H 86 8.79 -74.77 6.99
CA ILE H 86 9.71 -75.51 6.11
C ILE H 86 9.19 -75.58 4.67
N GLU H 87 7.88 -75.76 4.53
CA GLU H 87 7.24 -75.74 3.20
C GLU H 87 7.52 -74.40 2.45
N MET H 88 7.66 -73.32 3.23
CA MET H 88 8.01 -71.97 2.71
C MET H 88 9.48 -71.80 2.35
N ILE H 89 10.30 -72.79 2.73
CA ILE H 89 11.74 -72.76 2.51
C ILE H 89 12.15 -73.58 1.28
N SER H 90 13.12 -73.04 0.57
CA SER H 90 13.72 -73.73 -0.57
C SER H 90 14.92 -74.53 -0.10
N PRO H 91 14.90 -75.86 -0.35
CA PRO H 91 16.02 -76.72 0.04
C PRO H 91 17.26 -76.46 -0.80
N ILE H 92 17.06 -76.10 -2.07
CA ILE H 92 18.16 -75.66 -2.94
C ILE H 92 18.45 -74.19 -2.65
N SER H 93 19.73 -73.86 -2.67
CA SER H 93 20.22 -72.49 -2.41
C SER H 93 21.13 -71.95 -3.52
N LYS H 94 21.41 -72.78 -4.53
CA LYS H 94 22.41 -72.52 -5.60
C LYS H 94 22.32 -71.17 -6.22
N ASN H 95 21.09 -70.80 -6.56
CA ASN H 95 20.82 -69.54 -7.24
C ASN H 95 20.39 -68.49 -6.24
N ASN H 96 21.26 -67.51 -6.04
CA ASN H 96 21.03 -66.42 -5.08
C ASN H 96 21.96 -65.24 -5.31
N GLU H 97 21.55 -64.09 -4.77
CA GLU H 97 22.29 -62.84 -4.92
C GLU H 97 23.36 -62.63 -3.85
N ALA H 98 23.08 -63.15 -2.67
CA ALA H 98 23.92 -62.92 -1.47
C ALA H 98 25.40 -63.29 -1.65
N MET H 99 25.64 -64.44 -2.29
CA MET H 99 27.01 -64.97 -2.51
C MET H 99 27.91 -63.91 -3.15
N THR H 100 27.39 -63.30 -4.21
CA THR H 100 28.14 -62.30 -4.99
C THR H 100 28.07 -60.91 -4.36
N GLN H 101 26.88 -60.50 -3.97
CA GLN H 101 26.65 -59.12 -3.48
C GLN H 101 27.20 -58.89 -2.09
N LEU H 102 27.22 -59.95 -1.30
CA LEU H 102 27.79 -59.90 0.06
C LEU H 102 29.09 -60.70 0.15
N LYS H 103 29.73 -60.83 -1.00
CA LYS H 103 31.01 -61.56 -1.12
C LYS H 103 32.03 -61.03 -0.10
N ASN H 104 33.00 -61.87 0.24
CA ASN H 104 34.02 -61.51 1.22
C ASN H 104 34.64 -60.14 0.91
N GLY H 105 34.74 -59.32 1.96
CA GLY H 105 35.34 -57.97 1.86
C GLY H 105 34.34 -56.84 1.69
N THR H 106 33.15 -57.18 1.22
CA THR H 106 32.11 -56.18 0.88
C THR H 106 31.64 -55.33 2.08
N LYS H 107 31.60 -54.02 1.85
CA LYS H 107 31.10 -53.08 2.83
C LYS H 107 29.56 -52.95 2.66
N PHE H 108 28.84 -52.91 3.77
CA PHE H 108 27.36 -52.77 3.72
C PHE H 108 26.73 -52.22 5.00
N VAL H 109 25.42 -52.01 4.92
CA VAL H 109 24.64 -51.46 6.02
C VAL H 109 23.86 -52.54 6.76
N LEU H 110 23.87 -52.40 8.07
CA LEU H 110 23.09 -53.23 8.99
C LEU H 110 22.13 -52.35 9.76
N LYS H 111 20.85 -52.66 9.64
CA LYS H 111 19.81 -51.89 10.31
C LYS H 111 19.23 -52.62 11.51
N LEU H 112 18.90 -51.86 12.53
CA LEU H 112 18.33 -52.39 13.77
C LEU H 112 17.11 -51.59 14.25
N TYR H 113 15.98 -52.31 14.41
CA TYR H 113 14.74 -51.66 14.86
C TYR H 113 14.56 -51.65 16.39
N LYS H 114 14.09 -50.52 16.94
CA LYS H 114 14.16 -50.27 18.41
C LYS H 114 13.02 -50.84 19.27
N LYS H 115 11.76 -50.66 18.86
CA LYS H 115 10.61 -51.10 19.68
C LYS H 115 9.87 -52.26 19.04
N ALA H 121 9.66 -55.06 15.05
CA ALA H 121 8.70 -55.40 16.11
C ALA H 121 8.57 -56.89 16.33
N SER H 122 7.91 -57.62 15.42
CA SER H 122 7.71 -59.09 15.52
C SER H 122 8.48 -59.76 14.38
N ARG H 123 8.68 -61.07 14.50
CA ARG H 123 9.50 -61.83 13.55
C ARG H 123 8.88 -61.83 12.15
N GLU H 124 7.62 -62.21 12.10
CA GLU H 124 6.85 -62.31 10.83
C GLU H 124 6.99 -61.04 9.98
N LEU H 125 6.87 -59.89 10.65
CA LEU H 125 6.90 -58.57 10.01
C LEU H 125 8.29 -58.21 9.46
N TYR H 126 9.32 -58.56 10.20
CA TYR H 126 10.71 -58.42 9.71
C TYR H 126 10.89 -59.07 8.33
N PHE H 127 10.41 -60.29 8.22
CA PHE H 127 10.49 -61.10 6.99
C PHE H 127 9.63 -60.51 5.89
N GLU H 128 8.50 -59.97 6.29
CA GLU H 128 7.63 -59.31 5.33
C GLU H 128 8.28 -58.10 4.65
N PHD H 129 9.05 -57.33 5.42
CA PHD H 129 9.77 -56.16 4.88
C PHD H 129 10.62 -56.61 3.73
O PHD H 129 10.59 -56.02 2.64
CB PHD H 129 10.73 -55.49 5.86
CG PHD H 129 10.43 -54.01 5.87
OD1 PHD H 129 11.27 -53.03 5.20
OD2 PHD H 129 9.45 -53.65 6.49
P PHD H 129 10.94 -51.42 5.16
OP1 PHD H 129 9.51 -51.25 4.69
OP2 PHD H 129 11.93 -50.82 4.18
OP3 PHD H 129 11.13 -50.99 6.58
N VAL H 130 11.38 -57.65 3.98
CA VAL H 130 12.30 -58.21 2.97
C VAL H 130 11.54 -58.82 1.80
N LYS H 131 10.47 -59.54 2.10
CA LYS H 131 9.57 -60.03 1.06
C LYS H 131 9.12 -58.86 0.17
N MET H 132 8.61 -57.83 0.84
CA MET H 132 8.13 -56.62 0.17
C MET H 132 9.19 -56.06 -0.77
N GLN H 133 10.39 -55.92 -0.22
CA GLN H 133 11.53 -55.35 -0.95
C GLN H 133 11.72 -56.09 -2.26
N MET H 134 11.68 -57.42 -2.16
CA MET H 134 11.93 -58.33 -3.30
C MET H 134 10.82 -58.21 -4.36
N VAL H 135 9.59 -58.11 -3.89
CA VAL H 135 8.45 -57.92 -4.77
C VAL H 135 8.58 -56.60 -5.57
N CYS H 136 8.95 -55.55 -4.86
CA CYS H 136 9.16 -54.24 -5.48
C CYS H 136 10.28 -54.34 -6.50
N ARG H 137 11.39 -54.92 -6.07
CA ARG H 137 12.55 -55.16 -6.95
C ARG H 137 12.12 -55.84 -8.24
N ASP H 138 11.22 -56.82 -8.09
CA ASP H 138 10.70 -57.58 -9.24
C ASP H 138 9.91 -56.69 -10.21
N TRP H 139 8.94 -55.98 -9.68
CA TRP H 139 8.20 -54.97 -10.45
C TRP H 139 9.13 -53.91 -11.06
N GLY H 140 10.20 -53.64 -10.34
CA GLY H 140 11.27 -52.80 -10.86
C GLY H 140 11.75 -53.30 -12.21
N ASN H 141 12.03 -54.60 -12.26
CA ASN H 141 12.47 -55.25 -13.51
C ASN H 141 11.36 -55.32 -14.58
N LYS H 142 10.13 -55.54 -14.14
CA LYS H 142 8.95 -55.49 -15.03
C LYS H 142 8.80 -54.13 -15.72
N PHE H 143 9.03 -53.07 -14.95
CA PHE H 143 9.00 -51.67 -15.44
C PHE H 143 10.08 -51.43 -16.49
N ASN H 144 11.28 -51.91 -16.20
CA ASN H 144 12.43 -51.76 -17.09
C ASN H 144 12.33 -52.53 -18.39
N GLN H 145 11.56 -53.61 -18.36
CA GLN H 145 11.26 -54.44 -19.53
C GLN H 145 10.58 -53.62 -20.63
N LYS H 146 9.71 -52.70 -20.20
CA LYS H 146 9.02 -51.74 -21.08
C LYS H 146 9.94 -50.60 -21.62
N LYS H 147 11.25 -50.76 -21.44
CA LYS H 147 12.28 -49.87 -22.01
C LYS H 147 11.99 -48.36 -21.88
N PRO H 148 11.89 -47.87 -20.63
CA PRO H 148 11.69 -46.45 -20.34
C PRO H 148 12.98 -45.66 -20.42
N PRO H 149 12.89 -44.32 -20.44
CA PRO H 149 14.06 -43.43 -20.65
C PRO H 149 15.05 -43.59 -19.53
N LYS H 150 14.50 -43.68 -18.32
CA LYS H 150 15.29 -43.97 -17.13
C LYS H 150 14.87 -45.29 -16.49
N LYS H 151 15.85 -46.19 -16.40
CA LYS H 151 15.66 -47.51 -15.80
C LYS H 151 15.73 -47.42 -14.29
N ILE H 152 15.21 -48.46 -13.65
CA ILE H 152 15.00 -48.50 -12.20
C ILE H 152 15.60 -49.74 -11.54
N GLU H 153 16.08 -49.58 -10.32
CA GLU H 153 16.53 -50.72 -9.53
C GLU H 153 16.22 -50.53 -8.05
N PHE H 154 15.60 -51.56 -7.47
CA PHE H 154 15.49 -51.63 -6.02
C PHE H 154 16.62 -52.42 -5.43
N LEU H 155 17.10 -51.94 -4.28
CA LEU H 155 18.15 -52.63 -3.58
C LEU H 155 17.70 -53.98 -3.05
N MET H 156 18.64 -54.92 -3.16
CA MET H 156 18.53 -56.17 -2.43
C MET H 156 18.45 -55.87 -0.93
N SER H 157 17.61 -56.61 -0.23
CA SER H 157 17.65 -56.63 1.23
C SER H 157 17.56 -58.07 1.75
N TRP H 158 17.98 -58.22 2.99
CA TRP H 158 18.02 -59.53 3.66
C TRP H 158 17.71 -59.45 5.14
N VAL H 159 17.11 -60.52 5.64
CA VAL H 159 16.99 -60.75 7.10
C VAL H 159 18.25 -61.49 7.60
N VAL H 160 18.75 -61.07 8.75
CA VAL H 160 19.87 -61.76 9.40
C VAL H 160 19.61 -62.05 10.86
N GLU H 161 19.87 -63.31 11.22
CA GLU H 161 19.80 -63.78 12.60
C GLU H 161 21.19 -63.75 13.23
N LEU H 162 21.35 -62.92 14.26
CA LEU H 162 22.63 -62.79 14.96
C LEU H 162 22.75 -63.84 16.05
N ILE H 163 23.37 -64.97 15.70
CA ILE H 163 23.37 -66.15 16.57
C ILE H 163 24.35 -66.03 17.73
N ASP H 164 25.52 -65.49 17.42
CA ASP H 164 26.60 -65.35 18.41
C ASP H 164 26.23 -64.37 19.54
N ARG H 165 25.20 -63.58 19.32
CA ARG H 165 24.63 -62.71 20.35
C ARG H 165 23.58 -63.44 21.18
N SER H 166 23.57 -63.16 22.48
CA SER H 166 22.59 -63.75 23.38
C SER H 166 21.19 -63.30 22.98
N PRO H 167 20.21 -64.22 22.99
CA PRO H 167 18.88 -63.90 22.45
C PRO H 167 18.09 -62.84 23.20
N SER H 168 16.97 -62.45 22.59
CA SER H 168 16.03 -61.44 23.12
C SER H 168 15.41 -61.88 24.45
N SER H 169 14.55 -61.02 24.99
CA SER H 169 13.82 -61.31 26.24
C SER H 169 13.03 -62.61 26.16
N ASN H 170 12.37 -62.82 25.02
CA ASN H 170 11.82 -64.15 24.67
C ASN H 170 12.91 -65.06 24.11
N GLY H 171 12.55 -66.31 23.86
CA GLY H 171 13.52 -67.30 23.37
C GLY H 171 14.17 -66.91 22.07
N GLN H 172 13.51 -66.00 21.34
CA GLN H 172 13.85 -65.65 19.94
C GLN H 172 15.20 -64.98 19.80
N PRO H 173 16.01 -65.43 18.81
CA PRO H 173 17.29 -64.77 18.66
C PRO H 173 17.14 -63.36 18.12
N ILE H 174 18.26 -62.66 18.11
CA ILE H 174 18.27 -61.26 17.71
C ILE H 174 18.22 -61.12 16.20
N LEU H 175 17.20 -60.39 15.77
CA LEU H 175 16.98 -60.11 14.36
C LEU H 175 17.40 -58.71 13.94
N CYS H 176 17.91 -58.65 12.72
CA CYS H 176 18.31 -57.39 12.11
C CYS H 176 18.15 -57.48 10.59
N SER H 177 17.84 -56.36 9.97
CA SER H 177 17.76 -56.29 8.50
C SER H 177 19.06 -55.72 7.89
N ILE H 178 19.34 -56.13 6.66
CA ILE H 178 20.59 -55.80 5.95
C ILE H 178 20.42 -55.44 4.47
N GLU H 179 21.07 -54.36 4.06
CA GLU H 179 21.12 -53.99 2.63
C GLU H 179 22.49 -53.45 2.20
N PRO H 180 22.74 -53.39 0.88
CA PRO H 180 24.00 -52.85 0.40
C PRO H 180 24.12 -51.38 0.73
N LEU H 181 25.36 -50.91 0.71
CA LEU H 181 25.61 -49.50 0.96
C LEU H 181 25.02 -48.71 -0.17
N LEU H 182 24.38 -47.61 0.21
CA LEU H 182 23.72 -46.71 -0.74
C LEU H 182 24.40 -45.35 -0.69
N VAL H 183 25.30 -45.12 -1.63
CA VAL H 183 26.11 -43.90 -1.63
C VAL H 183 25.51 -42.77 -2.46
N GLY H 184 25.46 -41.60 -1.84
CA GLY H 184 25.03 -40.38 -2.54
C GLY H 184 23.94 -39.59 -1.84
N GLU H 185 23.35 -38.67 -2.60
CA GLU H 185 22.31 -37.81 -2.06
C GLU H 185 20.97 -38.52 -2.05
N PHE H 186 20.51 -38.89 -0.85
CA PHE H 186 19.24 -39.57 -0.68
C PHE H 186 18.07 -38.61 -0.90
N LYS H 187 17.11 -39.03 -1.73
CA LYS H 187 15.91 -38.22 -2.00
C LYS H 187 14.63 -39.02 -1.96
N LYS H 188 13.64 -38.48 -1.24
CA LYS H 188 12.27 -39.00 -1.27
C LYS H 188 11.49 -38.36 -2.41
N ASN H 189 10.90 -39.20 -3.26
CA ASN H 189 10.17 -38.73 -4.46
C ASN H 189 8.65 -38.74 -4.28
N ASN H 190 8.14 -39.82 -3.71
CA ASN H 190 6.79 -39.81 -3.11
C ASN H 190 6.75 -40.49 -1.75
N SER H 191 5.63 -40.33 -1.06
CA SER H 191 5.45 -40.96 0.25
C SER H 191 4.44 -42.11 0.22
N ASN H 192 4.30 -42.78 1.37
CA ASN H 192 3.34 -43.86 1.53
C ASN H 192 1.90 -43.38 1.69
N TYR H 193 1.73 -42.08 1.90
CA TYR H 193 0.39 -41.49 2.04
C TYR H 193 0.12 -40.32 1.09
N GLY H 194 0.64 -40.43 -0.13
CA GLY H 194 0.20 -39.59 -1.27
C GLY H 194 0.97 -38.29 -1.52
N ALA H 195 2.00 -38.05 -0.74
CA ALA H 195 2.88 -36.90 -0.98
C ALA H 195 3.64 -37.03 -2.30
N VAL H 196 3.89 -35.88 -2.91
CA VAL H 196 4.74 -35.77 -4.11
C VAL H 196 5.83 -34.74 -3.83
N LEU H 197 7.07 -35.23 -3.80
CA LEU H 197 8.20 -34.50 -3.19
C LEU H 197 9.29 -34.05 -4.15
N THR H 198 9.24 -34.52 -5.39
CA THR H 198 10.19 -34.09 -6.42
C THR H 198 9.48 -33.90 -7.75
N ASN H 199 10.07 -33.01 -8.57
CA ASN H 199 9.55 -32.74 -9.93
C ASN H 199 9.75 -33.91 -10.85
N ARG H 200 10.64 -34.80 -10.43
CA ARG H 200 10.95 -35.99 -11.21
C ARG H 200 9.69 -36.75 -11.55
N SER H 201 9.65 -37.24 -12.77
CA SER H 201 8.46 -37.90 -13.34
C SER H 201 8.56 -39.44 -13.34
N THR H 202 9.77 -39.98 -13.46
CA THR H 202 9.98 -41.44 -13.40
C THR H 202 9.37 -42.15 -12.19
N PRO H 203 9.70 -41.74 -10.96
CA PRO H 203 9.18 -42.44 -9.78
C PRO H 203 7.66 -42.49 -9.76
N GLN H 204 7.06 -41.39 -10.19
CA GLN H 204 5.62 -41.26 -10.19
C GLN H 204 5.01 -42.23 -11.20
N ALA H 205 5.59 -42.25 -12.38
CA ALA H 205 5.20 -43.19 -13.44
C ALA H 205 5.31 -44.65 -12.96
N PHE H 206 6.43 -44.96 -12.33
CA PHE H 206 6.66 -46.32 -11.81
C PHE H 206 5.56 -46.79 -10.86
N SER H 207 5.21 -45.95 -9.90
CA SER H 207 4.16 -46.32 -8.95
C SER H 207 2.85 -46.51 -9.71
N HIS H 208 2.52 -45.56 -10.57
CA HIS H 208 1.32 -45.67 -11.40
C HIS H 208 1.31 -46.99 -12.17
N PHE H 209 2.43 -47.24 -12.84
CA PHE H 209 2.65 -48.47 -13.60
C PHE H 209 2.26 -49.69 -12.79
N THR H 210 2.80 -49.76 -11.58
CA THR H 210 2.54 -50.91 -10.69
C THR H 210 1.05 -51.06 -10.36
N TYR H 211 0.34 -49.94 -10.26
CA TYR H 211 -1.09 -49.98 -9.92
C TYR H 211 -1.89 -50.60 -11.04
N GLU H 212 -1.66 -50.07 -12.23
CA GLU H 212 -2.39 -50.48 -13.41
C GLU H 212 -2.10 -51.92 -13.80
N LEU H 213 -0.82 -52.24 -14.01
CA LEU H 213 -0.43 -53.58 -14.48
C LEU H 213 -0.59 -54.68 -13.46
N SER H 214 -0.84 -54.30 -12.22
CA SER H 214 -1.20 -55.29 -11.18
C SER H 214 -2.71 -55.52 -11.14
N ASN H 215 -3.41 -54.97 -12.12
CA ASN H 215 -4.89 -54.96 -12.18
C ASN H 215 -5.49 -54.37 -10.90
N LYS H 216 -4.97 -53.21 -10.54
CA LYS H 216 -5.41 -52.43 -9.36
C LYS H 216 -5.38 -53.23 -8.04
N GLN H 217 -4.52 -54.26 -8.01
CA GLN H 217 -4.37 -55.15 -6.85
C GLN H 217 -3.31 -54.69 -5.84
N MET H 218 -2.34 -53.94 -6.36
CA MET H 218 -1.27 -53.34 -5.54
C MET H 218 -0.67 -52.07 -6.14
N ILE H 219 -0.14 -51.22 -5.26
CA ILE H 219 0.81 -50.15 -5.67
C ILE H 219 2.12 -50.23 -4.92
N VAL H 220 3.19 -49.90 -5.63
CA VAL H 220 4.46 -49.59 -4.98
C VAL H 220 4.64 -48.09 -4.87
N VAL H 221 4.55 -47.62 -3.63
CA VAL H 221 4.76 -46.21 -3.31
C VAL H 221 5.96 -46.04 -2.35
N ASP H 222 6.06 -44.83 -1.80
CA ASP H 222 7.16 -44.46 -0.90
C ASP H 222 8.48 -44.66 -1.64
N ILE H 223 8.55 -44.11 -2.83
CA ILE H 223 9.69 -44.32 -3.72
C ILE H 223 10.76 -43.33 -3.39
N GLN H 224 11.89 -43.86 -2.96
CA GLN H 224 12.98 -43.05 -2.44
C GLN H 224 14.31 -43.72 -2.65
N GLY H 225 15.34 -42.93 -2.53
CA GLY H 225 16.71 -43.40 -2.71
C GLY H 225 17.58 -42.43 -3.49
N VAL H 226 18.78 -42.90 -3.81
CA VAL H 226 19.75 -42.11 -4.56
C VAL H 226 19.55 -42.30 -6.05
N ASP H 227 19.17 -41.22 -6.72
CA ASP H 227 18.79 -41.23 -8.14
C ASP H 227 17.71 -42.27 -8.37
N ASP H 228 17.98 -43.27 -9.22
CA ASP H 228 17.03 -44.36 -9.52
C ASP H 228 17.41 -45.69 -8.88
N LEU H 229 18.32 -45.62 -7.91
CA LEU H 229 18.61 -46.76 -7.06
C LEU H 229 17.76 -46.58 -5.82
N TYR H 230 16.72 -47.41 -5.72
CA TYR H 230 15.70 -47.24 -4.68
C TYR H 230 15.74 -48.25 -3.55
N THR H 231 15.27 -47.79 -2.41
CA THR H 231 15.12 -48.65 -1.24
C THR H 231 13.98 -48.16 -0.38
N ASP H 232 13.73 -48.89 0.69
CA ASP H 232 12.70 -48.53 1.69
C ASP H 232 11.28 -48.33 1.15
N PRO H 233 10.89 -49.10 0.14
CA PRO H 233 9.58 -48.82 -0.39
C PRO H 233 8.46 -49.36 0.47
N GLN H 234 7.27 -49.01 0.06
CA GLN H 234 6.05 -49.49 0.71
C GLN H 234 4.98 -49.85 -0.30
N ILE H 235 4.35 -50.99 -0.07
CA ILE H 235 3.26 -51.47 -0.91
C ILE H 235 1.91 -51.30 -0.23
N HIS H 236 0.97 -50.78 -1.00
CA HIS H 236 -0.44 -50.77 -0.61
C HIS H 236 -1.20 -51.82 -1.40
N THR H 237 -2.19 -52.41 -0.74
CA THR H 237 -3.16 -53.34 -1.38
C THR H 237 -4.58 -53.01 -0.91
N PRO H 238 -5.58 -53.14 -1.80
CA PRO H 238 -6.95 -52.72 -1.46
C PRO H 238 -7.50 -53.32 -0.17
N ASP H 239 -7.35 -54.63 -0.03
CA ASP H 239 -7.84 -55.37 1.16
C ASP H 239 -7.03 -55.04 2.42
N GLY H 240 -5.86 -54.45 2.22
CA GLY H 240 -5.04 -53.92 3.32
C GLY H 240 -4.19 -54.97 3.99
N LYS H 241 -4.34 -56.20 3.50
CA LYS H 241 -3.67 -57.35 4.09
C LYS H 241 -2.29 -57.50 3.50
N GLY H 242 -1.37 -57.87 4.37
CA GLY H 242 0.01 -58.11 3.99
C GLY H 242 0.88 -56.86 3.93
N PHE H 243 2.16 -57.08 3.71
CA PHE H 243 3.15 -56.02 3.48
C PHE H 243 3.36 -55.05 4.65
N GLY H 244 3.16 -55.58 5.85
CA GLY H 244 3.41 -54.85 7.08
C GLY H 244 2.42 -53.76 7.46
N LEU H 245 2.69 -53.15 8.61
CA LEU H 245 1.85 -52.11 9.22
C LEU H 245 1.86 -50.78 8.44
N GLY H 246 2.76 -50.67 7.46
CA GLY H 246 2.84 -49.49 6.58
C GLY H 246 1.89 -49.57 5.40
N ASN H 247 1.20 -50.71 5.29
CA ASN H 247 0.17 -50.91 4.25
C ASN H 247 -1.13 -50.23 4.67
N LEU H 248 -1.38 -49.08 4.08
CA LEU H 248 -2.58 -48.25 4.41
C LEU H 248 -3.78 -48.53 3.54
N GLY H 249 -3.72 -49.64 2.81
CA GLY H 249 -4.88 -50.16 2.09
C GLY H 249 -5.51 -49.17 1.12
N LYS H 250 -6.84 -49.24 0.99
CA LYS H 250 -7.56 -48.45 -0.02
C LYS H 250 -7.30 -46.97 0.17
N ALA H 251 -7.19 -46.57 1.44
CA ALA H 251 -6.88 -45.18 1.81
C ALA H 251 -5.59 -44.68 1.15
N GLY H 252 -4.52 -45.44 1.35
CA GLY H 252 -3.21 -45.13 0.78
C GLY H 252 -3.18 -45.09 -0.74
N ILE H 253 -3.92 -46.01 -1.34
CA ILE H 253 -4.07 -46.08 -2.80
C ILE H 253 -4.78 -44.83 -3.29
N ASN H 254 -5.82 -44.44 -2.59
CA ASN H 254 -6.56 -43.23 -2.98
C ASN H 254 -5.67 -42.01 -2.94
N LYS H 255 -4.97 -41.84 -1.82
CA LYS H 255 -4.07 -40.71 -1.60
C LYS H 255 -3.08 -40.52 -2.73
N PHE H 256 -2.57 -41.62 -3.26
CA PHE H 256 -1.71 -41.55 -4.43
C PHE H 256 -2.44 -41.11 -5.69
N ILE H 257 -3.61 -41.71 -5.91
CA ILE H 257 -4.32 -41.62 -7.19
C ILE H 257 -5.07 -40.33 -7.45
N THR H 258 -5.87 -39.96 -6.48
CA THR H 258 -6.81 -38.88 -6.68
C THR H 258 -6.06 -37.68 -7.29
N THR H 259 -4.90 -37.34 -6.74
CA THR H 259 -4.09 -36.19 -7.26
C THR H 259 -2.92 -36.53 -8.19
N HIS H 260 -2.65 -37.82 -8.40
CA HIS H 260 -1.57 -38.19 -9.34
C HIS H 260 -1.81 -37.54 -10.68
N LYS H 261 -0.76 -36.93 -11.22
CA LYS H 261 -0.79 -36.34 -12.55
C LYS H 261 0.14 -37.11 -13.45
N CYS H 262 -0.44 -37.65 -14.51
CA CYS H 262 0.32 -38.40 -15.48
C CYS H 262 1.28 -37.54 -16.27
N ASN H 263 2.40 -38.15 -16.62
CA ASN H 263 3.52 -37.46 -17.28
C ASN H 263 4.02 -38.20 -18.53
N ALA H 264 5.08 -37.66 -19.13
CA ALA H 264 5.65 -38.18 -20.37
C ALA H 264 5.87 -39.68 -20.32
N VAL H 265 6.41 -40.11 -19.19
CA VAL H 265 6.78 -41.52 -18.96
C VAL H 265 5.53 -42.37 -18.70
N CYS H 266 4.53 -41.80 -18.03
CA CYS H 266 3.22 -42.47 -17.94
C CYS H 266 2.72 -42.77 -19.35
N ALA H 267 2.76 -41.72 -20.19
CA ALA H 267 2.30 -41.76 -21.59
C ALA H 267 3.06 -42.77 -22.45
N LEU H 268 4.38 -42.68 -22.44
CA LEU H 268 5.22 -43.64 -23.17
C LEU H 268 4.86 -45.08 -22.91
N LEU H 269 4.63 -45.38 -21.64
CA LEU H 269 4.10 -46.67 -21.27
C LEU H 269 2.62 -46.43 -21.56
N ASP H 270 1.90 -47.37 -22.16
CA ASP H 270 0.52 -47.00 -22.62
C ASP H 270 -0.37 -46.84 -21.39
N LEU H 271 -0.03 -45.97 -20.43
CA LEU H 271 -0.76 -45.94 -19.15
C LEU H 271 -2.04 -45.12 -19.24
N ASP H 272 -3.14 -45.83 -18.98
CA ASP H 272 -4.47 -45.24 -18.90
C ASP H 272 -4.52 -44.10 -17.88
N VAL H 273 -4.99 -42.95 -18.34
CA VAL H 273 -5.08 -41.73 -17.52
C VAL H 273 -6.36 -41.79 -16.62
N LYS H 274 -6.47 -42.78 -15.71
CA LYS H 274 -7.70 -43.02 -14.91
C LYS H 274 -7.41 -43.25 -13.41
ZN ZN I . -10.45 1.20 25.98
ZN ZN J . -6.13 29.33 -25.62
ZN ZN K . -31.50 2.72 31.31
ZN ZN L . -27.00 26.31 -31.26
ZN ZN M . 36.93 10.17 8.81
ZN ZN N . 42.78 -5.63 22.38
ZN ZN O . -5.63 -21.19 -17.45
ZN ZN P . 0.37 -41.90 -14.60
#